data_1NCG
# 
_entry.id   1NCG 
# 
_audit_conform.dict_name       mmcif_pdbx.dic 
_audit_conform.dict_version    5.386 
_audit_conform.dict_location   http://mmcif.pdb.org/dictionaries/ascii/mmcif_pdbx.dic 
# 
loop_
_database_2.database_id 
_database_2.database_code 
_database_2.pdbx_database_accession 
_database_2.pdbx_DOI 
PDB   1NCG         pdb_00001ncg 10.2210/pdb1ncg/pdb 
WWPDB D_1000175229 ?            ?                   
# 
loop_
_pdbx_audit_revision_history.ordinal 
_pdbx_audit_revision_history.data_content_type 
_pdbx_audit_revision_history.major_revision 
_pdbx_audit_revision_history.minor_revision 
_pdbx_audit_revision_history.revision_date 
1 'Structure model' 1 0 1995-07-10 
2 'Structure model' 1 1 2008-03-03 
3 'Structure model' 1 2 2011-07-13 
4 'Structure model' 1 3 2019-11-20 
5 'Structure model' 1 4 2024-02-14 
# 
_pdbx_audit_revision_details.ordinal             1 
_pdbx_audit_revision_details.revision_ordinal    1 
_pdbx_audit_revision_details.data_content_type   'Structure model' 
_pdbx_audit_revision_details.provider            repository 
_pdbx_audit_revision_details.type                'Initial release' 
_pdbx_audit_revision_details.description         ? 
_pdbx_audit_revision_details.details             ? 
# 
loop_
_pdbx_audit_revision_group.ordinal 
_pdbx_audit_revision_group.revision_ordinal 
_pdbx_audit_revision_group.data_content_type 
_pdbx_audit_revision_group.group 
1 2 'Structure model' 'Version format compliance' 
2 3 'Structure model' 'Version format compliance' 
3 4 'Structure model' Advisory                    
4 4 'Structure model' 'Database references'       
5 4 'Structure model' 'Derived calculations'      
6 4 'Structure model' Other                       
7 5 'Structure model' 'Data collection'           
8 5 'Structure model' 'Database references'       
9 5 'Structure model' 'Derived calculations'      
# 
loop_
_pdbx_audit_revision_category.ordinal 
_pdbx_audit_revision_category.revision_ordinal 
_pdbx_audit_revision_category.data_content_type 
_pdbx_audit_revision_category.category 
1  4 'Structure model' pdbx_database_status        
2  4 'Structure model' pdbx_struct_conn_angle      
3  4 'Structure model' pdbx_validate_close_contact 
4  4 'Structure model' struct_conn                 
5  4 'Structure model' struct_ref_seq_dif          
6  5 'Structure model' chem_comp_atom              
7  5 'Structure model' chem_comp_bond              
8  5 'Structure model' database_2                  
9  5 'Structure model' pdbx_struct_conn_angle      
10 5 'Structure model' struct_conn                 
11 5 'Structure model' struct_site                 
# 
loop_
_pdbx_audit_revision_item.ordinal 
_pdbx_audit_revision_item.revision_ordinal 
_pdbx_audit_revision_item.data_content_type 
_pdbx_audit_revision_item.item 
1  4 'Structure model' '_pdbx_database_status.process_site'        
2  4 'Structure model' '_struct_ref_seq_dif.details'               
3  5 'Structure model' '_database_2.pdbx_DOI'                      
4  5 'Structure model' '_database_2.pdbx_database_accession'       
5  5 'Structure model' '_pdbx_struct_conn_angle.ptnr1_auth_seq_id' 
6  5 'Structure model' '_pdbx_struct_conn_angle.ptnr3_auth_seq_id' 
7  5 'Structure model' '_pdbx_struct_conn_angle.value'             
8  5 'Structure model' '_struct_conn.pdbx_dist_value'              
9  5 'Structure model' '_struct_conn.ptnr2_auth_seq_id'            
10 5 'Structure model' '_struct_site.pdbx_auth_asym_id'            
11 5 'Structure model' '_struct_site.pdbx_auth_comp_id'            
12 5 'Structure model' '_struct_site.pdbx_auth_seq_id'             
# 
_pdbx_database_status.status_code                     REL 
_pdbx_database_status.entry_id                        1NCG 
_pdbx_database_status.recvd_initial_deposition_date   1995-03-23 
_pdbx_database_status.deposit_site                    ? 
_pdbx_database_status.process_site                    BNL 
_pdbx_database_status.SG_entry                        . 
_pdbx_database_status.pdb_format_compatible           Y 
_pdbx_database_status.status_code_mr                  ? 
_pdbx_database_status.status_code_sf                  ? 
_pdbx_database_status.status_code_cs                  ? 
_pdbx_database_status.methods_development_category    ? 
_pdbx_database_status.status_code_nmr_data            ? 
# 
loop_
_audit_author.name 
_audit_author.pdbx_ordinal 
'Shapiro, L.'       1  
'Fannon, A.M.'      2  
'Kwong, P.D.'       3  
'Thompson, A.'      4  
'Lehmann, M.S.'     5  
'Grubel, G.'        6  
'Legrand, J.-F.'    7  
'Als-Nielsen, J.'   8  
'Colman, D.R.'      9  
'Hendrickson, W.A.' 10 
# 
_citation.id                        primary 
_citation.title                     'Structural basis of cell-cell adhesion by cadherins.' 
_citation.journal_abbrev            Nature 
_citation.journal_volume            374 
_citation.page_first                327 
_citation.page_last                 337 
_citation.year                      1995 
_citation.journal_id_ASTM           NATUAS 
_citation.country                   UK 
_citation.journal_id_ISSN           0028-0836 
_citation.journal_id_CSD            0006 
_citation.book_publisher            ? 
_citation.pdbx_database_id_PubMed   7885471 
_citation.pdbx_database_id_DOI      10.1038/374327a0 
# 
loop_
_citation_author.citation_id 
_citation_author.name 
_citation_author.ordinal 
_citation_author.identifier_ORCID 
primary 'Shapiro, L.'       1  ? 
primary 'Fannon, A.M.'      2  ? 
primary 'Kwong, P.D.'       3  ? 
primary 'Thompson, A.'      4  ? 
primary 'Lehmann, M.S.'     5  ? 
primary 'Grubel, G.'        6  ? 
primary 'Legrand, J.F.'     7  ? 
primary 'Als-Nielsen, J.'   8  ? 
primary 'Colman, D.R.'      9  ? 
primary 'Hendrickson, W.A.' 10 ? 
# 
loop_
_entity.id 
_entity.type 
_entity.src_method 
_entity.pdbx_description 
_entity.formula_weight 
_entity.pdbx_number_of_molecules 
_entity.pdbx_ec 
_entity.pdbx_mutation 
_entity.pdbx_fragment 
_entity.details 
1 polymer     man N-CADHERIN            12244.817 1   ? 
'PCR MUTATION D27G, CLONING ARTIFACT GIVES TWO EXTRA RESIDUES (GLY-SER) AT N-TERMINUS (INS(G-2,S-1))' ? ? 
2 non-polymer syn 'YTTERBIUM (III) ION' 173.040   1   ? ? ? ? 
3 water       nat water                 18.015    202 ? ? ? ? 
# 
_entity_poly.entity_id                      1 
_entity_poly.type                           'polypeptide(L)' 
_entity_poly.nstd_linkage                   no 
_entity_poly.nstd_monomer                   no 
_entity_poly.pdbx_seq_one_letter_code       
;GSDWVIPPINLPENSRGPFPQELVRIRSGRDKNLSLRYSVTGPGADQPPTGIFIINPISGQLSVTKPLDRELIARFHLRA
HAVDINGNQVENPIDIVINVIDMNDNRPEF
;
_entity_poly.pdbx_seq_one_letter_code_can   
;GSDWVIPPINLPENSRGPFPQELVRIRSGRDKNLSLRYSVTGPGADQPPTGIFIINPISGQLSVTKPLDRELIARFHLRA
HAVDINGNQVENPIDIVINVIDMNDNRPEF
;
_entity_poly.pdbx_strand_id                 A 
_entity_poly.pdbx_target_identifier         ? 
# 
loop_
_pdbx_entity_nonpoly.entity_id 
_pdbx_entity_nonpoly.name 
_pdbx_entity_nonpoly.comp_id 
2 'YTTERBIUM (III) ION' YB  
3 water                 HOH 
# 
loop_
_entity_poly_seq.entity_id 
_entity_poly_seq.num 
_entity_poly_seq.mon_id 
_entity_poly_seq.hetero 
1 1   GLY n 
1 2   SER n 
1 3   ASP n 
1 4   TRP n 
1 5   VAL n 
1 6   ILE n 
1 7   PRO n 
1 8   PRO n 
1 9   ILE n 
1 10  ASN n 
1 11  LEU n 
1 12  PRO n 
1 13  GLU n 
1 14  ASN n 
1 15  SER n 
1 16  ARG n 
1 17  GLY n 
1 18  PRO n 
1 19  PHE n 
1 20  PRO n 
1 21  GLN n 
1 22  GLU n 
1 23  LEU n 
1 24  VAL n 
1 25  ARG n 
1 26  ILE n 
1 27  ARG n 
1 28  SER n 
1 29  GLY n 
1 30  ARG n 
1 31  ASP n 
1 32  LYS n 
1 33  ASN n 
1 34  LEU n 
1 35  SER n 
1 36  LEU n 
1 37  ARG n 
1 38  TYR n 
1 39  SER n 
1 40  VAL n 
1 41  THR n 
1 42  GLY n 
1 43  PRO n 
1 44  GLY n 
1 45  ALA n 
1 46  ASP n 
1 47  GLN n 
1 48  PRO n 
1 49  PRO n 
1 50  THR n 
1 51  GLY n 
1 52  ILE n 
1 53  PHE n 
1 54  ILE n 
1 55  ILE n 
1 56  ASN n 
1 57  PRO n 
1 58  ILE n 
1 59  SER n 
1 60  GLY n 
1 61  GLN n 
1 62  LEU n 
1 63  SER n 
1 64  VAL n 
1 65  THR n 
1 66  LYS n 
1 67  PRO n 
1 68  LEU n 
1 69  ASP n 
1 70  ARG n 
1 71  GLU n 
1 72  LEU n 
1 73  ILE n 
1 74  ALA n 
1 75  ARG n 
1 76  PHE n 
1 77  HIS n 
1 78  LEU n 
1 79  ARG n 
1 80  ALA n 
1 81  HIS n 
1 82  ALA n 
1 83  VAL n 
1 84  ASP n 
1 85  ILE n 
1 86  ASN n 
1 87  GLY n 
1 88  ASN n 
1 89  GLN n 
1 90  VAL n 
1 91  GLU n 
1 92  ASN n 
1 93  PRO n 
1 94  ILE n 
1 95  ASP n 
1 96  ILE n 
1 97  VAL n 
1 98  ILE n 
1 99  ASN n 
1 100 VAL n 
1 101 ILE n 
1 102 ASP n 
1 103 MET n 
1 104 ASN n 
1 105 ASP n 
1 106 ASN n 
1 107 ARG n 
1 108 PRO n 
1 109 GLU n 
1 110 PHE n 
# 
_entity_src_gen.entity_id                          1 
_entity_src_gen.pdbx_src_id                        1 
_entity_src_gen.pdbx_alt_source_flag               sample 
_entity_src_gen.pdbx_seq_type                      ? 
_entity_src_gen.pdbx_beg_seq_num                   ? 
_entity_src_gen.pdbx_end_seq_num                   ? 
_entity_src_gen.gene_src_common_name               'house mouse' 
_entity_src_gen.gene_src_genus                     Mus 
_entity_src_gen.pdbx_gene_src_gene                 ? 
_entity_src_gen.gene_src_species                   ? 
_entity_src_gen.gene_src_strain                    ? 
_entity_src_gen.gene_src_tissue                    ? 
_entity_src_gen.gene_src_tissue_fraction           ? 
_entity_src_gen.gene_src_details                   ? 
_entity_src_gen.pdbx_gene_src_fragment             ? 
_entity_src_gen.pdbx_gene_src_scientific_name      'Mus musculus' 
_entity_src_gen.pdbx_gene_src_ncbi_taxonomy_id     10090 
_entity_src_gen.pdbx_gene_src_variant              ? 
_entity_src_gen.pdbx_gene_src_cell_line            ? 
_entity_src_gen.pdbx_gene_src_atcc                 ? 
_entity_src_gen.pdbx_gene_src_organ                ? 
_entity_src_gen.pdbx_gene_src_organelle            ? 
_entity_src_gen.pdbx_gene_src_cell                 ? 
_entity_src_gen.pdbx_gene_src_cellular_location    ? 
_entity_src_gen.host_org_common_name               ? 
_entity_src_gen.pdbx_host_org_scientific_name      'Escherichia coli' 
_entity_src_gen.pdbx_host_org_ncbi_taxonomy_id     562 
_entity_src_gen.host_org_genus                     Escherichia 
_entity_src_gen.pdbx_host_org_gene                 ? 
_entity_src_gen.pdbx_host_org_organ                ? 
_entity_src_gen.host_org_species                   ? 
_entity_src_gen.pdbx_host_org_tissue               ? 
_entity_src_gen.pdbx_host_org_tissue_fraction      ? 
_entity_src_gen.pdbx_host_org_strain               ? 
_entity_src_gen.pdbx_host_org_variant              ? 
_entity_src_gen.pdbx_host_org_cell_line            ? 
_entity_src_gen.pdbx_host_org_atcc                 ? 
_entity_src_gen.pdbx_host_org_culture_collection   ? 
_entity_src_gen.pdbx_host_org_cell                 ? 
_entity_src_gen.pdbx_host_org_organelle            ? 
_entity_src_gen.pdbx_host_org_cellular_location    ? 
_entity_src_gen.pdbx_host_org_vector_type          PGEX-2T 
_entity_src_gen.pdbx_host_org_vector               ? 
_entity_src_gen.host_org_details                   ? 
_entity_src_gen.expression_system_id               ? 
_entity_src_gen.plasmid_name                       PGEX-2T 
_entity_src_gen.plasmid_details                    ? 
_entity_src_gen.pdbx_description                   ? 
# 
loop_
_chem_comp.id 
_chem_comp.type 
_chem_comp.mon_nstd_flag 
_chem_comp.name 
_chem_comp.pdbx_synonyms 
_chem_comp.formula 
_chem_comp.formula_weight 
ALA 'L-peptide linking' y ALANINE               ? 'C3 H7 N O2'     89.093  
ARG 'L-peptide linking' y ARGININE              ? 'C6 H15 N4 O2 1' 175.209 
ASN 'L-peptide linking' y ASPARAGINE            ? 'C4 H8 N2 O3'    132.118 
ASP 'L-peptide linking' y 'ASPARTIC ACID'       ? 'C4 H7 N O4'     133.103 
GLN 'L-peptide linking' y GLUTAMINE             ? 'C5 H10 N2 O3'   146.144 
GLU 'L-peptide linking' y 'GLUTAMIC ACID'       ? 'C5 H9 N O4'     147.129 
GLY 'peptide linking'   y GLYCINE               ? 'C2 H5 N O2'     75.067  
HIS 'L-peptide linking' y HISTIDINE             ? 'C6 H10 N3 O2 1' 156.162 
HOH non-polymer         . WATER                 ? 'H2 O'           18.015  
ILE 'L-peptide linking' y ISOLEUCINE            ? 'C6 H13 N O2'    131.173 
LEU 'L-peptide linking' y LEUCINE               ? 'C6 H13 N O2'    131.173 
LYS 'L-peptide linking' y LYSINE                ? 'C6 H15 N2 O2 1' 147.195 
MET 'L-peptide linking' y METHIONINE            ? 'C5 H11 N O2 S'  149.211 
PHE 'L-peptide linking' y PHENYLALANINE         ? 'C9 H11 N O2'    165.189 
PRO 'L-peptide linking' y PROLINE               ? 'C5 H9 N O2'     115.130 
SER 'L-peptide linking' y SERINE                ? 'C3 H7 N O3'     105.093 
THR 'L-peptide linking' y THREONINE             ? 'C4 H9 N O3'     119.119 
TRP 'L-peptide linking' y TRYPTOPHAN            ? 'C11 H12 N2 O2'  204.225 
TYR 'L-peptide linking' y TYROSINE              ? 'C9 H11 N O3'    181.189 
VAL 'L-peptide linking' y VALINE                ? 'C5 H11 N O2'    117.146 
YB  non-polymer         . 'YTTERBIUM (III) ION' ? 'Yb 3'           173.040 
# 
loop_
_pdbx_poly_seq_scheme.asym_id 
_pdbx_poly_seq_scheme.entity_id 
_pdbx_poly_seq_scheme.seq_id 
_pdbx_poly_seq_scheme.mon_id 
_pdbx_poly_seq_scheme.ndb_seq_num 
_pdbx_poly_seq_scheme.pdb_seq_num 
_pdbx_poly_seq_scheme.auth_seq_num 
_pdbx_poly_seq_scheme.pdb_mon_id 
_pdbx_poly_seq_scheme.auth_mon_id 
_pdbx_poly_seq_scheme.pdb_strand_id 
_pdbx_poly_seq_scheme.pdb_ins_code 
_pdbx_poly_seq_scheme.hetero 
A 1 1   GLY 1   -1  ?  ?   ?   A . n 
A 1 2   SER 2   0   ?  ?   ?   A . n 
A 1 3   ASP 3   1   1  ASP ASP A . n 
A 1 4   TRP 4   2   2  TRP TRP A . n 
A 1 5   VAL 5   3   3  VAL VAL A . n 
A 1 6   ILE 6   4   4  ILE ILE A . n 
A 1 7   PRO 7   5   5  PRO PRO A . n 
A 1 8   PRO 8   6   6  PRO PRO A . n 
A 1 9   ILE 9   7   7  ILE ILE A . n 
A 1 10  ASN 10  8   8  ASN ASN A . n 
A 1 11  LEU 11  9   9  LEU LEU A . n 
A 1 12  PRO 12  10  10 PRO PRO A . n 
A 1 13  GLU 13  11  11 GLU GLU A . n 
A 1 14  ASN 14  12  12 ASN ASN A . n 
A 1 15  SER 15  13  13 SER SER A . n 
A 1 16  ARG 16  14  14 ARG ARG A . n 
A 1 17  GLY 17  15  15 GLY GLY A . n 
A 1 18  PRO 18  16  16 PRO PRO A . n 
A 1 19  PHE 19  17  17 PHE PHE A . n 
A 1 20  PRO 20  18  18 PRO PRO A . n 
A 1 21  GLN 21  19  19 GLN GLN A . n 
A 1 22  GLU 22  20  20 GLU GLU A . n 
A 1 23  LEU 23  21  21 LEU LEU A . n 
A 1 24  VAL 24  22  22 VAL VAL A . n 
A 1 25  ARG 25  23  23 ARG ARG A . n 
A 1 26  ILE 26  24  24 ILE ILE A . n 
A 1 27  ARG 27  25  25 ARG ARG A . n 
A 1 28  SER 28  26  26 SER SER A . n 
A 1 29  GLY 29  27  27 GLY GLY A . n 
A 1 30  ARG 30  28  28 ARG ARG A . n 
A 1 31  ASP 31  29  29 ASP ASP A . n 
A 1 32  LYS 32  30  30 LYS LYS A . n 
A 1 33  ASN 33  31  31 ASN ASN A . n 
A 1 34  LEU 34  32  32 LEU LEU A . n 
A 1 35  SER 35  33  33 SER SER A . n 
A 1 36  LEU 36  34  34 LEU LEU A . n 
A 1 37  ARG 37  35  35 ARG ARG A . n 
A 1 38  TYR 38  36  36 TYR TYR A . n 
A 1 39  SER 39  37  37 SER SER A . n 
A 1 40  VAL 40  38  38 VAL VAL A . n 
A 1 41  THR 41  39  39 THR THR A . n 
A 1 42  GLY 42  40  40 GLY GLY A . n 
A 1 43  PRO 43  41  41 PRO PRO A . n 
A 1 44  GLY 44  42  42 GLY GLY A . n 
A 1 45  ALA 45  43  43 ALA ALA A . n 
A 1 46  ASP 46  44  44 ASP ASP A . n 
A 1 47  GLN 47  45  45 GLN GLN A . n 
A 1 48  PRO 48  46  46 PRO PRO A . n 
A 1 49  PRO 49  47  47 PRO PRO A . n 
A 1 50  THR 50  48  48 THR THR A . n 
A 1 51  GLY 51  49  49 GLY GLY A . n 
A 1 52  ILE 52  50  50 ILE ILE A . n 
A 1 53  PHE 53  51  51 PHE PHE A . n 
A 1 54  ILE 54  52  52 ILE ILE A . n 
A 1 55  ILE 55  53  53 ILE ILE A . n 
A 1 56  ASN 56  54  54 ASN ASN A . n 
A 1 57  PRO 57  55  55 PRO PRO A . n 
A 1 58  ILE 58  56  56 ILE ILE A . n 
A 1 59  SER 59  57  57 SER SER A . n 
A 1 60  GLY 60  58  58 GLY GLY A . n 
A 1 61  GLN 61  59  59 GLN GLN A . n 
A 1 62  LEU 62  60  60 LEU LEU A . n 
A 1 63  SER 63  61  61 SER SER A . n 
A 1 64  VAL 64  62  62 VAL VAL A . n 
A 1 65  THR 65  63  63 THR THR A . n 
A 1 66  LYS 66  64  64 LYS LYS A . n 
A 1 67  PRO 67  65  65 PRO PRO A . n 
A 1 68  LEU 68  66  66 LEU LEU A . n 
A 1 69  ASP 69  67  67 ASP ASP A . n 
A 1 70  ARG 70  68  68 ARG ARG A . n 
A 1 71  GLU 71  69  69 GLU GLU A . n 
A 1 72  LEU 72  70  70 LEU LEU A . n 
A 1 73  ILE 73  71  71 ILE ILE A . n 
A 1 74  ALA 74  72  72 ALA ALA A . n 
A 1 75  ARG 75  73  73 ARG ARG A . n 
A 1 76  PHE 76  74  74 PHE PHE A . n 
A 1 77  HIS 77  75  75 HIS HIS A . n 
A 1 78  LEU 78  76  76 LEU LEU A . n 
A 1 79  ARG 79  77  77 ARG ARG A . n 
A 1 80  ALA 80  78  78 ALA ALA A . n 
A 1 81  HIS 81  79  79 HIS HIS A . n 
A 1 82  ALA 82  80  80 ALA ALA A . n 
A 1 83  VAL 83  81  81 VAL VAL A . n 
A 1 84  ASP 84  82  82 ASP ASP A . n 
A 1 85  ILE 85  83  83 ILE ILE A . n 
A 1 86  ASN 86  84  84 ASN ASN A . n 
A 1 87  GLY 87  85  85 GLY GLY A . n 
A 1 88  ASN 88  86  86 ASN ASN A . n 
A 1 89  GLN 89  87  87 GLN GLN A . n 
A 1 90  VAL 90  88  88 VAL VAL A . n 
A 1 91  GLU 91  89  89 GLU GLU A . n 
A 1 92  ASN 92  90  90 ASN ASN A . n 
A 1 93  PRO 93  91  91 PRO PRO A . n 
A 1 94  ILE 94  92  92 ILE ILE A . n 
A 1 95  ASP 95  93  93 ASP ASP A . n 
A 1 96  ILE 96  94  94 ILE ILE A . n 
A 1 97  VAL 97  95  95 VAL VAL A . n 
A 1 98  ILE 98  96  96 ILE ILE A . n 
A 1 99  ASN 99  97  97 ASN ASN A . n 
A 1 100 VAL 100 98  98 VAL VAL A . n 
A 1 101 ILE 101 99  99 ILE ILE A . n 
A 1 102 ASP 102 100 ?  ?   ?   A . n 
A 1 103 MET 103 101 ?  ?   ?   A . n 
A 1 104 ASN 104 102 ?  ?   ?   A . n 
A 1 105 ASP 105 103 ?  ?   ?   A . n 
A 1 106 ASN 106 104 ?  ?   ?   A . n 
A 1 107 ARG 107 105 ?  ?   ?   A . n 
A 1 108 PRO 108 106 ?  ?   ?   A . n 
A 1 109 GLU 109 107 ?  ?   ?   A . n 
A 1 110 PHE 110 108 ?  ?   ?   A . n 
# 
loop_
_pdbx_nonpoly_scheme.asym_id 
_pdbx_nonpoly_scheme.entity_id 
_pdbx_nonpoly_scheme.mon_id 
_pdbx_nonpoly_scheme.ndb_seq_num 
_pdbx_nonpoly_scheme.pdb_seq_num 
_pdbx_nonpoly_scheme.auth_seq_num 
_pdbx_nonpoly_scheme.pdb_mon_id 
_pdbx_nonpoly_scheme.auth_mon_id 
_pdbx_nonpoly_scheme.pdb_strand_id 
_pdbx_nonpoly_scheme.pdb_ins_code 
B 2 YB  1   500 500 YB  YB  A . 
C 3 HOH 1   501 1   HOH HOH A . 
C 3 HOH 2   502 2   HOH HOH A . 
C 3 HOH 3   503 3   HOH HOH A . 
C 3 HOH 4   504 4   HOH HOH A . 
C 3 HOH 5   505 5   HOH HOH A . 
C 3 HOH 6   506 6   HOH HOH A . 
C 3 HOH 7   507 7   HOH HOH A . 
C 3 HOH 8   508 8   HOH HOH A . 
C 3 HOH 9   509 9   HOH HOH A . 
C 3 HOH 10  510 10  HOH HOH A . 
C 3 HOH 11  511 11  HOH HOH A . 
C 3 HOH 12  512 12  HOH HOH A . 
C 3 HOH 13  513 13  HOH HOH A . 
C 3 HOH 14  514 14  HOH HOH A . 
C 3 HOH 15  515 15  HOH HOH A . 
C 3 HOH 16  516 16  HOH HOH A . 
C 3 HOH 17  517 17  HOH HOH A . 
C 3 HOH 18  518 18  HOH HOH A . 
C 3 HOH 19  519 19  HOH HOH A . 
C 3 HOH 20  520 20  HOH HOH A . 
C 3 HOH 21  521 21  HOH HOH A . 
C 3 HOH 22  522 22  HOH HOH A . 
C 3 HOH 23  523 23  HOH HOH A . 
C 3 HOH 24  524 24  HOH HOH A . 
C 3 HOH 25  525 25  HOH HOH A . 
C 3 HOH 26  526 26  HOH HOH A . 
C 3 HOH 27  527 27  HOH HOH A . 
C 3 HOH 28  528 28  HOH HOH A . 
C 3 HOH 29  529 29  HOH HOH A . 
C 3 HOH 30  530 30  HOH HOH A . 
C 3 HOH 31  531 31  HOH HOH A . 
C 3 HOH 32  532 32  HOH HOH A . 
C 3 HOH 33  533 33  HOH HOH A . 
C 3 HOH 34  534 34  HOH HOH A . 
C 3 HOH 35  535 35  HOH HOH A . 
C 3 HOH 36  536 36  HOH HOH A . 
C 3 HOH 37  537 37  HOH HOH A . 
C 3 HOH 38  538 38  HOH HOH A . 
C 3 HOH 39  539 39  HOH HOH A . 
C 3 HOH 40  540 40  HOH HOH A . 
C 3 HOH 41  541 41  HOH HOH A . 
C 3 HOH 42  542 42  HOH HOH A . 
C 3 HOH 43  543 43  HOH HOH A . 
C 3 HOH 44  544 44  HOH HOH A . 
C 3 HOH 45  545 45  HOH HOH A . 
C 3 HOH 46  546 46  HOH HOH A . 
C 3 HOH 47  547 47  HOH HOH A . 
C 3 HOH 48  548 48  HOH HOH A . 
C 3 HOH 49  549 49  HOH HOH A . 
C 3 HOH 50  550 50  HOH HOH A . 
C 3 HOH 51  551 51  HOH HOH A . 
C 3 HOH 52  552 52  HOH HOH A . 
C 3 HOH 53  553 53  HOH HOH A . 
C 3 HOH 54  554 54  HOH HOH A . 
C 3 HOH 55  555 55  HOH HOH A . 
C 3 HOH 56  556 56  HOH HOH A . 
C 3 HOH 57  557 57  HOH HOH A . 
C 3 HOH 58  558 58  HOH HOH A . 
C 3 HOH 59  559 59  HOH HOH A . 
C 3 HOH 60  560 60  HOH HOH A . 
C 3 HOH 61  561 61  HOH HOH A . 
C 3 HOH 62  562 62  HOH HOH A . 
C 3 HOH 63  563 63  HOH HOH A . 
C 3 HOH 64  564 64  HOH HOH A . 
C 3 HOH 65  565 65  HOH HOH A . 
C 3 HOH 66  566 66  HOH HOH A . 
C 3 HOH 67  567 67  HOH HOH A . 
C 3 HOH 68  568 68  HOH HOH A . 
C 3 HOH 69  569 69  HOH HOH A . 
C 3 HOH 70  570 70  HOH HOH A . 
C 3 HOH 71  571 71  HOH HOH A . 
C 3 HOH 72  572 72  HOH HOH A . 
C 3 HOH 73  573 73  HOH HOH A . 
C 3 HOH 74  574 74  HOH HOH A . 
C 3 HOH 75  575 75  HOH HOH A . 
C 3 HOH 76  576 76  HOH HOH A . 
C 3 HOH 77  577 77  HOH HOH A . 
C 3 HOH 78  578 78  HOH HOH A . 
C 3 HOH 79  579 79  HOH HOH A . 
C 3 HOH 80  580 80  HOH HOH A . 
C 3 HOH 81  581 81  HOH HOH A . 
C 3 HOH 82  582 82  HOH HOH A . 
C 3 HOH 83  583 83  HOH HOH A . 
C 3 HOH 84  584 84  HOH HOH A . 
C 3 HOH 85  585 85  HOH HOH A . 
C 3 HOH 86  586 86  HOH HOH A . 
C 3 HOH 87  587 87  HOH HOH A . 
C 3 HOH 88  588 88  HOH HOH A . 
C 3 HOH 89  589 89  HOH HOH A . 
C 3 HOH 90  590 90  HOH HOH A . 
C 3 HOH 91  591 91  HOH HOH A . 
C 3 HOH 92  592 92  HOH HOH A . 
C 3 HOH 93  593 93  HOH HOH A . 
C 3 HOH 94  594 94  HOH HOH A . 
C 3 HOH 95  595 95  HOH HOH A . 
C 3 HOH 96  596 96  HOH HOH A . 
C 3 HOH 97  597 97  HOH HOH A . 
C 3 HOH 98  598 98  HOH HOH A . 
C 3 HOH 99  599 99  HOH HOH A . 
C 3 HOH 100 600 100 HOH HOH A . 
C 3 HOH 101 601 101 HOH HOH A . 
C 3 HOH 102 602 102 HOH HOH A . 
C 3 HOH 103 603 103 HOH HOH A . 
C 3 HOH 104 604 104 HOH HOH A . 
C 3 HOH 105 605 105 HOH HOH A . 
C 3 HOH 106 606 106 HOH HOH A . 
C 3 HOH 107 607 107 HOH HOH A . 
C 3 HOH 108 608 108 HOH HOH A . 
C 3 HOH 109 609 109 HOH HOH A . 
C 3 HOH 110 610 110 HOH HOH A . 
C 3 HOH 111 611 111 HOH HOH A . 
C 3 HOH 112 612 112 HOH HOH A . 
C 3 HOH 113 613 113 HOH HOH A . 
C 3 HOH 114 614 114 HOH HOH A . 
C 3 HOH 115 615 115 HOH HOH A . 
C 3 HOH 116 616 116 HOH HOH A . 
C 3 HOH 117 617 117 HOH HOH A . 
C 3 HOH 118 618 118 HOH HOH A . 
C 3 HOH 119 619 119 HOH HOH A . 
C 3 HOH 120 620 120 HOH HOH A . 
C 3 HOH 121 621 121 HOH HOH A . 
C 3 HOH 122 622 122 HOH HOH A . 
C 3 HOH 123 623 123 HOH HOH A . 
C 3 HOH 124 624 124 HOH HOH A . 
C 3 HOH 125 625 125 HOH HOH A . 
C 3 HOH 126 626 126 HOH HOH A . 
C 3 HOH 127 627 127 HOH HOH A . 
C 3 HOH 128 628 128 HOH HOH A . 
C 3 HOH 129 629 129 HOH HOH A . 
C 3 HOH 130 630 130 HOH HOH A . 
C 3 HOH 131 631 131 HOH HOH A . 
C 3 HOH 132 632 132 HOH HOH A . 
C 3 HOH 133 633 133 HOH HOH A . 
C 3 HOH 134 634 134 HOH HOH A . 
C 3 HOH 135 635 135 HOH HOH A . 
C 3 HOH 136 636 136 HOH HOH A . 
C 3 HOH 137 637 137 HOH HOH A . 
C 3 HOH 138 638 138 HOH HOH A . 
C 3 HOH 139 639 139 HOH HOH A . 
C 3 HOH 140 640 140 HOH HOH A . 
C 3 HOH 141 641 141 HOH HOH A . 
C 3 HOH 142 642 142 HOH HOH A . 
C 3 HOH 143 643 143 HOH HOH A . 
C 3 HOH 144 644 144 HOH HOH A . 
C 3 HOH 145 645 145 HOH HOH A . 
C 3 HOH 146 646 146 HOH HOH A . 
C 3 HOH 147 647 147 HOH HOH A . 
C 3 HOH 148 648 148 HOH HOH A . 
C 3 HOH 149 649 149 HOH HOH A . 
C 3 HOH 150 650 150 HOH HOH A . 
C 3 HOH 151 651 151 HOH HOH A . 
C 3 HOH 152 652 152 HOH HOH A . 
C 3 HOH 153 653 153 HOH HOH A . 
C 3 HOH 154 654 154 HOH HOH A . 
C 3 HOH 155 655 155 HOH HOH A . 
C 3 HOH 156 656 156 HOH HOH A . 
C 3 HOH 157 657 157 HOH HOH A . 
C 3 HOH 158 658 158 HOH HOH A . 
C 3 HOH 159 659 159 HOH HOH A . 
C 3 HOH 160 660 160 HOH HOH A . 
C 3 HOH 161 661 161 HOH HOH A . 
C 3 HOH 162 662 162 HOH HOH A . 
C 3 HOH 163 663 163 HOH HOH A . 
C 3 HOH 164 664 164 HOH HOH A . 
C 3 HOH 165 665 165 HOH HOH A . 
C 3 HOH 166 666 166 HOH HOH A . 
C 3 HOH 167 667 167 HOH HOH A . 
C 3 HOH 168 668 168 HOH HOH A . 
C 3 HOH 169 669 169 HOH HOH A . 
C 3 HOH 170 670 170 HOH HOH A . 
C 3 HOH 171 671 171 HOH HOH A . 
C 3 HOH 172 672 172 HOH HOH A . 
C 3 HOH 173 673 173 HOH HOH A . 
C 3 HOH 174 674 174 HOH HOH A . 
C 3 HOH 175 675 175 HOH HOH A . 
C 3 HOH 176 676 176 HOH HOH A . 
C 3 HOH 177 677 177 HOH HOH A . 
C 3 HOH 178 678 178 HOH HOH A . 
C 3 HOH 179 679 179 HOH HOH A . 
C 3 HOH 180 680 180 HOH HOH A . 
C 3 HOH 181 681 181 HOH HOH A . 
C 3 HOH 182 682 182 HOH HOH A . 
C 3 HOH 183 683 183 HOH HOH A . 
C 3 HOH 184 684 184 HOH HOH A . 
C 3 HOH 185 685 185 HOH HOH A . 
C 3 HOH 186 686 186 HOH HOH A . 
C 3 HOH 187 687 187 HOH HOH A . 
C 3 HOH 188 688 188 HOH HOH A . 
C 3 HOH 189 689 189 HOH HOH A . 
C 3 HOH 190 690 190 HOH HOH A . 
C 3 HOH 191 691 191 HOH HOH A . 
C 3 HOH 192 692 192 HOH HOH A . 
C 3 HOH 193 693 193 HOH HOH A . 
C 3 HOH 194 694 194 HOH HOH A . 
C 3 HOH 195 695 195 HOH HOH A . 
C 3 HOH 196 696 196 HOH HOH A . 
C 3 HOH 197 697 197 HOH HOH A . 
C 3 HOH 198 698 198 HOH HOH A . 
C 3 HOH 199 699 199 HOH HOH A . 
C 3 HOH 200 700 200 HOH HOH A . 
C 3 HOH 201 701 201 HOH HOH A . 
C 3 HOH 202 702 202 HOH HOH A . 
# 
loop_
_pdbx_unobs_or_zero_occ_atoms.id 
_pdbx_unobs_or_zero_occ_atoms.PDB_model_num 
_pdbx_unobs_or_zero_occ_atoms.polymer_flag 
_pdbx_unobs_or_zero_occ_atoms.occupancy_flag 
_pdbx_unobs_or_zero_occ_atoms.auth_asym_id 
_pdbx_unobs_or_zero_occ_atoms.auth_comp_id 
_pdbx_unobs_or_zero_occ_atoms.auth_seq_id 
_pdbx_unobs_or_zero_occ_atoms.PDB_ins_code 
_pdbx_unobs_or_zero_occ_atoms.auth_atom_id 
_pdbx_unobs_or_zero_occ_atoms.label_alt_id 
_pdbx_unobs_or_zero_occ_atoms.label_asym_id 
_pdbx_unobs_or_zero_occ_atoms.label_comp_id 
_pdbx_unobs_or_zero_occ_atoms.label_seq_id 
_pdbx_unobs_or_zero_occ_atoms.label_atom_id 
1 1 Y 1 A ASP 1  ? CB  ? A ASP 3  CB  
2 1 Y 1 A ASP 1  ? CG  ? A ASP 3  CG  
3 1 Y 1 A ASP 1  ? OD1 ? A ASP 3  OD1 
4 1 Y 1 A ASP 1  ? OD2 ? A ASP 3  OD2 
5 1 Y 1 A ARG 35 ? CD  ? A ARG 37 CD  
6 1 Y 1 A ARG 35 ? NE  ? A ARG 37 NE  
7 1 Y 1 A ARG 35 ? CZ  ? A ARG 37 CZ  
8 1 Y 1 A ARG 35 ? NH1 ? A ARG 37 NH1 
9 1 Y 1 A ARG 35 ? NH2 ? A ARG 37 NH2 
# 
loop_
_software.name 
_software.classification 
_software.version 
_software.citation_id 
_software.pdbx_ordinal 
X-PLOR 'model building' . ? 1 
X-PLOR refinement       . ? 2 
DENZO  'data reduction' . ? 3 
X-PLOR phasing          . ? 4 
# 
_cell.entry_id           1NCG 
_cell.length_a           77.600 
_cell.length_b           77.600 
_cell.length_c           74.900 
_cell.angle_alpha        90.00 
_cell.angle_beta         90.00 
_cell.angle_gamma        120.00 
_cell.Z_PDB              12 
_cell.pdbx_unique_axis   ? 
# 
_symmetry.entry_id                         1NCG 
_symmetry.space_group_name_H-M             'P 63 2 2' 
_symmetry.pdbx_full_space_group_name_H-M   ? 
_symmetry.cell_setting                     ? 
_symmetry.Int_Tables_number                182 
# 
_exptl.entry_id          1NCG 
_exptl.method            'X-RAY DIFFRACTION' 
_exptl.crystals_number   ? 
# 
_exptl_crystal.id                    1 
_exptl_crystal.density_meas          ? 
_exptl_crystal.density_Matthews      2.66 
_exptl_crystal.density_percent_sol   53.68 
_exptl_crystal.description           ? 
# 
_diffrn.id                     1 
_diffrn.ambient_temp           ? 
_diffrn.ambient_temp_details   ? 
_diffrn.crystal_id             1 
# 
_diffrn_detector.diffrn_id              1 
_diffrn_detector.detector               'IMAGE PLATE' 
_diffrn_detector.type                   FUJI 
_diffrn_detector.pdbx_collection_date   1994-08 
_diffrn_detector.details                ? 
# 
_diffrn_radiation.diffrn_id                        1 
_diffrn_radiation.wavelength_id                    1 
_diffrn_radiation.pdbx_monochromatic_or_laue_m_l   ? 
_diffrn_radiation.monochromator                    ? 
_diffrn_radiation.pdbx_diffrn_protocol             ? 
_diffrn_radiation.pdbx_scattering_type             x-ray 
# 
_diffrn_radiation_wavelength.id           1 
_diffrn_radiation_wavelength.wavelength   . 
_diffrn_radiation_wavelength.wt           1.0 
# 
_diffrn_source.diffrn_id                   1 
_diffrn_source.source                      SYNCHROTRON 
_diffrn_source.type                        'NSLS BEAMLINE X4A' 
_diffrn_source.pdbx_synchrotron_site       NSLS 
_diffrn_source.pdbx_synchrotron_beamline   X4A 
_diffrn_source.pdbx_wavelength             ? 
_diffrn_source.pdbx_wavelength_list        ? 
# 
_reflns.entry_id                     1NCG 
_reflns.observed_criterion_sigma_I   ? 
_reflns.observed_criterion_sigma_F   ? 
_reflns.d_resolution_low             ? 
_reflns.d_resolution_high            ? 
_reflns.number_obs                   18803 
_reflns.number_all                   ? 
_reflns.percent_possible_obs         93.4 
_reflns.pdbx_Rmerge_I_obs            0.045 
_reflns.pdbx_Rsym_value              ? 
_reflns.pdbx_netI_over_sigmaI        ? 
_reflns.B_iso_Wilson_estimate        ? 
_reflns.pdbx_redundancy              ? 
_reflns.pdbx_diffrn_id               1 
_reflns.pdbx_ordinal                 1 
# 
_refine.entry_id                                 1NCG 
_refine.ls_number_reflns_obs                     17546 
_refine.ls_number_reflns_all                     ? 
_refine.pdbx_ls_sigma_I                          ? 
_refine.pdbx_ls_sigma_F                          2.0 
_refine.pdbx_data_cutoff_high_absF               ? 
_refine.pdbx_data_cutoff_low_absF                ? 
_refine.pdbx_data_cutoff_high_rms_absF           ? 
_refine.ls_d_res_low                             5.0 
_refine.ls_d_res_high                            2.1 
_refine.ls_percent_reflns_obs                    92.8 
_refine.ls_R_factor_obs                          0.217 
_refine.ls_R_factor_all                          ? 
_refine.ls_R_factor_R_work                       0.217 
_refine.ls_R_factor_R_free                       0.201 
_refine.ls_R_factor_R_free_error                 ? 
_refine.ls_R_factor_R_free_error_details         ? 
_refine.ls_percent_reflns_R_free                 ? 
_refine.ls_number_reflns_R_free                  ? 
_refine.ls_number_parameters                     ? 
_refine.ls_number_restraints                     ? 
_refine.occupancy_min                            ? 
_refine.occupancy_max                            ? 
_refine.B_iso_mean                               26.2 
_refine.aniso_B[1][1]                            ? 
_refine.aniso_B[2][2]                            ? 
_refine.aniso_B[3][3]                            ? 
_refine.aniso_B[1][2]                            ? 
_refine.aniso_B[1][3]                            ? 
_refine.aniso_B[2][3]                            ? 
_refine.solvent_model_details                    ? 
_refine.solvent_model_param_ksol                 ? 
_refine.solvent_model_param_bsol                 ? 
_refine.pdbx_ls_cross_valid_method               ? 
_refine.details                                  ? 
_refine.pdbx_starting_model                      ? 
_refine.pdbx_method_to_determine_struct          ? 
_refine.pdbx_isotropic_thermal_model             ? 
_refine.pdbx_stereochemistry_target_values       ? 
_refine.pdbx_stereochem_target_val_spec_case     ? 
_refine.pdbx_R_Free_selection_details            ? 
_refine.pdbx_overall_ESU_R                       ? 
_refine.pdbx_overall_ESU_R_Free                  ? 
_refine.overall_SU_ML                            ? 
_refine.overall_SU_B                             ? 
_refine.pdbx_refine_id                           'X-RAY DIFFRACTION' 
_refine.pdbx_diffrn_id                           1 
_refine.pdbx_TLS_residual_ADP_flag               ? 
_refine.correlation_coeff_Fo_to_Fc               ? 
_refine.correlation_coeff_Fo_to_Fc_free          ? 
_refine.pdbx_solvent_vdw_probe_radii             ? 
_refine.pdbx_solvent_ion_probe_radii             ? 
_refine.pdbx_solvent_shrinkage_radii             ? 
_refine.pdbx_overall_phase_error                 ? 
_refine.overall_SU_R_Cruickshank_DPI             ? 
_refine.pdbx_overall_SU_R_free_Cruickshank_DPI   ? 
_refine.pdbx_overall_SU_R_Blow_DPI               ? 
_refine.pdbx_overall_SU_R_free_Blow_DPI          ? 
# 
_refine_hist.pdbx_refine_id                   'X-RAY DIFFRACTION' 
_refine_hist.cycle_id                         LAST 
_refine_hist.pdbx_number_atoms_protein        766 
_refine_hist.pdbx_number_atoms_nucleic_acid   0 
_refine_hist.pdbx_number_atoms_ligand         1 
_refine_hist.number_atoms_solvent             202 
_refine_hist.number_atoms_total               969 
_refine_hist.d_res_high                       2.1 
_refine_hist.d_res_low                        5.0 
# 
loop_
_refine_ls_restr.type 
_refine_ls_restr.dev_ideal 
_refine_ls_restr.dev_ideal_target 
_refine_ls_restr.weight 
_refine_ls_restr.number 
_refine_ls_restr.pdbx_refine_id 
_refine_ls_restr.pdbx_restraint_function 
x_bond_d                0.015 ? ? ? 'X-RAY DIFFRACTION' ? 
x_bond_d_na             ?     ? ? ? 'X-RAY DIFFRACTION' ? 
x_bond_d_prot           ?     ? ? ? 'X-RAY DIFFRACTION' ? 
x_angle_d               ?     ? ? ? 'X-RAY DIFFRACTION' ? 
x_angle_d_na            ?     ? ? ? 'X-RAY DIFFRACTION' ? 
x_angle_d_prot          ?     ? ? ? 'X-RAY DIFFRACTION' ? 
x_angle_deg             2.10  ? ? ? 'X-RAY DIFFRACTION' ? 
x_angle_deg_na          ?     ? ? ? 'X-RAY DIFFRACTION' ? 
x_angle_deg_prot        ?     ? ? ? 'X-RAY DIFFRACTION' ? 
x_dihedral_angle_d      ?     ? ? ? 'X-RAY DIFFRACTION' ? 
x_dihedral_angle_d_na   ?     ? ? ? 'X-RAY DIFFRACTION' ? 
x_dihedral_angle_d_prot ?     ? ? ? 'X-RAY DIFFRACTION' ? 
x_improper_angle_d      ?     ? ? ? 'X-RAY DIFFRACTION' ? 
x_improper_angle_d_na   ?     ? ? ? 'X-RAY DIFFRACTION' ? 
x_improper_angle_d_prot ?     ? ? ? 'X-RAY DIFFRACTION' ? 
x_mcbond_it             ?     ? ? ? 'X-RAY DIFFRACTION' ? 
x_mcangle_it            ?     ? ? ? 'X-RAY DIFFRACTION' ? 
x_scbond_it             ?     ? ? ? 'X-RAY DIFFRACTION' ? 
x_scangle_it            ?     ? ? ? 'X-RAY DIFFRACTION' ? 
# 
_struct.entry_id                  1NCG 
_struct.title                     'STRUCTURAL BASIS OF CELL-CELL ADHESION BY CADHERINS' 
_struct.pdbx_model_details        ? 
_struct.pdbx_CASP_flag            ? 
_struct.pdbx_model_type_details   ? 
# 
_struct_keywords.entry_id        1NCG 
_struct_keywords.pdbx_keywords   'CELL ADHESION PROTEIN' 
_struct_keywords.text            'CADHERIN, CELL ADHESION PROTEIN' 
# 
loop_
_struct_asym.id 
_struct_asym.pdbx_blank_PDB_chainid_flag 
_struct_asym.pdbx_modified 
_struct_asym.entity_id 
_struct_asym.details 
A N N 1 ? 
B N N 2 ? 
C N N 3 ? 
# 
_struct_ref.id                         1 
_struct_ref.db_name                    UNP 
_struct_ref.db_code                    CADH2_MOUSE 
_struct_ref.entity_id                  1 
_struct_ref.pdbx_db_accession          P15116 
_struct_ref.pdbx_align_begin           1 
_struct_ref.pdbx_seq_one_letter_code   
;MCRIAGGRGTLLPLLAALLQASVEASGEIALCKTGFPEDVYSAVLPKDVHEGQPLLNVKFSNCNRKRKVQYESSEPADFK
VDEDGTVYAVRSFPLTAEQAKFLIYAQDKETQEKWQVAVNLSREPTLTEEPMKEPHEIEEIVFPRQLAKHSGALQRQKRD
WVIPPINLPENSRGPFPQELVRIRSDRDKNLSLRYSVTGPGADQPPTGIFIINPISGQLSVTKPLDRELIARFHLRAHAV
DINGNQVENPIDIVINVIDMNDNRPEFLHQVWNGSVPEGSKPGTYVMTVTAIDADDPNALNGMLRYRILSQAPSTPSPNM
FTINNETGDIITVAAGLDREKVQQYTLIIQATDMEGNPTYGLSNTATAVITVTDVNDNPPEFTAMTFYGEVPENRVDVIV
ANLTVTDKDQPHTPAWNAAYRISGGDPTGRFAILTDPNSNDGLVTVVKPIDFETNRMFVLTVAAENQVPLAKGIQHPPQS
TATVSVTVIDVNENPYFAPNPKIIRQEEGLHAGTMLTTLTAQDPDRYMQQNIRYTKLSDPANWLKIDPVNGQITTIAVLD
RESPYVQNNIYNATFLASDNGIPPMSGTGTLQIYLLDINDNAPQVLPQEAETCETPEPNSINIAALDYDIDPNAGPFAFD
LPLSPVTIKRNWTINRLNGDFAQLNLKIKFLEAGIYEVPIIITDSGNPPKSNISILRVKVCQCDSNGDCTDVDRIVGAGL
GTGAIIAILLCIIILLILVLMFVVWMKRRDKERQAKQLLIDPEDDVRDNILKYDEEGGGEEDQDYDLSQLQQPDTVEPDA
IKPVGIRRLDERPIHAEPQYPVRSAAPHPGDIGDFINEGLKAADNDPTAPPYDSLLVFDYEGSGSTAGSLSSLNSSSSGG
DQDYDYLNDWGPRFKKLADMYGGGDD
;
_struct_ref.pdbx_db_isoform            ? 
# 
_struct_ref_seq.align_id                      1 
_struct_ref_seq.ref_id                        1 
_struct_ref_seq.pdbx_PDB_id_code              1NCG 
_struct_ref_seq.pdbx_strand_id                A 
_struct_ref_seq.seq_align_beg                 3 
_struct_ref_seq.pdbx_seq_align_beg_ins_code   ? 
_struct_ref_seq.seq_align_end                 110 
_struct_ref_seq.pdbx_seq_align_end_ins_code   ? 
_struct_ref_seq.pdbx_db_accession             P15116 
_struct_ref_seq.db_align_beg                  160 
_struct_ref_seq.pdbx_db_align_beg_ins_code    ? 
_struct_ref_seq.db_align_end                  267 
_struct_ref_seq.pdbx_db_align_end_ins_code    ? 
_struct_ref_seq.pdbx_auth_seq_align_beg       1 
_struct_ref_seq.pdbx_auth_seq_align_end       108 
# 
_struct_ref_seq_dif.align_id                     1 
_struct_ref_seq_dif.pdbx_pdb_id_code             1NCG 
_struct_ref_seq_dif.mon_id                       GLY 
_struct_ref_seq_dif.pdbx_pdb_strand_id           A 
_struct_ref_seq_dif.seq_num                      29 
_struct_ref_seq_dif.pdbx_pdb_ins_code            ? 
_struct_ref_seq_dif.pdbx_seq_db_name             UNP 
_struct_ref_seq_dif.pdbx_seq_db_accession_code   P15116 
_struct_ref_seq_dif.db_mon_id                    ASP 
_struct_ref_seq_dif.pdbx_seq_db_seq_num          186 
_struct_ref_seq_dif.details                      conflict 
_struct_ref_seq_dif.pdbx_auth_seq_num            27 
_struct_ref_seq_dif.pdbx_ordinal                 1 
# 
_pdbx_struct_assembly.id                   1 
_pdbx_struct_assembly.details              author_defined_assembly 
_pdbx_struct_assembly.method_details       ? 
_pdbx_struct_assembly.oligomeric_details   dimeric 
_pdbx_struct_assembly.oligomeric_count     2 
# 
_pdbx_struct_assembly_gen.assembly_id       1 
_pdbx_struct_assembly_gen.oper_expression   1,2 
_pdbx_struct_assembly_gen.asym_id_list      A,B,C 
# 
loop_
_pdbx_struct_oper_list.id 
_pdbx_struct_oper_list.type 
_pdbx_struct_oper_list.name 
_pdbx_struct_oper_list.symmetry_operation 
_pdbx_struct_oper_list.matrix[1][1] 
_pdbx_struct_oper_list.matrix[1][2] 
_pdbx_struct_oper_list.matrix[1][3] 
_pdbx_struct_oper_list.vector[1] 
_pdbx_struct_oper_list.matrix[2][1] 
_pdbx_struct_oper_list.matrix[2][2] 
_pdbx_struct_oper_list.matrix[2][3] 
_pdbx_struct_oper_list.vector[2] 
_pdbx_struct_oper_list.matrix[3][1] 
_pdbx_struct_oper_list.matrix[3][2] 
_pdbx_struct_oper_list.matrix[3][3] 
_pdbx_struct_oper_list.vector[3] 
1 'identity operation'         1_555 x,y,z  1.0000000000  0.0000000000 0.0000000000 0.0000000000  0.0000000000 1.0000000000  0.0000000000 0.0000000000   0.0000000000 0.0000000000 1.0000000000 0.0000000000 
2 'crystal symmetry operation' 7_555 y,x,-z -0.5415076085 0.4204217446 0.7280213366 14.8712814133 0.4204217446 -0.6144877284 0.6675705119 -17.5246863540 0.7280213366 0.6675705119 0.1559953369 0.7546342443 
# 
_struct_biol.id                    1 
_struct_biol.details               
;THE ASYMMETRIC UNIT CONTAINS A SINGLE MOLECULE.  A CADHERIN
STRAND DIMER IS FORMED WITH THE (Y, X, -Z) SYMMETRY MATE.
AN ADHESION DIMER IS FORMED WITH THE (1-Y, 1-X, 1/2-Z)
SYMMETRY MATE.  NOTE THAT THESE TRANSFORMATIONS ARE IN THE
NON-ORTHOGONAL HEXAGONAL LATTICE.
;
_struct_biol.pdbx_parent_biol_id   ? 
# 
_struct_conf.conf_type_id            HELX_P 
_struct_conf.id                      HELX_P1 
_struct_conf.pdbx_PDB_helix_id       1 
_struct_conf.beg_label_comp_id       GLY 
_struct_conf.beg_label_asym_id       A 
_struct_conf.beg_label_seq_id        29 
_struct_conf.pdbx_beg_PDB_ins_code   ? 
_struct_conf.end_label_comp_id       ASN 
_struct_conf.end_label_asym_id       A 
_struct_conf.end_label_seq_id        33 
_struct_conf.pdbx_end_PDB_ins_code   ? 
_struct_conf.beg_auth_comp_id        GLY 
_struct_conf.beg_auth_asym_id        A 
_struct_conf.beg_auth_seq_id         27 
_struct_conf.end_auth_comp_id        ASN 
_struct_conf.end_auth_asym_id        A 
_struct_conf.end_auth_seq_id         31 
_struct_conf.pdbx_PDB_helix_class    5 
_struct_conf.details                 ? 
_struct_conf.pdbx_PDB_helix_length   5 
# 
_struct_conf_type.id          HELX_P 
_struct_conf_type.criteria    ? 
_struct_conf_type.reference   ? 
# 
loop_
_struct_conn.id 
_struct_conn.conn_type_id 
_struct_conn.pdbx_leaving_atom_flag 
_struct_conn.pdbx_PDB_id 
_struct_conn.ptnr1_label_asym_id 
_struct_conn.ptnr1_label_comp_id 
_struct_conn.ptnr1_label_seq_id 
_struct_conn.ptnr1_label_atom_id 
_struct_conn.pdbx_ptnr1_label_alt_id 
_struct_conn.pdbx_ptnr1_PDB_ins_code 
_struct_conn.pdbx_ptnr1_standard_comp_id 
_struct_conn.ptnr1_symmetry 
_struct_conn.ptnr2_label_asym_id 
_struct_conn.ptnr2_label_comp_id 
_struct_conn.ptnr2_label_seq_id 
_struct_conn.ptnr2_label_atom_id 
_struct_conn.pdbx_ptnr2_label_alt_id 
_struct_conn.pdbx_ptnr2_PDB_ins_code 
_struct_conn.ptnr1_auth_asym_id 
_struct_conn.ptnr1_auth_comp_id 
_struct_conn.ptnr1_auth_seq_id 
_struct_conn.ptnr2_auth_asym_id 
_struct_conn.ptnr2_auth_comp_id 
_struct_conn.ptnr2_auth_seq_id 
_struct_conn.ptnr2_symmetry 
_struct_conn.pdbx_ptnr3_label_atom_id 
_struct_conn.pdbx_ptnr3_label_seq_id 
_struct_conn.pdbx_ptnr3_label_comp_id 
_struct_conn.pdbx_ptnr3_label_asym_id 
_struct_conn.pdbx_ptnr3_label_alt_id 
_struct_conn.pdbx_ptnr3_PDB_ins_code 
_struct_conn.details 
_struct_conn.pdbx_dist_value 
_struct_conn.pdbx_value_order 
_struct_conn.pdbx_role 
metalc1 metalc ? ? A GLU 13 OE1 ? ? ? 1_555 B YB  . YB ? ? A GLU 11  A YB  500 1_555 ? ? ? ? ? ? ? 2.298 ? ? 
metalc2 metalc ? ? A GLU 13 OE2 ? ? ? 1_555 B YB  . YB ? ? A GLU 11  A YB  500 1_555 ? ? ? ? ? ? ? 2.013 ? ? 
metalc3 metalc ? ? A GLU 71 OE1 ? ? ? 1_555 B YB  . YB ? ? A GLU 69  A YB  500 1_555 ? ? ? ? ? ? ? 2.304 ? ? 
metalc4 metalc ? ? B YB  .  YB  ? ? ? 1_555 C HOH . O  ? ? A YB  500 A HOH 525 1_555 ? ? ? ? ? ? ? 2.269 ? ? 
metalc5 metalc ? ? B YB  .  YB  ? ? ? 1_555 C HOH . O  ? ? A YB  500 A HOH 562 1_555 ? ? ? ? ? ? ? 2.001 ? ? 
# 
_struct_conn_type.id          metalc 
_struct_conn_type.criteria    ? 
_struct_conn_type.reference   ? 
# 
loop_
_pdbx_struct_conn_angle.id 
_pdbx_struct_conn_angle.ptnr1_label_atom_id 
_pdbx_struct_conn_angle.ptnr1_label_alt_id 
_pdbx_struct_conn_angle.ptnr1_label_asym_id 
_pdbx_struct_conn_angle.ptnr1_label_comp_id 
_pdbx_struct_conn_angle.ptnr1_label_seq_id 
_pdbx_struct_conn_angle.ptnr1_auth_atom_id 
_pdbx_struct_conn_angle.ptnr1_auth_asym_id 
_pdbx_struct_conn_angle.ptnr1_auth_comp_id 
_pdbx_struct_conn_angle.ptnr1_auth_seq_id 
_pdbx_struct_conn_angle.ptnr1_PDB_ins_code 
_pdbx_struct_conn_angle.ptnr1_symmetry 
_pdbx_struct_conn_angle.ptnr2_label_atom_id 
_pdbx_struct_conn_angle.ptnr2_label_alt_id 
_pdbx_struct_conn_angle.ptnr2_label_asym_id 
_pdbx_struct_conn_angle.ptnr2_label_comp_id 
_pdbx_struct_conn_angle.ptnr2_label_seq_id 
_pdbx_struct_conn_angle.ptnr2_auth_atom_id 
_pdbx_struct_conn_angle.ptnr2_auth_asym_id 
_pdbx_struct_conn_angle.ptnr2_auth_comp_id 
_pdbx_struct_conn_angle.ptnr2_auth_seq_id 
_pdbx_struct_conn_angle.ptnr2_PDB_ins_code 
_pdbx_struct_conn_angle.ptnr2_symmetry 
_pdbx_struct_conn_angle.ptnr3_label_atom_id 
_pdbx_struct_conn_angle.ptnr3_label_alt_id 
_pdbx_struct_conn_angle.ptnr3_label_asym_id 
_pdbx_struct_conn_angle.ptnr3_label_comp_id 
_pdbx_struct_conn_angle.ptnr3_label_seq_id 
_pdbx_struct_conn_angle.ptnr3_auth_atom_id 
_pdbx_struct_conn_angle.ptnr3_auth_asym_id 
_pdbx_struct_conn_angle.ptnr3_auth_comp_id 
_pdbx_struct_conn_angle.ptnr3_auth_seq_id 
_pdbx_struct_conn_angle.ptnr3_PDB_ins_code 
_pdbx_struct_conn_angle.ptnr3_symmetry 
_pdbx_struct_conn_angle.value 
_pdbx_struct_conn_angle.value_esd 
1  OE1 ? A GLU 13 ? A GLU 11  ? 1_555 YB ? B YB . ? A YB 500 ? 1_555 OE2 ? A GLU 13 ? A GLU 11  ? 1_555 58.5  ? 
2  OE1 ? A GLU 13 ? A GLU 11  ? 1_555 YB ? B YB . ? A YB 500 ? 1_555 OE1 ? A GLU 71 ? A GLU 69  ? 1_555 70.5  ? 
3  OE2 ? A GLU 13 ? A GLU 11  ? 1_555 YB ? B YB . ? A YB 500 ? 1_555 OE1 ? A GLU 71 ? A GLU 69  ? 1_555 120.5 ? 
4  OE1 ? A GLU 13 ? A GLU 11  ? 1_555 YB ? B YB . ? A YB 500 ? 1_555 O   ? C HOH .  ? A HOH 525 ? 1_555 77.4  ? 
5  OE2 ? A GLU 13 ? A GLU 11  ? 1_555 YB ? B YB . ? A YB 500 ? 1_555 O   ? C HOH .  ? A HOH 525 ? 1_555 113.0 ? 
6  OE1 ? A GLU 71 ? A GLU 69  ? 1_555 YB ? B YB . ? A YB 500 ? 1_555 O   ? C HOH .  ? A HOH 525 ? 1_555 80.7  ? 
7  OE1 ? A GLU 13 ? A GLU 11  ? 1_555 YB ? B YB . ? A YB 500 ? 1_555 O   ? C HOH .  ? A HOH 562 ? 1_555 86.2  ? 
8  OE2 ? A GLU 13 ? A GLU 11  ? 1_555 YB ? B YB . ? A YB 500 ? 1_555 O   ? C HOH .  ? A HOH 562 ? 1_555 79.7  ? 
9  OE1 ? A GLU 71 ? A GLU 69  ? 1_555 YB ? B YB . ? A YB 500 ? 1_555 O   ? C HOH .  ? A HOH 562 ? 1_555 67.9  ? 
10 O   ? C HOH .  ? A HOH 525 ? 1_555 YB ? B YB . ? A YB 500 ? 1_555 O   ? C HOH .  ? A HOH 562 ? 1_555 148.0 ? 
# 
loop_
_struct_mon_prot_cis.pdbx_id 
_struct_mon_prot_cis.label_comp_id 
_struct_mon_prot_cis.label_seq_id 
_struct_mon_prot_cis.label_asym_id 
_struct_mon_prot_cis.label_alt_id 
_struct_mon_prot_cis.pdbx_PDB_ins_code 
_struct_mon_prot_cis.auth_comp_id 
_struct_mon_prot_cis.auth_seq_id 
_struct_mon_prot_cis.auth_asym_id 
_struct_mon_prot_cis.pdbx_label_comp_id_2 
_struct_mon_prot_cis.pdbx_label_seq_id_2 
_struct_mon_prot_cis.pdbx_label_asym_id_2 
_struct_mon_prot_cis.pdbx_PDB_ins_code_2 
_struct_mon_prot_cis.pdbx_auth_comp_id_2 
_struct_mon_prot_cis.pdbx_auth_seq_id_2 
_struct_mon_prot_cis.pdbx_auth_asym_id_2 
_struct_mon_prot_cis.pdbx_PDB_model_num 
_struct_mon_prot_cis.pdbx_omega_angle 
1 GLY 17 A . ? GLY 15 A PRO 18 A ? PRO 16 A 1 -0.57 
2 PHE 19 A . ? PHE 17 A PRO 20 A ? PRO 18 A 1 0.44  
3 PRO 48 A . ? PRO 46 A PRO 49 A ? PRO 47 A 1 -0.46 
# 
loop_
_struct_sheet.id 
_struct_sheet.type 
_struct_sheet.number_strands 
_struct_sheet.details 
A ? 4 ? 
B ? 3 ? 
# 
loop_
_struct_sheet_order.sheet_id 
_struct_sheet_order.range_id_1 
_struct_sheet_order.range_id_2 
_struct_sheet_order.offset 
_struct_sheet_order.sense 
A 1 2 ? parallel      
A 2 3 ? anti-parallel 
A 3 4 ? anti-parallel 
B 1 2 ? anti-parallel 
B 2 3 ? anti-parallel 
# 
loop_
_struct_sheet_range.sheet_id 
_struct_sheet_range.id 
_struct_sheet_range.beg_label_comp_id 
_struct_sheet_range.beg_label_asym_id 
_struct_sheet_range.beg_label_seq_id 
_struct_sheet_range.pdbx_beg_PDB_ins_code 
_struct_sheet_range.end_label_comp_id 
_struct_sheet_range.end_label_asym_id 
_struct_sheet_range.end_label_seq_id 
_struct_sheet_range.pdbx_end_PDB_ins_code 
_struct_sheet_range.beg_auth_comp_id 
_struct_sheet_range.beg_auth_asym_id 
_struct_sheet_range.beg_auth_seq_id 
_struct_sheet_range.end_auth_comp_id 
_struct_sheet_range.end_auth_asym_id 
_struct_sheet_range.end_auth_seq_id 
A 1 ILE A 9  ? PRO A 12  ? ILE A 7  PRO A 10 
A 2 ILE A 94 ? ILE A 101 ? ILE A 92 ILE A 99 
A 3 ARG A 75 ? VAL A 83  ? ARG A 73 VAL A 81 
A 4 ARG A 37 ? THR A 41  ? ARG A 35 THR A 39 
B 1 PHE A 53 ? ILE A 55  ? PHE A 51 ILE A 53 
B 2 GLN A 61 ? VAL A 64  ? GLN A 59 VAL A 62 
B 3 GLN A 21 ? ARG A 25  ? GLN A 19 ARG A 23 
# 
loop_
_pdbx_struct_sheet_hbond.sheet_id 
_pdbx_struct_sheet_hbond.range_id_1 
_pdbx_struct_sheet_hbond.range_id_2 
_pdbx_struct_sheet_hbond.range_1_label_atom_id 
_pdbx_struct_sheet_hbond.range_1_label_comp_id 
_pdbx_struct_sheet_hbond.range_1_label_asym_id 
_pdbx_struct_sheet_hbond.range_1_label_seq_id 
_pdbx_struct_sheet_hbond.range_1_PDB_ins_code 
_pdbx_struct_sheet_hbond.range_1_auth_atom_id 
_pdbx_struct_sheet_hbond.range_1_auth_comp_id 
_pdbx_struct_sheet_hbond.range_1_auth_asym_id 
_pdbx_struct_sheet_hbond.range_1_auth_seq_id 
_pdbx_struct_sheet_hbond.range_2_label_atom_id 
_pdbx_struct_sheet_hbond.range_2_label_comp_id 
_pdbx_struct_sheet_hbond.range_2_label_asym_id 
_pdbx_struct_sheet_hbond.range_2_label_seq_id 
_pdbx_struct_sheet_hbond.range_2_PDB_ins_code 
_pdbx_struct_sheet_hbond.range_2_auth_atom_id 
_pdbx_struct_sheet_hbond.range_2_auth_comp_id 
_pdbx_struct_sheet_hbond.range_2_auth_asym_id 
_pdbx_struct_sheet_hbond.range_2_auth_seq_id 
A 1 2 O ILE A 9  ? O ILE A 7  N ASN A 99 ? N ASN A 97 
A 2 3 O ILE A 94 ? O ILE A 92 N ALA A 80 ? N ALA A 78 
A 3 4 O ARG A 79 ? O ARG A 77 N THR A 41 ? N THR A 39 
B 1 2 O ILE A 54 ? O ILE A 52 N SER A 63 ? N SER A 61 
B 2 3 O LEU A 62 ? O LEU A 60 N VAL A 24 ? N VAL A 22 
# 
loop_
_struct_site.id 
_struct_site.pdbx_evidence_code 
_struct_site.pdbx_auth_asym_id 
_struct_site.pdbx_auth_comp_id 
_struct_site.pdbx_auth_seq_id 
_struct_site.pdbx_auth_ins_code 
_struct_site.pdbx_num_residues 
_struct_site.details 
YB  Unknown  ? ?  ?   ? 1 ?                                   
AC1 Software A YB 500 ? 4 'BINDING SITE FOR RESIDUE YB A 500' 
# 
loop_
_struct_site_gen.id 
_struct_site_gen.site_id 
_struct_site_gen.pdbx_num_res 
_struct_site_gen.label_comp_id 
_struct_site_gen.label_asym_id 
_struct_site_gen.label_seq_id 
_struct_site_gen.pdbx_auth_ins_code 
_struct_site_gen.auth_comp_id 
_struct_site_gen.auth_asym_id 
_struct_site_gen.auth_seq_id 
_struct_site_gen.label_atom_id 
_struct_site_gen.label_alt_id 
_struct_site_gen.symmetry 
_struct_site_gen.details 
1 YB  1 YB  B .  ? YB  A 500 . ? 1_555 ? 
2 AC1 4 GLU A 13 ? GLU A 11  . ? 1_555 ? 
3 AC1 4 GLU A 71 ? GLU A 69  . ? 1_555 ? 
4 AC1 4 HOH C .  ? HOH A 525 . ? 1_555 ? 
5 AC1 4 HOH C .  ? HOH A 562 . ? 1_555 ? 
# 
_pdbx_validate_close_contact.id               1 
_pdbx_validate_close_contact.PDB_model_num    1 
_pdbx_validate_close_contact.auth_atom_id_1   OE2 
_pdbx_validate_close_contact.auth_asym_id_1   A 
_pdbx_validate_close_contact.auth_comp_id_1   GLU 
_pdbx_validate_close_contact.auth_seq_id_1    69 
_pdbx_validate_close_contact.PDB_ins_code_1   ? 
_pdbx_validate_close_contact.label_alt_id_1   ? 
_pdbx_validate_close_contact.auth_atom_id_2   YB 
_pdbx_validate_close_contact.auth_asym_id_2   A 
_pdbx_validate_close_contact.auth_comp_id_2   YB 
_pdbx_validate_close_contact.auth_seq_id_2    500 
_pdbx_validate_close_contact.PDB_ins_code_2   ? 
_pdbx_validate_close_contact.label_alt_id_2   ? 
_pdbx_validate_close_contact.dist             1.67 
# 
loop_
_pdbx_validate_symm_contact.id 
_pdbx_validate_symm_contact.PDB_model_num 
_pdbx_validate_symm_contact.auth_atom_id_1 
_pdbx_validate_symm_contact.auth_asym_id_1 
_pdbx_validate_symm_contact.auth_comp_id_1 
_pdbx_validate_symm_contact.auth_seq_id_1 
_pdbx_validate_symm_contact.PDB_ins_code_1 
_pdbx_validate_symm_contact.label_alt_id_1 
_pdbx_validate_symm_contact.site_symmetry_1 
_pdbx_validate_symm_contact.auth_atom_id_2 
_pdbx_validate_symm_contact.auth_asym_id_2 
_pdbx_validate_symm_contact.auth_comp_id_2 
_pdbx_validate_symm_contact.auth_seq_id_2 
_pdbx_validate_symm_contact.PDB_ins_code_2 
_pdbx_validate_symm_contact.label_alt_id_2 
_pdbx_validate_symm_contact.site_symmetry_2 
_pdbx_validate_symm_contact.dist 
1 1 O A HOH 697 ? ? 1_555 O A HOH 697 ? ? 11_555 0.80 
2 1 O A HOH 673 ? ? 1_555 O A HOH 673 ? ? 10_665 1.46 
3 1 O A HOH 675 ? ? 1_555 O A HOH 675 ? ? 10_665 1.48 
# 
_pdbx_validate_rmsd_angle.id                         1 
_pdbx_validate_rmsd_angle.PDB_model_num              1 
_pdbx_validate_rmsd_angle.auth_atom_id_1             NE 
_pdbx_validate_rmsd_angle.auth_asym_id_1             A 
_pdbx_validate_rmsd_angle.auth_comp_id_1             ARG 
_pdbx_validate_rmsd_angle.auth_seq_id_1              73 
_pdbx_validate_rmsd_angle.PDB_ins_code_1             ? 
_pdbx_validate_rmsd_angle.label_alt_id_1             ? 
_pdbx_validate_rmsd_angle.auth_atom_id_2             CZ 
_pdbx_validate_rmsd_angle.auth_asym_id_2             A 
_pdbx_validate_rmsd_angle.auth_comp_id_2             ARG 
_pdbx_validate_rmsd_angle.auth_seq_id_2              73 
_pdbx_validate_rmsd_angle.PDB_ins_code_2             ? 
_pdbx_validate_rmsd_angle.label_alt_id_2             ? 
_pdbx_validate_rmsd_angle.auth_atom_id_3             NH2 
_pdbx_validate_rmsd_angle.auth_asym_id_3             A 
_pdbx_validate_rmsd_angle.auth_comp_id_3             ARG 
_pdbx_validate_rmsd_angle.auth_seq_id_3              73 
_pdbx_validate_rmsd_angle.PDB_ins_code_3             ? 
_pdbx_validate_rmsd_angle.label_alt_id_3             ? 
_pdbx_validate_rmsd_angle.angle_value                117.27 
_pdbx_validate_rmsd_angle.angle_target_value         120.30 
_pdbx_validate_rmsd_angle.angle_deviation            -3.03 
_pdbx_validate_rmsd_angle.angle_standard_deviation   0.50 
_pdbx_validate_rmsd_angle.linker_flag                N 
# 
loop_
_pdbx_validate_torsion.id 
_pdbx_validate_torsion.PDB_model_num 
_pdbx_validate_torsion.auth_comp_id 
_pdbx_validate_torsion.auth_asym_id 
_pdbx_validate_torsion.auth_seq_id 
_pdbx_validate_torsion.PDB_ins_code 
_pdbx_validate_torsion.label_alt_id 
_pdbx_validate_torsion.phi 
_pdbx_validate_torsion.psi 
1 1 PRO A 16 ? ? -49.09  157.54 
2 1 LEU A 21 ? ? -102.36 -65.26 
3 1 LEU A 32 ? ? -174.52 112.90 
4 1 ALA A 43 ? ? -121.41 -77.37 
# 
_pdbx_entry_details.entry_id                 1NCG 
_pdbx_entry_details.compound_details         ? 
_pdbx_entry_details.source_details           ? 
_pdbx_entry_details.nonpolymer_details       
;THE MODEL INCLUDES ONE YTTERBIUM ION (YB 3+) BOUND AT THE
PUTATIVE CALCIUM BINDING SITE.
;
_pdbx_entry_details.sequence_details         'RESIDUE NUMBERING IS FOR THE MATURE PROTEIN.' 
_pdbx_entry_details.has_ligand_of_interest   ? 
# 
loop_
_pdbx_unobs_or_zero_occ_residues.id 
_pdbx_unobs_or_zero_occ_residues.PDB_model_num 
_pdbx_unobs_or_zero_occ_residues.polymer_flag 
_pdbx_unobs_or_zero_occ_residues.occupancy_flag 
_pdbx_unobs_or_zero_occ_residues.auth_asym_id 
_pdbx_unobs_or_zero_occ_residues.auth_comp_id 
_pdbx_unobs_or_zero_occ_residues.auth_seq_id 
_pdbx_unobs_or_zero_occ_residues.PDB_ins_code 
_pdbx_unobs_or_zero_occ_residues.label_asym_id 
_pdbx_unobs_or_zero_occ_residues.label_comp_id 
_pdbx_unobs_or_zero_occ_residues.label_seq_id 
1  1 Y 1 A GLY -1  ? A GLY 1   
2  1 Y 1 A SER 0   ? A SER 2   
3  1 Y 1 A ASP 100 ? A ASP 102 
4  1 Y 1 A MET 101 ? A MET 103 
5  1 Y 1 A ASN 102 ? A ASN 104 
6  1 Y 1 A ASP 103 ? A ASP 105 
7  1 Y 1 A ASN 104 ? A ASN 106 
8  1 Y 1 A ARG 105 ? A ARG 107 
9  1 Y 1 A PRO 106 ? A PRO 108 
10 1 Y 1 A GLU 107 ? A GLU 109 
11 1 Y 1 A PHE 108 ? A PHE 110 
# 
loop_
_chem_comp_atom.comp_id 
_chem_comp_atom.atom_id 
_chem_comp_atom.type_symbol 
_chem_comp_atom.pdbx_aromatic_flag 
_chem_comp_atom.pdbx_stereo_config 
_chem_comp_atom.pdbx_ordinal 
ALA N    N  N N 1   
ALA CA   C  N S 2   
ALA C    C  N N 3   
ALA O    O  N N 4   
ALA CB   C  N N 5   
ALA OXT  O  N N 6   
ALA H    H  N N 7   
ALA H2   H  N N 8   
ALA HA   H  N N 9   
ALA HB1  H  N N 10  
ALA HB2  H  N N 11  
ALA HB3  H  N N 12  
ALA HXT  H  N N 13  
ARG N    N  N N 14  
ARG CA   C  N S 15  
ARG C    C  N N 16  
ARG O    O  N N 17  
ARG CB   C  N N 18  
ARG CG   C  N N 19  
ARG CD   C  N N 20  
ARG NE   N  N N 21  
ARG CZ   C  N N 22  
ARG NH1  N  N N 23  
ARG NH2  N  N N 24  
ARG OXT  O  N N 25  
ARG H    H  N N 26  
ARG H2   H  N N 27  
ARG HA   H  N N 28  
ARG HB2  H  N N 29  
ARG HB3  H  N N 30  
ARG HG2  H  N N 31  
ARG HG3  H  N N 32  
ARG HD2  H  N N 33  
ARG HD3  H  N N 34  
ARG HE   H  N N 35  
ARG HH11 H  N N 36  
ARG HH12 H  N N 37  
ARG HH21 H  N N 38  
ARG HH22 H  N N 39  
ARG HXT  H  N N 40  
ASN N    N  N N 41  
ASN CA   C  N S 42  
ASN C    C  N N 43  
ASN O    O  N N 44  
ASN CB   C  N N 45  
ASN CG   C  N N 46  
ASN OD1  O  N N 47  
ASN ND2  N  N N 48  
ASN OXT  O  N N 49  
ASN H    H  N N 50  
ASN H2   H  N N 51  
ASN HA   H  N N 52  
ASN HB2  H  N N 53  
ASN HB3  H  N N 54  
ASN HD21 H  N N 55  
ASN HD22 H  N N 56  
ASN HXT  H  N N 57  
ASP N    N  N N 58  
ASP CA   C  N S 59  
ASP C    C  N N 60  
ASP O    O  N N 61  
ASP CB   C  N N 62  
ASP CG   C  N N 63  
ASP OD1  O  N N 64  
ASP OD2  O  N N 65  
ASP OXT  O  N N 66  
ASP H    H  N N 67  
ASP H2   H  N N 68  
ASP HA   H  N N 69  
ASP HB2  H  N N 70  
ASP HB3  H  N N 71  
ASP HD2  H  N N 72  
ASP HXT  H  N N 73  
GLN N    N  N N 74  
GLN CA   C  N S 75  
GLN C    C  N N 76  
GLN O    O  N N 77  
GLN CB   C  N N 78  
GLN CG   C  N N 79  
GLN CD   C  N N 80  
GLN OE1  O  N N 81  
GLN NE2  N  N N 82  
GLN OXT  O  N N 83  
GLN H    H  N N 84  
GLN H2   H  N N 85  
GLN HA   H  N N 86  
GLN HB2  H  N N 87  
GLN HB3  H  N N 88  
GLN HG2  H  N N 89  
GLN HG3  H  N N 90  
GLN HE21 H  N N 91  
GLN HE22 H  N N 92  
GLN HXT  H  N N 93  
GLU N    N  N N 94  
GLU CA   C  N S 95  
GLU C    C  N N 96  
GLU O    O  N N 97  
GLU CB   C  N N 98  
GLU CG   C  N N 99  
GLU CD   C  N N 100 
GLU OE1  O  N N 101 
GLU OE2  O  N N 102 
GLU OXT  O  N N 103 
GLU H    H  N N 104 
GLU H2   H  N N 105 
GLU HA   H  N N 106 
GLU HB2  H  N N 107 
GLU HB3  H  N N 108 
GLU HG2  H  N N 109 
GLU HG3  H  N N 110 
GLU HE2  H  N N 111 
GLU HXT  H  N N 112 
GLY N    N  N N 113 
GLY CA   C  N N 114 
GLY C    C  N N 115 
GLY O    O  N N 116 
GLY OXT  O  N N 117 
GLY H    H  N N 118 
GLY H2   H  N N 119 
GLY HA2  H  N N 120 
GLY HA3  H  N N 121 
GLY HXT  H  N N 122 
HIS N    N  N N 123 
HIS CA   C  N S 124 
HIS C    C  N N 125 
HIS O    O  N N 126 
HIS CB   C  N N 127 
HIS CG   C  Y N 128 
HIS ND1  N  Y N 129 
HIS CD2  C  Y N 130 
HIS CE1  C  Y N 131 
HIS NE2  N  Y N 132 
HIS OXT  O  N N 133 
HIS H    H  N N 134 
HIS H2   H  N N 135 
HIS HA   H  N N 136 
HIS HB2  H  N N 137 
HIS HB3  H  N N 138 
HIS HD1  H  N N 139 
HIS HD2  H  N N 140 
HIS HE1  H  N N 141 
HIS HE2  H  N N 142 
HIS HXT  H  N N 143 
HOH O    O  N N 144 
HOH H1   H  N N 145 
HOH H2   H  N N 146 
ILE N    N  N N 147 
ILE CA   C  N S 148 
ILE C    C  N N 149 
ILE O    O  N N 150 
ILE CB   C  N S 151 
ILE CG1  C  N N 152 
ILE CG2  C  N N 153 
ILE CD1  C  N N 154 
ILE OXT  O  N N 155 
ILE H    H  N N 156 
ILE H2   H  N N 157 
ILE HA   H  N N 158 
ILE HB   H  N N 159 
ILE HG12 H  N N 160 
ILE HG13 H  N N 161 
ILE HG21 H  N N 162 
ILE HG22 H  N N 163 
ILE HG23 H  N N 164 
ILE HD11 H  N N 165 
ILE HD12 H  N N 166 
ILE HD13 H  N N 167 
ILE HXT  H  N N 168 
LEU N    N  N N 169 
LEU CA   C  N S 170 
LEU C    C  N N 171 
LEU O    O  N N 172 
LEU CB   C  N N 173 
LEU CG   C  N N 174 
LEU CD1  C  N N 175 
LEU CD2  C  N N 176 
LEU OXT  O  N N 177 
LEU H    H  N N 178 
LEU H2   H  N N 179 
LEU HA   H  N N 180 
LEU HB2  H  N N 181 
LEU HB3  H  N N 182 
LEU HG   H  N N 183 
LEU HD11 H  N N 184 
LEU HD12 H  N N 185 
LEU HD13 H  N N 186 
LEU HD21 H  N N 187 
LEU HD22 H  N N 188 
LEU HD23 H  N N 189 
LEU HXT  H  N N 190 
LYS N    N  N N 191 
LYS CA   C  N S 192 
LYS C    C  N N 193 
LYS O    O  N N 194 
LYS CB   C  N N 195 
LYS CG   C  N N 196 
LYS CD   C  N N 197 
LYS CE   C  N N 198 
LYS NZ   N  N N 199 
LYS OXT  O  N N 200 
LYS H    H  N N 201 
LYS H2   H  N N 202 
LYS HA   H  N N 203 
LYS HB2  H  N N 204 
LYS HB3  H  N N 205 
LYS HG2  H  N N 206 
LYS HG3  H  N N 207 
LYS HD2  H  N N 208 
LYS HD3  H  N N 209 
LYS HE2  H  N N 210 
LYS HE3  H  N N 211 
LYS HZ1  H  N N 212 
LYS HZ2  H  N N 213 
LYS HZ3  H  N N 214 
LYS HXT  H  N N 215 
MET N    N  N N 216 
MET CA   C  N S 217 
MET C    C  N N 218 
MET O    O  N N 219 
MET CB   C  N N 220 
MET CG   C  N N 221 
MET SD   S  N N 222 
MET CE   C  N N 223 
MET OXT  O  N N 224 
MET H    H  N N 225 
MET H2   H  N N 226 
MET HA   H  N N 227 
MET HB2  H  N N 228 
MET HB3  H  N N 229 
MET HG2  H  N N 230 
MET HG3  H  N N 231 
MET HE1  H  N N 232 
MET HE2  H  N N 233 
MET HE3  H  N N 234 
MET HXT  H  N N 235 
PHE N    N  N N 236 
PHE CA   C  N S 237 
PHE C    C  N N 238 
PHE O    O  N N 239 
PHE CB   C  N N 240 
PHE CG   C  Y N 241 
PHE CD1  C  Y N 242 
PHE CD2  C  Y N 243 
PHE CE1  C  Y N 244 
PHE CE2  C  Y N 245 
PHE CZ   C  Y N 246 
PHE OXT  O  N N 247 
PHE H    H  N N 248 
PHE H2   H  N N 249 
PHE HA   H  N N 250 
PHE HB2  H  N N 251 
PHE HB3  H  N N 252 
PHE HD1  H  N N 253 
PHE HD2  H  N N 254 
PHE HE1  H  N N 255 
PHE HE2  H  N N 256 
PHE HZ   H  N N 257 
PHE HXT  H  N N 258 
PRO N    N  N N 259 
PRO CA   C  N S 260 
PRO C    C  N N 261 
PRO O    O  N N 262 
PRO CB   C  N N 263 
PRO CG   C  N N 264 
PRO CD   C  N N 265 
PRO OXT  O  N N 266 
PRO H    H  N N 267 
PRO HA   H  N N 268 
PRO HB2  H  N N 269 
PRO HB3  H  N N 270 
PRO HG2  H  N N 271 
PRO HG3  H  N N 272 
PRO HD2  H  N N 273 
PRO HD3  H  N N 274 
PRO HXT  H  N N 275 
SER N    N  N N 276 
SER CA   C  N S 277 
SER C    C  N N 278 
SER O    O  N N 279 
SER CB   C  N N 280 
SER OG   O  N N 281 
SER OXT  O  N N 282 
SER H    H  N N 283 
SER H2   H  N N 284 
SER HA   H  N N 285 
SER HB2  H  N N 286 
SER HB3  H  N N 287 
SER HG   H  N N 288 
SER HXT  H  N N 289 
THR N    N  N N 290 
THR CA   C  N S 291 
THR C    C  N N 292 
THR O    O  N N 293 
THR CB   C  N R 294 
THR OG1  O  N N 295 
THR CG2  C  N N 296 
THR OXT  O  N N 297 
THR H    H  N N 298 
THR H2   H  N N 299 
THR HA   H  N N 300 
THR HB   H  N N 301 
THR HG1  H  N N 302 
THR HG21 H  N N 303 
THR HG22 H  N N 304 
THR HG23 H  N N 305 
THR HXT  H  N N 306 
TRP N    N  N N 307 
TRP CA   C  N S 308 
TRP C    C  N N 309 
TRP O    O  N N 310 
TRP CB   C  N N 311 
TRP CG   C  Y N 312 
TRP CD1  C  Y N 313 
TRP CD2  C  Y N 314 
TRP NE1  N  Y N 315 
TRP CE2  C  Y N 316 
TRP CE3  C  Y N 317 
TRP CZ2  C  Y N 318 
TRP CZ3  C  Y N 319 
TRP CH2  C  Y N 320 
TRP OXT  O  N N 321 
TRP H    H  N N 322 
TRP H2   H  N N 323 
TRP HA   H  N N 324 
TRP HB2  H  N N 325 
TRP HB3  H  N N 326 
TRP HD1  H  N N 327 
TRP HE1  H  N N 328 
TRP HE3  H  N N 329 
TRP HZ2  H  N N 330 
TRP HZ3  H  N N 331 
TRP HH2  H  N N 332 
TRP HXT  H  N N 333 
TYR N    N  N N 334 
TYR CA   C  N S 335 
TYR C    C  N N 336 
TYR O    O  N N 337 
TYR CB   C  N N 338 
TYR CG   C  Y N 339 
TYR CD1  C  Y N 340 
TYR CD2  C  Y N 341 
TYR CE1  C  Y N 342 
TYR CE2  C  Y N 343 
TYR CZ   C  Y N 344 
TYR OH   O  N N 345 
TYR OXT  O  N N 346 
TYR H    H  N N 347 
TYR H2   H  N N 348 
TYR HA   H  N N 349 
TYR HB2  H  N N 350 
TYR HB3  H  N N 351 
TYR HD1  H  N N 352 
TYR HD2  H  N N 353 
TYR HE1  H  N N 354 
TYR HE2  H  N N 355 
TYR HH   H  N N 356 
TYR HXT  H  N N 357 
VAL N    N  N N 358 
VAL CA   C  N S 359 
VAL C    C  N N 360 
VAL O    O  N N 361 
VAL CB   C  N N 362 
VAL CG1  C  N N 363 
VAL CG2  C  N N 364 
VAL OXT  O  N N 365 
VAL H    H  N N 366 
VAL H2   H  N N 367 
VAL HA   H  N N 368 
VAL HB   H  N N 369 
VAL HG11 H  N N 370 
VAL HG12 H  N N 371 
VAL HG13 H  N N 372 
VAL HG21 H  N N 373 
VAL HG22 H  N N 374 
VAL HG23 H  N N 375 
VAL HXT  H  N N 376 
YB  YB   YB N N 377 
# 
loop_
_chem_comp_bond.comp_id 
_chem_comp_bond.atom_id_1 
_chem_comp_bond.atom_id_2 
_chem_comp_bond.value_order 
_chem_comp_bond.pdbx_aromatic_flag 
_chem_comp_bond.pdbx_stereo_config 
_chem_comp_bond.pdbx_ordinal 
ALA N   CA   sing N N 1   
ALA N   H    sing N N 2   
ALA N   H2   sing N N 3   
ALA CA  C    sing N N 4   
ALA CA  CB   sing N N 5   
ALA CA  HA   sing N N 6   
ALA C   O    doub N N 7   
ALA C   OXT  sing N N 8   
ALA CB  HB1  sing N N 9   
ALA CB  HB2  sing N N 10  
ALA CB  HB3  sing N N 11  
ALA OXT HXT  sing N N 12  
ARG N   CA   sing N N 13  
ARG N   H    sing N N 14  
ARG N   H2   sing N N 15  
ARG CA  C    sing N N 16  
ARG CA  CB   sing N N 17  
ARG CA  HA   sing N N 18  
ARG C   O    doub N N 19  
ARG C   OXT  sing N N 20  
ARG CB  CG   sing N N 21  
ARG CB  HB2  sing N N 22  
ARG CB  HB3  sing N N 23  
ARG CG  CD   sing N N 24  
ARG CG  HG2  sing N N 25  
ARG CG  HG3  sing N N 26  
ARG CD  NE   sing N N 27  
ARG CD  HD2  sing N N 28  
ARG CD  HD3  sing N N 29  
ARG NE  CZ   sing N N 30  
ARG NE  HE   sing N N 31  
ARG CZ  NH1  sing N N 32  
ARG CZ  NH2  doub N N 33  
ARG NH1 HH11 sing N N 34  
ARG NH1 HH12 sing N N 35  
ARG NH2 HH21 sing N N 36  
ARG NH2 HH22 sing N N 37  
ARG OXT HXT  sing N N 38  
ASN N   CA   sing N N 39  
ASN N   H    sing N N 40  
ASN N   H2   sing N N 41  
ASN CA  C    sing N N 42  
ASN CA  CB   sing N N 43  
ASN CA  HA   sing N N 44  
ASN C   O    doub N N 45  
ASN C   OXT  sing N N 46  
ASN CB  CG   sing N N 47  
ASN CB  HB2  sing N N 48  
ASN CB  HB3  sing N N 49  
ASN CG  OD1  doub N N 50  
ASN CG  ND2  sing N N 51  
ASN ND2 HD21 sing N N 52  
ASN ND2 HD22 sing N N 53  
ASN OXT HXT  sing N N 54  
ASP N   CA   sing N N 55  
ASP N   H    sing N N 56  
ASP N   H2   sing N N 57  
ASP CA  C    sing N N 58  
ASP CA  CB   sing N N 59  
ASP CA  HA   sing N N 60  
ASP C   O    doub N N 61  
ASP C   OXT  sing N N 62  
ASP CB  CG   sing N N 63  
ASP CB  HB2  sing N N 64  
ASP CB  HB3  sing N N 65  
ASP CG  OD1  doub N N 66  
ASP CG  OD2  sing N N 67  
ASP OD2 HD2  sing N N 68  
ASP OXT HXT  sing N N 69  
GLN N   CA   sing N N 70  
GLN N   H    sing N N 71  
GLN N   H2   sing N N 72  
GLN CA  C    sing N N 73  
GLN CA  CB   sing N N 74  
GLN CA  HA   sing N N 75  
GLN C   O    doub N N 76  
GLN C   OXT  sing N N 77  
GLN CB  CG   sing N N 78  
GLN CB  HB2  sing N N 79  
GLN CB  HB3  sing N N 80  
GLN CG  CD   sing N N 81  
GLN CG  HG2  sing N N 82  
GLN CG  HG3  sing N N 83  
GLN CD  OE1  doub N N 84  
GLN CD  NE2  sing N N 85  
GLN NE2 HE21 sing N N 86  
GLN NE2 HE22 sing N N 87  
GLN OXT HXT  sing N N 88  
GLU N   CA   sing N N 89  
GLU N   H    sing N N 90  
GLU N   H2   sing N N 91  
GLU CA  C    sing N N 92  
GLU CA  CB   sing N N 93  
GLU CA  HA   sing N N 94  
GLU C   O    doub N N 95  
GLU C   OXT  sing N N 96  
GLU CB  CG   sing N N 97  
GLU CB  HB2  sing N N 98  
GLU CB  HB3  sing N N 99  
GLU CG  CD   sing N N 100 
GLU CG  HG2  sing N N 101 
GLU CG  HG3  sing N N 102 
GLU CD  OE1  doub N N 103 
GLU CD  OE2  sing N N 104 
GLU OE2 HE2  sing N N 105 
GLU OXT HXT  sing N N 106 
GLY N   CA   sing N N 107 
GLY N   H    sing N N 108 
GLY N   H2   sing N N 109 
GLY CA  C    sing N N 110 
GLY CA  HA2  sing N N 111 
GLY CA  HA3  sing N N 112 
GLY C   O    doub N N 113 
GLY C   OXT  sing N N 114 
GLY OXT HXT  sing N N 115 
HIS N   CA   sing N N 116 
HIS N   H    sing N N 117 
HIS N   H2   sing N N 118 
HIS CA  C    sing N N 119 
HIS CA  CB   sing N N 120 
HIS CA  HA   sing N N 121 
HIS C   O    doub N N 122 
HIS C   OXT  sing N N 123 
HIS CB  CG   sing N N 124 
HIS CB  HB2  sing N N 125 
HIS CB  HB3  sing N N 126 
HIS CG  ND1  sing Y N 127 
HIS CG  CD2  doub Y N 128 
HIS ND1 CE1  doub Y N 129 
HIS ND1 HD1  sing N N 130 
HIS CD2 NE2  sing Y N 131 
HIS CD2 HD2  sing N N 132 
HIS CE1 NE2  sing Y N 133 
HIS CE1 HE1  sing N N 134 
HIS NE2 HE2  sing N N 135 
HIS OXT HXT  sing N N 136 
HOH O   H1   sing N N 137 
HOH O   H2   sing N N 138 
ILE N   CA   sing N N 139 
ILE N   H    sing N N 140 
ILE N   H2   sing N N 141 
ILE CA  C    sing N N 142 
ILE CA  CB   sing N N 143 
ILE CA  HA   sing N N 144 
ILE C   O    doub N N 145 
ILE C   OXT  sing N N 146 
ILE CB  CG1  sing N N 147 
ILE CB  CG2  sing N N 148 
ILE CB  HB   sing N N 149 
ILE CG1 CD1  sing N N 150 
ILE CG1 HG12 sing N N 151 
ILE CG1 HG13 sing N N 152 
ILE CG2 HG21 sing N N 153 
ILE CG2 HG22 sing N N 154 
ILE CG2 HG23 sing N N 155 
ILE CD1 HD11 sing N N 156 
ILE CD1 HD12 sing N N 157 
ILE CD1 HD13 sing N N 158 
ILE OXT HXT  sing N N 159 
LEU N   CA   sing N N 160 
LEU N   H    sing N N 161 
LEU N   H2   sing N N 162 
LEU CA  C    sing N N 163 
LEU CA  CB   sing N N 164 
LEU CA  HA   sing N N 165 
LEU C   O    doub N N 166 
LEU C   OXT  sing N N 167 
LEU CB  CG   sing N N 168 
LEU CB  HB2  sing N N 169 
LEU CB  HB3  sing N N 170 
LEU CG  CD1  sing N N 171 
LEU CG  CD2  sing N N 172 
LEU CG  HG   sing N N 173 
LEU CD1 HD11 sing N N 174 
LEU CD1 HD12 sing N N 175 
LEU CD1 HD13 sing N N 176 
LEU CD2 HD21 sing N N 177 
LEU CD2 HD22 sing N N 178 
LEU CD2 HD23 sing N N 179 
LEU OXT HXT  sing N N 180 
LYS N   CA   sing N N 181 
LYS N   H    sing N N 182 
LYS N   H2   sing N N 183 
LYS CA  C    sing N N 184 
LYS CA  CB   sing N N 185 
LYS CA  HA   sing N N 186 
LYS C   O    doub N N 187 
LYS C   OXT  sing N N 188 
LYS CB  CG   sing N N 189 
LYS CB  HB2  sing N N 190 
LYS CB  HB3  sing N N 191 
LYS CG  CD   sing N N 192 
LYS CG  HG2  sing N N 193 
LYS CG  HG3  sing N N 194 
LYS CD  CE   sing N N 195 
LYS CD  HD2  sing N N 196 
LYS CD  HD3  sing N N 197 
LYS CE  NZ   sing N N 198 
LYS CE  HE2  sing N N 199 
LYS CE  HE3  sing N N 200 
LYS NZ  HZ1  sing N N 201 
LYS NZ  HZ2  sing N N 202 
LYS NZ  HZ3  sing N N 203 
LYS OXT HXT  sing N N 204 
MET N   CA   sing N N 205 
MET N   H    sing N N 206 
MET N   H2   sing N N 207 
MET CA  C    sing N N 208 
MET CA  CB   sing N N 209 
MET CA  HA   sing N N 210 
MET C   O    doub N N 211 
MET C   OXT  sing N N 212 
MET CB  CG   sing N N 213 
MET CB  HB2  sing N N 214 
MET CB  HB3  sing N N 215 
MET CG  SD   sing N N 216 
MET CG  HG2  sing N N 217 
MET CG  HG3  sing N N 218 
MET SD  CE   sing N N 219 
MET CE  HE1  sing N N 220 
MET CE  HE2  sing N N 221 
MET CE  HE3  sing N N 222 
MET OXT HXT  sing N N 223 
PHE N   CA   sing N N 224 
PHE N   H    sing N N 225 
PHE N   H2   sing N N 226 
PHE CA  C    sing N N 227 
PHE CA  CB   sing N N 228 
PHE CA  HA   sing N N 229 
PHE C   O    doub N N 230 
PHE C   OXT  sing N N 231 
PHE CB  CG   sing N N 232 
PHE CB  HB2  sing N N 233 
PHE CB  HB3  sing N N 234 
PHE CG  CD1  doub Y N 235 
PHE CG  CD2  sing Y N 236 
PHE CD1 CE1  sing Y N 237 
PHE CD1 HD1  sing N N 238 
PHE CD2 CE2  doub Y N 239 
PHE CD2 HD2  sing N N 240 
PHE CE1 CZ   doub Y N 241 
PHE CE1 HE1  sing N N 242 
PHE CE2 CZ   sing Y N 243 
PHE CE2 HE2  sing N N 244 
PHE CZ  HZ   sing N N 245 
PHE OXT HXT  sing N N 246 
PRO N   CA   sing N N 247 
PRO N   CD   sing N N 248 
PRO N   H    sing N N 249 
PRO CA  C    sing N N 250 
PRO CA  CB   sing N N 251 
PRO CA  HA   sing N N 252 
PRO C   O    doub N N 253 
PRO C   OXT  sing N N 254 
PRO CB  CG   sing N N 255 
PRO CB  HB2  sing N N 256 
PRO CB  HB3  sing N N 257 
PRO CG  CD   sing N N 258 
PRO CG  HG2  sing N N 259 
PRO CG  HG3  sing N N 260 
PRO CD  HD2  sing N N 261 
PRO CD  HD3  sing N N 262 
PRO OXT HXT  sing N N 263 
SER N   CA   sing N N 264 
SER N   H    sing N N 265 
SER N   H2   sing N N 266 
SER CA  C    sing N N 267 
SER CA  CB   sing N N 268 
SER CA  HA   sing N N 269 
SER C   O    doub N N 270 
SER C   OXT  sing N N 271 
SER CB  OG   sing N N 272 
SER CB  HB2  sing N N 273 
SER CB  HB3  sing N N 274 
SER OG  HG   sing N N 275 
SER OXT HXT  sing N N 276 
THR N   CA   sing N N 277 
THR N   H    sing N N 278 
THR N   H2   sing N N 279 
THR CA  C    sing N N 280 
THR CA  CB   sing N N 281 
THR CA  HA   sing N N 282 
THR C   O    doub N N 283 
THR C   OXT  sing N N 284 
THR CB  OG1  sing N N 285 
THR CB  CG2  sing N N 286 
THR CB  HB   sing N N 287 
THR OG1 HG1  sing N N 288 
THR CG2 HG21 sing N N 289 
THR CG2 HG22 sing N N 290 
THR CG2 HG23 sing N N 291 
THR OXT HXT  sing N N 292 
TRP N   CA   sing N N 293 
TRP N   H    sing N N 294 
TRP N   H2   sing N N 295 
TRP CA  C    sing N N 296 
TRP CA  CB   sing N N 297 
TRP CA  HA   sing N N 298 
TRP C   O    doub N N 299 
TRP C   OXT  sing N N 300 
TRP CB  CG   sing N N 301 
TRP CB  HB2  sing N N 302 
TRP CB  HB3  sing N N 303 
TRP CG  CD1  doub Y N 304 
TRP CG  CD2  sing Y N 305 
TRP CD1 NE1  sing Y N 306 
TRP CD1 HD1  sing N N 307 
TRP CD2 CE2  doub Y N 308 
TRP CD2 CE3  sing Y N 309 
TRP NE1 CE2  sing Y N 310 
TRP NE1 HE1  sing N N 311 
TRP CE2 CZ2  sing Y N 312 
TRP CE3 CZ3  doub Y N 313 
TRP CE3 HE3  sing N N 314 
TRP CZ2 CH2  doub Y N 315 
TRP CZ2 HZ2  sing N N 316 
TRP CZ3 CH2  sing Y N 317 
TRP CZ3 HZ3  sing N N 318 
TRP CH2 HH2  sing N N 319 
TRP OXT HXT  sing N N 320 
TYR N   CA   sing N N 321 
TYR N   H    sing N N 322 
TYR N   H2   sing N N 323 
TYR CA  C    sing N N 324 
TYR CA  CB   sing N N 325 
TYR CA  HA   sing N N 326 
TYR C   O    doub N N 327 
TYR C   OXT  sing N N 328 
TYR CB  CG   sing N N 329 
TYR CB  HB2  sing N N 330 
TYR CB  HB3  sing N N 331 
TYR CG  CD1  doub Y N 332 
TYR CG  CD2  sing Y N 333 
TYR CD1 CE1  sing Y N 334 
TYR CD1 HD1  sing N N 335 
TYR CD2 CE2  doub Y N 336 
TYR CD2 HD2  sing N N 337 
TYR CE1 CZ   doub Y N 338 
TYR CE1 HE1  sing N N 339 
TYR CE2 CZ   sing Y N 340 
TYR CE2 HE2  sing N N 341 
TYR CZ  OH   sing N N 342 
TYR OH  HH   sing N N 343 
TYR OXT HXT  sing N N 344 
VAL N   CA   sing N N 345 
VAL N   H    sing N N 346 
VAL N   H2   sing N N 347 
VAL CA  C    sing N N 348 
VAL CA  CB   sing N N 349 
VAL CA  HA   sing N N 350 
VAL C   O    doub N N 351 
VAL C   OXT  sing N N 352 
VAL CB  CG1  sing N N 353 
VAL CB  CG2  sing N N 354 
VAL CB  HB   sing N N 355 
VAL CG1 HG11 sing N N 356 
VAL CG1 HG12 sing N N 357 
VAL CG1 HG13 sing N N 358 
VAL CG2 HG21 sing N N 359 
VAL CG2 HG22 sing N N 360 
VAL CG2 HG23 sing N N 361 
VAL OXT HXT  sing N N 362 
# 
_atom_sites.entry_id                    1NCG 
_atom_sites.fract_transf_matrix[1][1]   -0.00199159 
_atom_sites.fract_transf_matrix[1][2]   -0.00184489 
_atom_sites.fract_transf_matrix[1][3]   -0.01463073 
_atom_sites.fract_transf_matrix[2][1]   -0.01034826 
_atom_sites.fract_transf_matrix[2][2]   -0.00947033 
_atom_sites.fract_transf_matrix[2][3]   -0.00496394 
_atom_sites.fract_transf_matrix[3][1]   -0.00900934 
_atom_sites.fract_transf_matrix[3][2]   0.00985295 
_atom_sites.fract_transf_matrix[3][3]   -0.00001604 
_atom_sites.fract_transf_vector[1]      0.395841 
_atom_sites.fract_transf_vector[2]      0.387506 
_atom_sites.fract_transf_vector[3]      0.153331 
# 
loop_
_atom_sites_footnote.id 
_atom_sites_footnote.text 
1 'CIS PROLINE - PRO      16' 
2 'CIS PROLINE - PRO      18' 
3 'CIS PROLINE - PRO      47' 
# 
loop_
_atom_type.symbol 
C  
N  
O  
YB 
# 
loop_
_atom_site.group_PDB 
_atom_site.id 
_atom_site.type_symbol 
_atom_site.label_atom_id 
_atom_site.label_alt_id 
_atom_site.label_comp_id 
_atom_site.label_asym_id 
_atom_site.label_entity_id 
_atom_site.label_seq_id 
_atom_site.pdbx_PDB_ins_code 
_atom_site.Cartn_x 
_atom_site.Cartn_y 
_atom_site.Cartn_z 
_atom_site.occupancy 
_atom_site.B_iso_or_equiv 
_atom_site.pdbx_formal_charge 
_atom_site.auth_seq_id 
_atom_site.auth_comp_id 
_atom_site.auth_asym_id 
_atom_site.auth_atom_id 
_atom_site.pdbx_PDB_model_num 
ATOM   1   N  N   . ASP A 1 3   ? 0.489   -17.566 -6.696  1.00 32.79 ? 1   ASP A N   1 
ATOM   2   C  CA  . ASP A 1 3   ? -0.201  -17.360 -5.416  1.00 31.89 ? 1   ASP A CA  1 
ATOM   3   C  C   . ASP A 1 3   ? 0.750   -17.110 -4.266  1.00 31.52 ? 1   ASP A C   1 
ATOM   4   O  O   . ASP A 1 3   ? 0.437   -17.421 -3.109  1.00 32.78 ? 1   ASP A O   1 
ATOM   5   N  N   . TRP A 1 4   ? 1.900   -16.526 -4.559  1.00 30.27 ? 2   TRP A N   1 
ATOM   6   C  CA  . TRP A 1 4   ? 2.867   -16.186 -3.522  1.00 29.08 ? 2   TRP A CA  1 
ATOM   7   C  C   . TRP A 1 4   ? 2.257   -15.057 -2.694  1.00 29.38 ? 2   TRP A C   1 
ATOM   8   O  O   . TRP A 1 4   ? 1.752   -14.098 -3.255  1.00 28.70 ? 2   TRP A O   1 
ATOM   9   C  CB  . TRP A 1 4   ? 4.157   -15.678 -4.167  1.00 28.06 ? 2   TRP A CB  1 
ATOM   10  C  CG  . TRP A 1 4   ? 4.962   -16.737 -4.843  1.00 27.37 ? 2   TRP A CG  1 
ATOM   11  C  CD1 . TRP A 1 4   ? 5.173   -16.872 -6.183  1.00 26.70 ? 2   TRP A CD1 1 
ATOM   12  C  CD2 . TRP A 1 4   ? 5.659   -17.828 -4.219  1.00 26.48 ? 2   TRP A CD2 1 
ATOM   13  N  NE1 . TRP A 1 4   ? 5.941   -17.982 -6.430  1.00 26.37 ? 2   TRP A NE1 1 
ATOM   14  C  CE2 . TRP A 1 4   ? 6.258   -18.583 -5.240  1.00 27.51 ? 2   TRP A CE2 1 
ATOM   15  C  CE3 . TRP A 1 4   ? 5.827   -18.223 -2.894  1.00 27.18 ? 2   TRP A CE3 1 
ATOM   16  C  CZ2 . TRP A 1 4   ? 7.022   -19.730 -4.989  1.00 26.12 ? 2   TRP A CZ2 1 
ATOM   17  C  CZ3 . TRP A 1 4   ? 6.600   -19.376 -2.636  1.00 28.05 ? 2   TRP A CZ3 1 
ATOM   18  C  CH2 . TRP A 1 4   ? 7.186   -20.101 -3.685  1.00 27.17 ? 2   TRP A CH2 1 
ATOM   19  N  N   . VAL A 1 5   ? 2.279   -15.180 -1.372  1.00 28.93 ? 3   VAL A N   1 
ATOM   20  C  CA  . VAL A 1 5   ? 1.739   -14.129 -0.506  1.00 29.14 ? 3   VAL A CA  1 
ATOM   21  C  C   . VAL A 1 5   ? 2.891   -13.205 -0.144  1.00 28.02 ? 3   VAL A C   1 
ATOM   22  O  O   . VAL A 1 5   ? 3.993   -13.664 0.214   1.00 28.27 ? 3   VAL A O   1 
ATOM   23  C  CB  . VAL A 1 5   ? 1.036   -14.680 0.792   1.00 29.43 ? 3   VAL A CB  1 
ATOM   24  C  CG1 . VAL A 1 5   ? 0.840   -16.167 0.739   1.00 30.64 ? 3   VAL A CG1 1 
ATOM   25  C  CG2 . VAL A 1 5   ? 1.772   -14.292 2.046   1.00 30.47 ? 3   VAL A CG2 1 
ATOM   26  N  N   . ILE A 1 6   ? 2.668   -11.902 -0.269  1.00 26.19 ? 4   ILE A N   1 
ATOM   27  C  CA  . ILE A 1 6   ? 3.720   -10.953 0.044   1.00 24.98 ? 4   ILE A CA  1 
ATOM   28  C  C   . ILE A 1 6   ? 3.854   -10.994 1.555   1.00 25.45 ? 4   ILE A C   1 
ATOM   29  O  O   . ILE A 1 6   ? 2.849   -11.135 2.265   1.00 25.02 ? 4   ILE A O   1 
ATOM   30  C  CB  . ILE A 1 6   ? 3.330   -9.524  -0.457  1.00 25.48 ? 4   ILE A CB  1 
ATOM   31  C  CG1 . ILE A 1 6   ? 4.436   -8.464  -0.257  1.00 24.50 ? 4   ILE A CG1 1 
ATOM   32  C  CG2 . ILE A 1 6   ? 2.096   -9.085  0.238   1.00 27.32 ? 4   ILE A CG2 1 
ATOM   33  C  CD1 . ILE A 1 6   ? 3.991   -6.969  -0.680  1.00 20.73 ? 4   ILE A CD1 1 
ATOM   34  N  N   . PRO A 1 7   ? 5.097   -11.005 2.067   1.00 25.59 ? 5   PRO A N   1 
ATOM   35  C  CA  . PRO A 1 7   ? 5.300   -11.035 3.516   1.00 25.45 ? 5   PRO A CA  1 
ATOM   36  C  C   . PRO A 1 7   ? 4.770   -9.744  4.115   1.00 26.10 ? 5   PRO A C   1 
ATOM   37  O  O   . PRO A 1 7   ? 4.978   -8.665  3.555   1.00 24.94 ? 5   PRO A O   1 
ATOM   38  C  CB  . PRO A 1 7   ? 6.816   -11.024 3.644   1.00 25.69 ? 5   PRO A CB  1 
ATOM   39  C  CG  . PRO A 1 7   ? 7.273   -11.721 2.427   1.00 25.83 ? 5   PRO A CG  1 
ATOM   40  C  CD  . PRO A 1 7   ? 6.383   -11.108 1.363   1.00 25.83 ? 5   PRO A CD  1 
ATOM   41  N  N   . PRO A 1 8   ? 4.214   -9.826  5.330   1.00 26.63 ? 6   PRO A N   1 
ATOM   42  C  CA  . PRO A 1 8   ? 3.657   -8.676  6.053   1.00 26.50 ? 6   PRO A CA  1 
ATOM   43  C  C   . PRO A 1 8   ? 4.763   -7.702  6.354   1.00 27.02 ? 6   PRO A C   1 
ATOM   44  O  O   . PRO A 1 8   ? 5.923   -8.115  6.542   1.00 27.51 ? 6   PRO A O   1 
ATOM   45  C  CB  . PRO A 1 8   ? 3.150   -9.297  7.350   1.00 26.44 ? 6   PRO A CB  1 
ATOM   46  C  CG  . PRO A 1 8   ? 2.799   -10.714 6.940   1.00 27.76 ? 6   PRO A CG  1 
ATOM   47  C  CD  . PRO A 1 8   ? 4.018   -11.065 6.098   1.00 27.62 ? 6   PRO A CD  1 
ATOM   48  N  N   . ILE A 1 9   ? 4.433   -6.415  6.358   1.00 25.81 ? 7   ILE A N   1 
ATOM   49  C  CA  . ILE A 1 9   ? 5.413   -5.407  6.667   1.00 26.14 ? 7   ILE A CA  1 
ATOM   50  C  C   . ILE A 1 9   ? 5.219   -5.200  8.162   1.00 25.68 ? 7   ILE A C   1 
ATOM   51  O  O   . ILE A 1 9   ? 4.161   -5.490  8.692   1.00 24.57 ? 7   ILE A O   1 
ATOM   52  C  CB  . ILE A 1 9   ? 5.113   -4.036  6.016   1.00 27.10 ? 7   ILE A CB  1 
ATOM   53  C  CG1 . ILE A 1 9   ? 4.998   -4.076  4.489   1.00 28.29 ? 7   ILE A CG1 1 
ATOM   54  C  CG2 . ILE A 1 9   ? 6.213   -3.037  6.399   1.00 29.09 ? 7   ILE A CG2 1 
ATOM   55  C  CD1 . ILE A 1 9   ? 4.725   -2.632  3.893   1.00 24.14 ? 7   ILE A CD1 1 
ATOM   56  N  N   . ASN A 1 10  ? 6.244   -4.731  8.849   1.00 25.75 ? 8   ASN A N   1 
ATOM   57  C  CA  . ASN A 1 10  ? 6.118   -4.474  10.273  1.00 26.93 ? 8   ASN A CA  1 
ATOM   58  C  C   . ASN A 1 10  ? 6.545   -3.033  10.458  1.00 27.13 ? 8   ASN A C   1 
ATOM   59  O  O   . ASN A 1 10  ? 7.634   -2.664  10.037  1.00 27.84 ? 8   ASN A O   1 
ATOM   60  C  CB  . ASN A 1 10  ? 7.004   -5.416  11.087  1.00 27.85 ? 8   ASN A CB  1 
ATOM   61  C  CG  . ASN A 1 10  ? 6.563   -6.848  10.981  1.00 28.21 ? 8   ASN A CG  1 
ATOM   62  O  OD1 . ASN A 1 10  ? 5.694   -7.290  11.731  1.00 28.54 ? 8   ASN A OD1 1 
ATOM   63  N  ND2 . ASN A 1 10  ? 7.163   -7.592  10.054  1.00 29.59 ? 8   ASN A ND2 1 
ATOM   64  N  N   . LEU A 1 11  ? 5.657   -2.196  10.991  1.00 26.88 ? 9   LEU A N   1 
ATOM   65  C  CA  . LEU A 1 11  ? 5.974   -0.787  11.190  1.00 26.20 ? 9   LEU A CA  1 
ATOM   66  C  C   . LEU A 1 11  ? 5.826   -0.396  12.634  1.00 25.20 ? 9   LEU A C   1 
ATOM   67  O  O   . LEU A 1 11  ? 4.831   -0.714  13.274  1.00 23.61 ? 9   LEU A O   1 
ATOM   68  C  CB  . LEU A 1 11  ? 5.053   0.136   10.374  1.00 26.34 ? 9   LEU A CB  1 
ATOM   69  C  CG  . LEU A 1 11  ? 4.857   0.074   8.881   1.00 27.77 ? 9   LEU A CG  1 
ATOM   70  C  CD1 . LEU A 1 11  ? 4.288   1.469   8.516   1.00 28.23 ? 9   LEU A CD1 1 
ATOM   71  C  CD2 . LEU A 1 11  ? 6.175   -0.168  8.099   1.00 27.62 ? 9   LEU A CD2 1 
ATOM   72  N  N   . PRO A 1 12  ? 6.861   0.237   13.195  1.00 25.29 ? 10  PRO A N   1 
ATOM   73  C  CA  . PRO A 1 12  ? 6.686   0.603   14.578  1.00 24.61 ? 10  PRO A CA  1 
ATOM   74  C  C   . PRO A 1 12  ? 5.787   1.826   14.638  1.00 24.81 ? 10  PRO A C   1 
ATOM   75  O  O   . PRO A 1 12  ? 5.685   2.596   13.675  1.00 24.27 ? 10  PRO A O   1 
ATOM   76  C  CB  . PRO A 1 12  ? 8.106   0.902   15.034  1.00 25.70 ? 10  PRO A CB  1 
ATOM   77  C  CG  . PRO A 1 12  ? 8.774   1.367   13.821  1.00 26.16 ? 10  PRO A CG  1 
ATOM   78  C  CD  . PRO A 1 12  ? 8.255   0.445   12.758  1.00 25.86 ? 10  PRO A CD  1 
ATOM   79  N  N   . GLU A 1 13  ? 5.069   1.908   15.746  1.00 25.08 ? 11  GLU A N   1 
ATOM   80  C  CA  . GLU A 1 13  ? 4.172   3.007   16.059  1.00 24.68 ? 11  GLU A CA  1 
ATOM   81  C  C   . GLU A 1 13  ? 5.019   4.238   16.308  1.00 25.78 ? 11  GLU A C   1 
ATOM   82  O  O   . GLU A 1 13  ? 6.250   4.179   16.270  1.00 26.20 ? 11  GLU A O   1 
ATOM   83  C  CB  . GLU A 1 13  ? 3.362   2.673   17.309  1.00 24.13 ? 11  GLU A CB  1 
ATOM   84  C  CG  . GLU A 1 13  ? 4.151   2.364   18.572  1.00 22.50 ? 11  GLU A CG  1 
ATOM   85  C  CD  . GLU A 1 13  ? 3.274   2.205   19.807  1.00 22.74 ? 11  GLU A CD  1 
ATOM   86  O  OE1 . GLU A 1 13  ? 2.043   2.100   19.724  1.00 22.09 ? 11  GLU A OE1 1 
ATOM   87  O  OE2 . GLU A 1 13  ? 3.776   2.202   20.943  1.00 22.92 ? 11  GLU A OE2 1 
ATOM   88  N  N   . ASN A 1 14  ? 4.363   5.367   16.525  1.00 26.69 ? 12  ASN A N   1 
ATOM   89  C  CA  . ASN A 1 14  ? 5.043   6.610   16.825  1.00 27.27 ? 12  ASN A CA  1 
ATOM   90  C  C   . ASN A 1 14  ? 6.187   7.024   15.937  1.00 27.75 ? 12  ASN A C   1 
ATOM   91  O  O   . ASN A 1 14  ? 7.117   7.691   16.385  1.00 28.30 ? 12  ASN A O   1 
ATOM   92  C  CB  . ASN A 1 14  ? 5.497   6.624   18.279  1.00 27.65 ? 12  ASN A CB  1 
ATOM   93  C  CG  . ASN A 1 14  ? 4.438   6.120   19.202  1.00 28.01 ? 12  ASN A CG  1 
ATOM   94  O  OD1 . ASN A 1 14  ? 3.306   6.590   19.180  1.00 29.45 ? 12  ASN A OD1 1 
ATOM   95  N  ND2 . ASN A 1 14  ? 4.779   5.114   19.992  1.00 29.17 ? 12  ASN A ND2 1 
ATOM   96  N  N   . SER A 1 15  ? 6.097   6.709   14.660  1.00 28.22 ? 13  SER A N   1 
ATOM   97  C  CA  . SER A 1 15  ? 7.140   7.141   13.752  1.00 29.35 ? 13  SER A CA  1 
ATOM   98  C  C   . SER A 1 15  ? 7.106   8.657   13.698  1.00 31.19 ? 13  SER A C   1 
ATOM   99  O  O   . SER A 1 15  ? 6.027   9.269   13.660  1.00 31.33 ? 13  SER A O   1 
ATOM   100 C  CB  . SER A 1 15  ? 6.907   6.607   12.365  1.00 28.45 ? 13  SER A CB  1 
ATOM   101 O  OG  . SER A 1 15  ? 7.865   7.152   11.479  1.00 28.90 ? 13  SER A OG  1 
ATOM   102 N  N   . ARG A 1 16  ? 8.287   9.261   13.692  1.00 32.14 ? 14  ARG A N   1 
ATOM   103 C  CA  . ARG A 1 16  ? 8.403   10.713  13.608  1.00 33.08 ? 14  ARG A CA  1 
ATOM   104 C  C   . ARG A 1 16  ? 8.425   11.166  12.158  1.00 32.35 ? 14  ARG A C   1 
ATOM   105 O  O   . ARG A 1 16  ? 8.581   12.343  11.868  1.00 32.44 ? 14  ARG A O   1 
ATOM   106 C  CB  . ARG A 1 16  ? 9.671   11.165  14.319  1.00 34.86 ? 14  ARG A CB  1 
ATOM   107 C  CG  . ARG A 1 16  ? 9.491   11.402  15.806  1.00 38.20 ? 14  ARG A CG  1 
ATOM   108 C  CD  . ARG A 1 16  ? 10.847  11.567  16.466  1.00 42.81 ? 14  ARG A CD  1 
ATOM   109 N  NE  . ARG A 1 16  ? 10.760  12.287  17.746  1.00 46.60 ? 14  ARG A NE  1 
ATOM   110 C  CZ  . ARG A 1 16  ? 11.815  12.757  18.410  1.00 48.46 ? 14  ARG A CZ  1 
ATOM   111 N  NH1 . ARG A 1 16  ? 13.046  12.580  17.916  1.00 49.64 ? 14  ARG A NH1 1 
ATOM   112 N  NH2 . ARG A 1 16  ? 11.633  13.465  19.528  1.00 50.00 ? 14  ARG A NH2 1 
ATOM   113 N  N   . GLY A 1 17  ? 8.200   10.234  11.247  1.00 32.05 ? 15  GLY A N   1 
ATOM   114 C  CA  . GLY A 1 17  ? 8.230   10.582  9.845   1.00 32.02 ? 15  GLY A CA  1 
ATOM   115 C  C   . GLY A 1 17  ? 9.621   11.076  9.462   1.00 32.45 ? 15  GLY A C   1 
ATOM   116 O  O   . GLY A 1 17  ? 10.611  10.518  9.966   1.00 32.33 ? 15  GLY A O   1 
ATOM   117 N  N   . PRO A 1 18  ? 9.755   12.175  8.678   1.00 31.53 ? 16  PRO A N   1 
ATOM   118 C  CA  . PRO A 1 18  ? 8.731   13.038  8.076   1.00 30.70 ? 16  PRO A CA  1 
ATOM   119 C  C   . PRO A 1 18  ? 7.628   12.294  7.334   1.00 29.31 ? 16  PRO A C   1 
ATOM   120 O  O   . PRO A 1 18  ? 7.813   11.151  6.949   1.00 29.87 ? 16  PRO A O   1 
ATOM   121 C  CB  . PRO A 1 18  ? 9.547   13.950  7.153   1.00 30.54 ? 16  PRO A CB  1 
ATOM   122 C  CG  . PRO A 1 18  ? 10.833  13.212  6.923   1.00 32.01 ? 16  PRO A CG  1 
ATOM   123 C  CD  . PRO A 1 18  ? 11.095  12.655  8.302   1.00 31.46 ? 16  PRO A CD  1 
ATOM   124 N  N   . PHE A 1 19  ? 6.464   12.928  7.167   1.00 27.94 ? 17  PHE A N   1 
ATOM   125 C  CA  . PHE A 1 19  ? 5.318   12.313  6.480   1.00 25.78 ? 17  PHE A CA  1 
ATOM   126 C  C   . PHE A 1 19  ? 4.893   13.127  5.267   1.00 25.85 ? 17  PHE A C   1 
ATOM   127 O  O   . PHE A 1 19  ? 4.858   14.334  5.335   1.00 26.71 ? 17  PHE A O   1 
ATOM   128 C  CB  . PHE A 1 19  ? 4.133   12.161  7.449   1.00 24.43 ? 17  PHE A CB  1 
ATOM   129 C  CG  . PHE A 1 19  ? 4.415   11.258  8.610   1.00 22.57 ? 17  PHE A CG  1 
ATOM   130 C  CD1 . PHE A 1 19  ? 4.485   9.881   8.436   1.00 21.99 ? 17  PHE A CD1 1 
ATOM   131 C  CD2 . PHE A 1 19  ? 4.647   11.776  9.863   1.00 21.29 ? 17  PHE A CD2 1 
ATOM   132 C  CE1 . PHE A 1 19  ? 4.782   9.056   9.481   1.00 21.58 ? 17  PHE A CE1 1 
ATOM   133 C  CE2 . PHE A 1 19  ? 4.944   10.945  10.913  1.00 22.16 ? 17  PHE A CE2 1 
ATOM   134 C  CZ  . PHE A 1 19  ? 5.010   9.576   10.725  1.00 22.23 ? 17  PHE A CZ  1 
ATOM   135 N  N   . PRO A 1 20  ? 4.511   12.482  4.158   1.00 25.52 ? 18  PRO A N   1 
ATOM   136 C  CA  . PRO A 1 20  ? 4.414   11.037  3.888   1.00 24.84 ? 18  PRO A CA  1 
ATOM   137 C  C   . PRO A 1 20  ? 5.726   10.306  4.094   1.00 24.77 ? 18  PRO A C   1 
ATOM   138 O  O   . PRO A 1 20  ? 6.778   10.836  3.775   1.00 23.73 ? 18  PRO A O   1 
ATOM   139 C  CB  . PRO A 1 20  ? 4.046   10.982  2.408   1.00 24.83 ? 18  PRO A CB  1 
ATOM   140 C  CG  . PRO A 1 20  ? 3.493   12.319  2.106   1.00 24.83 ? 18  PRO A CG  1 
ATOM   141 C  CD  . PRO A 1 20  ? 4.321   13.249  2.918   1.00 25.09 ? 18  PRO A CD  1 
ATOM   142 N  N   . GLN A 1 21  ? 5.646   9.088   4.623   1.00 24.94 ? 19  GLN A N   1 
ATOM   143 C  CA  . GLN A 1 21  ? 6.833   8.271   4.858   1.00 25.49 ? 19  GLN A CA  1 
ATOM   144 C  C   . GLN A 1 21  ? 6.796   7.030   3.983   1.00 25.87 ? 19  GLN A C   1 
ATOM   145 O  O   . GLN A 1 21  ? 6.002   6.136   4.207   1.00 24.54 ? 19  GLN A O   1 
ATOM   146 C  CB  . GLN A 1 21  ? 6.935   7.862   6.317   1.00 25.93 ? 19  GLN A CB  1 
ATOM   147 C  CG  . GLN A 1 21  ? 8.137   6.973   6.586   1.00 28.67 ? 19  GLN A CG  1 
ATOM   148 C  CD  . GLN A 1 21  ? 8.583   6.993   8.018   1.00 29.45 ? 19  GLN A CD  1 
ATOM   149 O  OE1 . GLN A 1 21  ? 8.003   6.329   8.875   1.00 31.49 ? 19  GLN A OE1 1 
ATOM   150 N  NE2 . GLN A 1 21  ? 9.628   7.750   8.294   1.00 31.10 ? 19  GLN A NE2 1 
ATOM   151 N  N   . GLU A 1 22  ? 7.685   7.012   2.995   1.00 26.99 ? 20  GLU A N   1 
ATOM   152 C  CA  . GLU A 1 22  ? 7.861   5.936   2.030   1.00 28.66 ? 20  GLU A CA  1 
ATOM   153 C  C   . GLU A 1 22  ? 8.175   4.641   2.784   1.00 28.85 ? 20  GLU A C   1 
ATOM   154 O  O   . GLU A 1 22  ? 9.114   4.590   3.583   1.00 29.27 ? 20  GLU A O   1 
ATOM   155 C  CB  . GLU A 1 22  ? 9.020   6.341   1.133   1.00 31.14 ? 20  GLU A CB  1 
ATOM   156 C  CG  . GLU A 1 22  ? 9.221   5.558   -0.114  1.00 35.05 ? 20  GLU A CG  1 
ATOM   157 C  CD  . GLU A 1 22  ? 10.360  6.134   -0.925  1.00 37.82 ? 20  GLU A CD  1 
ATOM   158 O  OE1 . GLU A 1 22  ? 10.150  7.203   -1.553  1.00 39.97 ? 20  GLU A OE1 1 
ATOM   159 O  OE2 . GLU A 1 22  ? 11.469  5.547   -0.906  1.00 39.48 ? 20  GLU A OE2 1 
ATOM   160 N  N   . LEU A 1 23  ? 7.374   3.609   2.542   1.00 29.15 ? 21  LEU A N   1 
ATOM   161 C  CA  . LEU A 1 23  ? 7.508   2.314   3.210   1.00 28.71 ? 21  LEU A CA  1 
ATOM   162 C  C   . LEU A 1 23  ? 8.168   1.277   2.335   1.00 29.01 ? 21  LEU A C   1 
ATOM   163 O  O   . LEU A 1 23  ? 9.303   0.842   2.598   1.00 29.65 ? 21  LEU A O   1 
ATOM   164 C  CB  . LEU A 1 23  ? 6.123   1.810   3.624   1.00 27.49 ? 21  LEU A CB  1 
ATOM   165 C  CG  . LEU A 1 23  ? 5.325   2.762   4.524   1.00 27.32 ? 21  LEU A CG  1 
ATOM   166 C  CD1 . LEU A 1 23  ? 4.088   2.053   5.060   1.00 26.10 ? 21  LEU A CD1 1 
ATOM   167 C  CD2 . LEU A 1 23  ? 6.218   3.242   5.682   1.00 26.99 ? 21  LEU A CD2 1 
ATOM   168 N  N   . VAL A 1 24  ? 7.488   0.924   1.256   1.00 29.46 ? 22  VAL A N   1 
ATOM   169 C  CA  . VAL A 1 24  ? 7.975   -0.091  0.335   1.00 29.78 ? 22  VAL A CA  1 
ATOM   170 C  C   . VAL A 1 24  ? 7.350   0.044   -1.054  1.00 30.26 ? 22  VAL A C   1 
ATOM   171 O  O   . VAL A 1 24  ? 6.206   0.514   -1.202  1.00 29.43 ? 22  VAL A O   1 
ATOM   172 C  CB  . VAL A 1 24  ? 7.702   -1.518  0.891   1.00 30.03 ? 22  VAL A CB  1 
ATOM   173 C  CG1 . VAL A 1 24  ? 6.211   -1.804  0.940   1.00 29.87 ? 22  VAL A CG1 1 
ATOM   174 C  CG2 . VAL A 1 24  ? 8.371   -2.546  0.018   1.00 30.83 ? 22  VAL A CG2 1 
ATOM   175 N  N   . ARG A 1 25  ? 8.133   -0.275  -2.076  1.00 29.74 ? 23  ARG A N   1 
ATOM   176 C  CA  . ARG A 1 25  ? 7.632   -0.208  -3.427  1.00 30.65 ? 23  ARG A CA  1 
ATOM   177 C  C   . ARG A 1 25  ? 6.858   -1.480  -3.715  1.00 31.60 ? 23  ARG A C   1 
ATOM   178 O  O   . ARG A 1 25  ? 7.330   -2.575  -3.416  1.00 32.15 ? 23  ARG A O   1 
ATOM   179 C  CB  . ARG A 1 25  ? 8.767   -0.064  -4.427  1.00 30.66 ? 23  ARG A CB  1 
ATOM   180 C  CG  . ARG A 1 25  ? 8.264   0.152   -5.830  1.00 32.04 ? 23  ARG A CG  1 
ATOM   181 C  CD  . ARG A 1 25  ? 9.379   0.362   -6.776  1.00 34.44 ? 23  ARG A CD  1 
ATOM   182 N  NE  . ARG A 1 25  ? 8.907   1.106   -7.931  1.00 38.16 ? 23  ARG A NE  1 
ATOM   183 C  CZ  . ARG A 1 25  ? 9.308   0.904   -9.183  1.00 39.62 ? 23  ARG A CZ  1 
ATOM   184 N  NH1 . ARG A 1 25  ? 10.208  -0.038  -9.469  1.00 40.91 ? 23  ARG A NH1 1 
ATOM   185 N  NH2 . ARG A 1 25  ? 8.791   1.647   -10.156 1.00 40.89 ? 23  ARG A NH2 1 
ATOM   186 N  N   . ILE A 1 26  ? 5.635   -1.335  -4.215  1.00 32.48 ? 24  ILE A N   1 
ATOM   187 C  CA  . ILE A 1 26  ? 4.793   -2.471  -4.552  1.00 32.84 ? 24  ILE A CA  1 
ATOM   188 C  C   . ILE A 1 26  ? 4.490   -2.379  -6.038  1.00 34.10 ? 24  ILE A C   1 
ATOM   189 O  O   . ILE A 1 26  ? 3.514   -1.755  -6.448  1.00 34.84 ? 24  ILE A O   1 
ATOM   190 C  CB  . ILE A 1 26  ? 3.455   -2.462  -3.776  1.00 32.46 ? 24  ILE A CB  1 
ATOM   191 C  CG1 . ILE A 1 26  ? 3.657   -2.844  -2.311  1.00 32.58 ? 24  ILE A CG1 1 
ATOM   192 C  CG2 . ILE A 1 26  ? 2.493   -3.457  -4.376  1.00 32.51 ? 24  ILE A CG2 1 
ATOM   193 C  CD1 . ILE A 1 26  ? 3.776   -1.682  -1.369  1.00 33.11 ? 24  ILE A CD1 1 
ATOM   194 N  N   . ARG A 1 27  ? 5.271   -3.066  -6.851  1.00 35.11 ? 25  ARG A N   1 
ATOM   195 C  CA  . ARG A 1 27  ? 5.056   -3.005  -8.284  1.00 36.88 ? 25  ARG A CA  1 
ATOM   196 C  C   . ARG A 1 27  ? 4.914   -4.359  -8.969  1.00 37.25 ? 25  ARG A C   1 
ATOM   197 O  O   . ARG A 1 27  ? 5.177   -5.410  -8.391  1.00 36.16 ? 25  ARG A O   1 
ATOM   198 C  CB  . ARG A 1 27  ? 6.184   -2.212  -8.952  1.00 38.97 ? 25  ARG A CB  1 
ATOM   199 C  CG  . ARG A 1 27  ? 7.517   -2.940  -8.924  1.00 40.78 ? 25  ARG A CG  1 
ATOM   200 C  CD  . ARG A 1 27  ? 8.417   -2.451  -10.026 1.00 43.75 ? 25  ARG A CD  1 
ATOM   201 N  NE  . ARG A 1 27  ? 9.321   -3.523  -10.417 1.00 47.50 ? 25  ARG A NE  1 
ATOM   202 C  CZ  . ARG A 1 27  ? 9.397   -4.037  -11.645 1.00 48.70 ? 25  ARG A CZ  1 
ATOM   203 N  NH1 . ARG A 1 27  ? 8.635   -3.562  -12.624 1.00 49.56 ? 25  ARG A NH1 1 
ATOM   204 N  NH2 . ARG A 1 27  ? 10.179  -5.091  -11.868 1.00 50.11 ? 25  ARG A NH2 1 
ATOM   205 N  N   . SER A 1 28  ? 4.452   -4.315  -10.207 1.00 38.59 ? 26  SER A N   1 
ATOM   206 C  CA  . SER A 1 28  ? 4.273   -5.507  -11.016 1.00 41.00 ? 26  SER A CA  1 
ATOM   207 C  C   . SER A 1 28  ? 5.410   -5.448  -12.018 1.00 42.45 ? 26  SER A C   1 
ATOM   208 O  O   . SER A 1 28  ? 5.547   -4.467  -12.748 1.00 42.82 ? 26  SER A O   1 
ATOM   209 C  CB  . SER A 1 28  ? 2.926   -5.454  -11.738 1.00 41.26 ? 26  SER A CB  1 
ATOM   210 O  OG  . SER A 1 28  ? 2.726   -6.589  -12.575 1.00 41.37 ? 26  SER A OG  1 
ATOM   211 N  N   . GLY A 1 29  ? 6.230   -6.486  -12.043 1.00 44.44 ? 27  GLY A N   1 
ATOM   212 C  CA  . GLY A 1 29  ? 7.356   -6.514  -12.954 1.00 46.92 ? 27  GLY A CA  1 
ATOM   213 C  C   . GLY A 1 29  ? 7.020   -6.058  -14.360 1.00 48.76 ? 27  GLY A C   1 
ATOM   214 O  O   . GLY A 1 29  ? 7.852   -5.422  -15.030 1.00 49.16 ? 27  GLY A O   1 
ATOM   215 N  N   . ARG A 1 30  ? 5.797   -6.361  -14.799 1.00 49.94 ? 28  ARG A N   1 
ATOM   216 C  CA  . ARG A 1 30  ? 5.341   -5.995  -16.139 1.00 50.67 ? 28  ARG A CA  1 
ATOM   217 C  C   . ARG A 1 30  ? 5.142   -4.488  -16.420 1.00 50.93 ? 28  ARG A C   1 
ATOM   218 O  O   . ARG A 1 30  ? 5.025   -4.094  -17.581 1.00 51.04 ? 28  ARG A O   1 
ATOM   219 C  CB  . ARG A 1 30  ? 4.063   -6.757  -16.486 1.00 50.59 ? 28  ARG A CB  1 
ATOM   220 C  CG  . ARG A 1 30  ? 2.865   -6.341  -15.682 1.00 50.89 ? 28  ARG A CG  1 
ATOM   221 C  CD  . ARG A 1 30  ? 1.627   -7.061  -16.158 1.00 51.38 ? 28  ARG A CD  1 
ATOM   222 N  NE  . ARG A 1 30  ? 1.693   -8.484  -15.864 1.00 51.88 ? 28  ARG A NE  1 
ATOM   223 C  CZ  . ARG A 1 30  ? 0.926   -9.404  -16.442 1.00 52.17 ? 28  ARG A CZ  1 
ATOM   224 N  NH1 . ARG A 1 30  ? 0.031   -9.057  -17.356 1.00 51.91 ? 28  ARG A NH1 1 
ATOM   225 N  NH2 . ARG A 1 30  ? 1.061   -10.677 -16.092 1.00 53.06 ? 28  ARG A NH2 1 
ATOM   226 N  N   . ASP A 1 31  ? 5.147   -3.649  -15.386 1.00 51.05 ? 29  ASP A N   1 
ATOM   227 C  CA  . ASP A 1 31  ? 4.950   -2.217  -15.604 1.00 51.49 ? 29  ASP A CA  1 
ATOM   228 C  C   . ASP A 1 31  ? 6.075   -1.586  -16.411 1.00 51.99 ? 29  ASP A C   1 
ATOM   229 O  O   . ASP A 1 31  ? 5.910   -0.496  -16.969 1.00 52.03 ? 29  ASP A O   1 
ATOM   230 C  CB  . ASP A 1 31  ? 4.741   -1.457  -14.277 1.00 51.59 ? 29  ASP A CB  1 
ATOM   231 C  CG  . ASP A 1 31  ? 6.018   -1.322  -13.428 1.00 51.28 ? 29  ASP A CG  1 
ATOM   232 O  OD1 . ASP A 1 31  ? 7.069   -1.928  -13.737 1.00 50.40 ? 29  ASP A OD1 1 
ATOM   233 O  OD2 . ASP A 1 31  ? 5.952   -0.586  -12.417 1.00 50.83 ? 29  ASP A OD2 1 
ATOM   234 N  N   . LYS A 1 32  ? 7.210   -2.288  -16.481 1.00 52.48 ? 30  LYS A N   1 
ATOM   235 C  CA  . LYS A 1 32  ? 8.385   -1.801  -17.205 1.00 52.75 ? 30  LYS A CA  1 
ATOM   236 C  C   . LYS A 1 32  ? 8.152   -1.772  -18.700 1.00 52.49 ? 30  LYS A C   1 
ATOM   237 O  O   . LYS A 1 32  ? 8.663   -0.893  -19.400 1.00 52.67 ? 30  LYS A O   1 
ATOM   238 C  CB  . LYS A 1 32  ? 9.615   -2.668  -16.912 1.00 53.22 ? 30  LYS A CB  1 
ATOM   239 C  CG  . LYS A 1 32  ? 9.418   -4.161  -17.147 1.00 54.44 ? 30  LYS A CG  1 
ATOM   240 C  CD  . LYS A 1 32  ? 10.745  -4.903  -17.030 1.00 55.50 ? 30  LYS A CD  1 
ATOM   241 C  CE  . LYS A 1 32  ? 10.562  -6.403  -17.201 1.00 56.08 ? 30  LYS A CE  1 
ATOM   242 N  NZ  . LYS A 1 32  ? 9.861   -7.023  -16.034 1.00 56.53 ? 30  LYS A NZ  1 
ATOM   243 N  N   . ASN A 1 33  ? 7.353   -2.719  -19.178 1.00 51.90 ? 31  ASN A N   1 
ATOM   244 C  CA  . ASN A 1 33  ? 7.059   -2.830  -20.603 1.00 51.31 ? 31  ASN A CA  1 
ATOM   245 C  C   . ASN A 1 33  ? 5.552   -2.759  -20.828 1.00 50.67 ? 31  ASN A C   1 
ATOM   246 O  O   . ASN A 1 33  ? 5.003   -3.410  -21.743 1.00 51.19 ? 31  ASN A O   1 
ATOM   247 C  CB  . ASN A 1 33  ? 7.599   -4.154  -21.130 1.00 51.29 ? 31  ASN A CB  1 
ATOM   248 C  CG  . ASN A 1 33  ? 7.036   -5.341  -20.371 1.00 51.40 ? 31  ASN A CG  1 
ATOM   249 O  OD1 . ASN A 1 33  ? 7.420   -5.600  -19.224 1.00 50.94 ? 31  ASN A OD1 1 
ATOM   250 N  ND2 . ASN A 1 33  ? 6.097   -6.049  -20.990 1.00 52.09 ? 31  ASN A ND2 1 
ATOM   251 N  N   . LEU A 1 34  ? 4.891   -1.976  -19.982 1.00 49.05 ? 32  LEU A N   1 
ATOM   252 C  CA  . LEU A 1 34  ? 3.449   -1.794  -20.048 1.00 47.27 ? 32  LEU A CA  1 
ATOM   253 C  C   . LEU A 1 34  ? 3.072   -0.735  -19.024 1.00 45.75 ? 32  LEU A C   1 
ATOM   254 O  O   . LEU A 1 34  ? 3.243   -0.938  -17.825 1.00 46.09 ? 32  LEU A O   1 
ATOM   255 C  CB  . LEU A 1 34  ? 2.736   -3.100  -19.718 1.00 47.62 ? 32  LEU A CB  1 
ATOM   256 C  CG  . LEU A 1 34  ? 1.209   -3.079  -19.596 1.00 48.09 ? 32  LEU A CG  1 
ATOM   257 C  CD1 . LEU A 1 34  ? 0.556   -2.713  -20.926 1.00 48.63 ? 32  LEU A CD1 1 
ATOM   258 C  CD2 . LEU A 1 34  ? 0.725   -4.449  -19.132 1.00 48.72 ? 32  LEU A CD2 1 
ATOM   259 N  N   . SER A 1 35  ? 2.613   0.415   -19.504 1.00 43.85 ? 33  SER A N   1 
ATOM   260 C  CA  . SER A 1 35  ? 2.202   1.510   -18.641 1.00 41.39 ? 33  SER A CA  1 
ATOM   261 C  C   . SER A 1 35  ? 1.154   0.978   -17.660 1.00 39.65 ? 33  SER A C   1 
ATOM   262 O  O   . SER A 1 35  ? 0.109   0.469   -18.083 1.00 39.51 ? 33  SER A O   1 
ATOM   263 C  CB  . SER A 1 35  ? 1.608   2.618   -19.513 1.00 42.05 ? 33  SER A CB  1 
ATOM   264 O  OG  . SER A 1 35  ? 0.948   3.620   -18.762 1.00 43.39 ? 33  SER A OG  1 
ATOM   265 N  N   . LEU A 1 36  ? 1.486   0.999   -16.369 1.00 37.14 ? 34  LEU A N   1 
ATOM   266 C  CA  . LEU A 1 36  ? 0.566   0.538   -15.332 1.00 34.92 ? 34  LEU A CA  1 
ATOM   267 C  C   . LEU A 1 36  ? 0.214   1.643   -14.356 1.00 33.08 ? 34  LEU A C   1 
ATOM   268 O  O   . LEU A 1 36  ? 0.929   2.641   -14.219 1.00 32.69 ? 34  LEU A O   1 
ATOM   269 C  CB  . LEU A 1 36  ? 1.135   -0.671  -14.558 1.00 34.39 ? 34  LEU A CB  1 
ATOM   270 C  CG  . LEU A 1 36  ? 1.223   -1.968  -15.378 1.00 35.32 ? 34  LEU A CG  1 
ATOM   271 C  CD1 . LEU A 1 36  ? 1.402   -3.164  -14.461 1.00 34.50 ? 34  LEU A CD1 1 
ATOM   272 C  CD2 . LEU A 1 36  ? -0.058  -2.150  -16.206 1.00 34.90 ? 34  LEU A CD2 1 
ATOM   273 N  N   . ARG A 1 37  ? -0.921  1.472   -13.686 1.00 31.43 ? 35  ARG A N   1 
ATOM   274 C  CA  . ARG A 1 37  ? -1.354  2.449   -12.698 1.00 28.65 ? 35  ARG A CA  1 
ATOM   275 C  C   . ARG A 1 37  ? -1.616  1.690   -11.429 1.00 26.37 ? 35  ARG A C   1 
ATOM   276 O  O   . ARG A 1 37  ? -2.350  0.709   -11.445 1.00 26.21 ? 35  ARG A O   1 
ATOM   277 C  CB  . ARG A 1 37  ? -2.644  3.133   -13.152 1.00 29.43 ? 35  ARG A CB  1 
ATOM   278 C  CG  . ARG A 1 37  ? -3.128  4.193   -12.189 1.00 29.38 ? 35  ARG A CG  1 
ATOM   279 N  N   . TYR A 1 38  ? -1.054  2.158   -10.327 1.00 25.09 ? 36  TYR A N   1 
ATOM   280 C  CA  . TYR A 1 38  ? -1.236  1.494   -9.042  1.00 24.01 ? 36  TYR A CA  1 
ATOM   281 C  C   . TYR A 1 38  ? -2.162  2.232   -8.129  1.00 23.47 ? 36  TYR A C   1 
ATOM   282 O  O   . TYR A 1 38  ? -2.137  3.460   -8.091  1.00 22.65 ? 36  TYR A O   1 
ATOM   283 C  CB  . TYR A 1 38  ? 0.102   1.321   -8.318  1.00 25.39 ? 36  TYR A CB  1 
ATOM   284 C  CG  . TYR A 1 38  ? 1.062   0.485   -9.103  1.00 25.45 ? 36  TYR A CG  1 
ATOM   285 C  CD1 . TYR A 1 38  ? 0.880   -0.881  -9.215  1.00 25.86 ? 36  TYR A CD1 1 
ATOM   286 C  CD2 . TYR A 1 38  ? 2.128   1.056   -9.754  1.00 25.84 ? 36  TYR A CD2 1 
ATOM   287 C  CE1 . TYR A 1 38  ? 1.728   -1.648  -9.951  1.00 26.41 ? 36  TYR A CE1 1 
ATOM   288 C  CE2 . TYR A 1 38  ? 2.991   0.287   -10.491 1.00 27.60 ? 36  TYR A CE2 1 
ATOM   289 C  CZ  . TYR A 1 38  ? 2.774   -1.067  -10.586 1.00 26.86 ? 36  TYR A CZ  1 
ATOM   290 O  OH  . TYR A 1 38  ? 3.582   -1.850  -11.353 1.00 28.74 ? 36  TYR A OH  1 
ATOM   291 N  N   . SER A 1 39  ? -2.951  1.466   -7.376  1.00 22.29 ? 37  SER A N   1 
ATOM   292 C  CA  . SER A 1 39  ? -3.884  1.975   -6.379  1.00 21.11 ? 37  SER A CA  1 
ATOM   293 C  C   . SER A 1 39  ? -3.873  0.993   -5.215  1.00 20.04 ? 37  SER A C   1 
ATOM   294 O  O   . SER A 1 39  ? -3.323  -0.105  -5.352  1.00 19.30 ? 37  SER A O   1 
ATOM   295 C  CB  . SER A 1 39  ? -5.297  2.062   -6.955  1.00 21.59 ? 37  SER A CB  1 
ATOM   296 O  OG  . SER A 1 39  ? -5.579  0.910   -7.704  1.00 21.67 ? 37  SER A OG  1 
ATOM   297 N  N   . VAL A 1 40  ? -4.360  1.434   -4.056  1.00 18.35 ? 38  VAL A N   1 
ATOM   298 C  CA  . VAL A 1 40  ? -4.482  0.608   -2.850  1.00 18.51 ? 38  VAL A CA  1 
ATOM   299 C  C   . VAL A 1 40  ? -5.882  0.811   -2.332  1.00 19.21 ? 38  VAL A C   1 
ATOM   300 O  O   . VAL A 1 40  ? -6.456  1.944   -2.381  1.00 18.23 ? 38  VAL A O   1 
ATOM   301 C  CB  . VAL A 1 40  ? -3.532  0.975   -1.652  1.00 19.52 ? 38  VAL A CB  1 
ATOM   302 C  CG1 . VAL A 1 40  ? -2.204  0.252   -1.764  1.00 18.80 ? 38  VAL A CG1 1 
ATOM   303 C  CG2 . VAL A 1 40  ? -3.382  2.508   -1.491  1.00 16.68 ? 38  VAL A CG2 1 
ATOM   304 N  N   . THR A 1 41  ? -6.412  -0.261  -1.760  1.00 18.20 ? 39  THR A N   1 
ATOM   305 C  CA  . THR A 1 41  ? -7.752  -0.245  -1.264  1.00 16.52 ? 39  THR A CA  1 
ATOM   306 C  C   . THR A 1 41  ? -7.735  -0.944  0.076   1.00 16.83 ? 39  THR A C   1 
ATOM   307 O  O   . THR A 1 41  ? -6.754  -1.668  0.400   1.00 16.65 ? 39  THR A O   1 
ATOM   308 C  CB  . THR A 1 41  ? -8.653  -1.006  -2.206  1.00 17.28 ? 39  THR A CB  1 
ATOM   309 O  OG1 . THR A 1 41  ? -8.197  -2.370  -2.331  1.00 18.36 ? 39  THR A OG1 1 
ATOM   310 C  CG2 . THR A 1 41  ? -8.680  -0.352  -3.550  1.00 16.63 ? 39  THR A CG2 1 
ATOM   311 N  N   . GLY A 1 42  ? -8.780  -0.686  0.854   1.00 14.90 ? 40  GLY A N   1 
ATOM   312 C  CA  . GLY A 1 42  ? -8.948  -1.305  2.144   1.00 15.35 ? 40  GLY A CA  1 
ATOM   313 C  C   . GLY A 1 42  ? -8.906  -0.295  3.245   1.00 15.07 ? 40  GLY A C   1 
ATOM   314 O  O   . GLY A 1 42  ? -8.612  0.882   3.015   1.00 16.28 ? 40  GLY A O   1 
ATOM   315 N  N   . PRO A 1 43  ? -9.228  -0.727  4.460   1.00 15.17 ? 41  PRO A N   1 
ATOM   316 C  CA  . PRO A 1 43  ? -9.241  0.087   5.671   1.00 15.66 ? 41  PRO A CA  1 
ATOM   317 C  C   . PRO A 1 43  ? -7.826  0.596   5.896   1.00 16.96 ? 41  PRO A C   1 
ATOM   318 O  O   . PRO A 1 43  ? -6.871  -0.214  6.034   1.00 17.35 ? 41  PRO A O   1 
ATOM   319 C  CB  . PRO A 1 43  ? -9.631  -0.926  6.749   1.00 15.57 ? 41  PRO A CB  1 
ATOM   320 C  CG  . PRO A 1 43  ? -10.452 -1.894  5.985   1.00 13.84 ? 41  PRO A CG  1 
ATOM   321 C  CD  . PRO A 1 43  ? -9.748  -2.078  4.730   1.00 13.54 ? 41  PRO A CD  1 
ATOM   322 N  N   . GLY A 1 44  ? -7.685  1.919   5.978   1.00 15.68 ? 42  GLY A N   1 
ATOM   323 C  CA  . GLY A 1 44  ? -6.391  2.534   6.150   1.00 14.61 ? 42  GLY A CA  1 
ATOM   324 C  C   . GLY A 1 44  ? -6.009  3.164   4.837   1.00 14.79 ? 42  GLY A C   1 
ATOM   325 O  O   . GLY A 1 44  ? -5.066  3.954   4.750   1.00 15.15 ? 42  GLY A O   1 
ATOM   326 N  N   . ALA A 1 45  ? -6.763  2.835   3.805   1.00 15.98 ? 43  ALA A N   1 
ATOM   327 C  CA  . ALA A 1 45  ? -6.507  3.366   2.486   1.00 16.89 ? 43  ALA A CA  1 
ATOM   328 C  C   . ALA A 1 45  ? -7.740  4.137   1.944   1.00 17.69 ? 43  ALA A C   1 
ATOM   329 O  O   . ALA A 1 45  ? -7.777  5.368   2.005   1.00 17.35 ? 43  ALA A O   1 
ATOM   330 C  CB  . ALA A 1 45  ? -6.094  2.266   1.538   1.00 15.90 ? 43  ALA A CB  1 
ATOM   331 N  N   . ASP A 1 46  ? -8.752  3.419   1.481   1.00 17.57 ? 44  ASP A N   1 
ATOM   332 C  CA  . ASP A 1 46  ? -9.972  4.055   0.952   1.00 18.24 ? 44  ASP A CA  1 
ATOM   333 C  C   . ASP A 1 46  ? -11.226 3.708   1.757   1.00 18.76 ? 44  ASP A C   1 
ATOM   334 O  O   . ASP A 1 46  ? -12.352 3.915   1.287   1.00 18.43 ? 44  ASP A O   1 
ATOM   335 C  CB  . ASP A 1 46  ? -10.177 3.712   -0.540  1.00 16.53 ? 44  ASP A CB  1 
ATOM   336 C  CG  . ASP A 1 46  ? -10.589 2.268   -0.788  1.00 16.57 ? 44  ASP A CG  1 
ATOM   337 O  OD1 . ASP A 1 46  ? -10.521 1.411   0.116   1.00 18.42 ? 44  ASP A OD1 1 
ATOM   338 O  OD2 . ASP A 1 46  ? -11.015 1.970   -1.942  1.00 14.47 ? 44  ASP A OD2 1 
ATOM   339 N  N   . GLN A 1 47  ? -11.019 3.164   2.952   1.00 19.06 ? 45  GLN A N   1 
ATOM   340 C  CA  . GLN A 1 47  ? -12.091 2.756   3.865   1.00 18.95 ? 45  GLN A CA  1 
ATOM   341 C  C   . GLN A 1 47  ? -11.590 3.144   5.241   1.00 18.31 ? 45  GLN A C   1 
ATOM   342 O  O   . GLN A 1 47  ? -10.399 3.188   5.444   1.00 18.31 ? 45  GLN A O   1 
ATOM   343 C  CB  . GLN A 1 47  ? -12.319 1.249   3.764   1.00 19.45 ? 45  GLN A CB  1 
ATOM   344 C  CG  . GLN A 1 47  ? -12.844 0.835   2.407   1.00 22.53 ? 45  GLN A CG  1 
ATOM   345 C  CD  . GLN A 1 47  ? -12.727 -0.647  2.155   1.00 25.35 ? 45  GLN A CD  1 
ATOM   346 O  OE1 . GLN A 1 47  ? -13.204 -1.453  2.944   1.00 26.32 ? 45  GLN A OE1 1 
ATOM   347 N  NE2 . GLN A 1 47  ? -12.089 -1.020  1.036   1.00 26.19 ? 45  GLN A NE2 1 
ATOM   348 N  N   . PRO A 1 48  ? -12.487 3.469   6.185   1.00 18.21 ? 46  PRO A N   1 
ATOM   349 C  CA  . PRO A 1 48  ? -12.050 3.860   7.526   1.00 18.37 ? 46  PRO A CA  1 
ATOM   350 C  C   . PRO A 1 48  ? -11.097 2.861   8.194   1.00 18.35 ? 46  PRO A C   1 
ATOM   351 O  O   . PRO A 1 48  ? -11.328 1.656   8.129   1.00 17.95 ? 46  PRO A O   1 
ATOM   352 C  CB  . PRO A 1 48  ? -13.363 3.943   8.302   1.00 19.28 ? 46  PRO A CB  1 
ATOM   353 C  CG  . PRO A 1 48  ? -14.334 4.373   7.284   1.00 18.92 ? 46  PRO A CG  1 
ATOM   354 C  CD  . PRO A 1 48  ? -13.966 3.462   6.122   1.00 18.25 ? 46  PRO A CD  1 
ATOM   355 N  N   . PRO A 1 49  ? -9.975  3.352   8.733   1.00 18.50 ? 47  PRO A N   1 
ATOM   356 C  CA  . PRO A 1 49  ? -9.606  4.778   8.710   1.00 17.66 ? 47  PRO A CA  1 
ATOM   357 C  C   . PRO A 1 49  ? -8.982  5.116   7.357   1.00 18.38 ? 47  PRO A C   1 
ATOM   358 O  O   . PRO A 1 49  ? -8.066  4.467   6.846   1.00 17.29 ? 47  PRO A O   1 
ATOM   359 C  CB  . PRO A 1 49  ? -8.636  4.895   9.861   1.00 19.34 ? 47  PRO A CB  1 
ATOM   360 C  CG  . PRO A 1 49  ? -7.997  3.478   9.919   1.00 18.52 ? 47  PRO A CG  1 
ATOM   361 C  CD  . PRO A 1 49  ? -9.154  2.589   9.705   1.00 19.13 ? 47  PRO A CD  1 
ATOM   362 N  N   . THR A 1 50  ? -9.448  6.211   6.801   1.00 17.62 ? 48  THR A N   1 
ATOM   363 C  CA  . THR A 1 50  ? -9.075  6.623   5.483   1.00 16.24 ? 48  THR A CA  1 
ATOM   364 C  C   . THR A 1 50  ? -7.738  7.392   5.325   1.00 16.47 ? 48  THR A C   1 
ATOM   365 O  O   . THR A 1 50  ? -7.316  8.133   6.202   1.00 18.23 ? 48  THR A O   1 
ATOM   366 C  CB  . THR A 1 50  ? -10.337 7.410   5.003   1.00 17.56 ? 48  THR A CB  1 
ATOM   367 O  OG1 . THR A 1 50  ? -10.986 6.739   3.924   1.00 19.63 ? 48  THR A OG1 1 
ATOM   368 C  CG2 . THR A 1 50  ? -10.082 8.781   4.790   1.00 12.35 ? 48  THR A CG2 1 
ATOM   369 N  N   . GLY A 1 51  ? -7.021  7.141   4.243   1.00 15.32 ? 49  GLY A N   1 
ATOM   370 C  CA  . GLY A 1 51  ? -5.802  7.897   4.006   1.00 16.54 ? 49  GLY A CA  1 
ATOM   371 C  C   . GLY A 1 51  ? -4.578  7.685   4.876   1.00 17.68 ? 49  GLY A C   1 
ATOM   372 O  O   . GLY A 1 51  ? -3.708  8.561   4.957   1.00 17.18 ? 49  GLY A O   1 
ATOM   373 N  N   . ILE A 1 52  ? -4.517  6.577   5.606   1.00 18.29 ? 50  ILE A N   1 
ATOM   374 C  CA  . ILE A 1 52  ? -3.319  6.350   6.400   1.00 18.81 ? 50  ILE A CA  1 
ATOM   375 C  C   . ILE A 1 52  ? -2.165  5.771   5.524   1.00 18.33 ? 50  ILE A C   1 
ATOM   376 O  O   . ILE A 1 52  ? -1.000  6.068   5.739   1.00 19.48 ? 50  ILE A O   1 
ATOM   377 C  CB  . ILE A 1 52  ? -3.647  5.712   7.815   1.00 19.90 ? 50  ILE A CB  1 
ATOM   378 C  CG1 . ILE A 1 52  ? -2.435  5.073   8.462   1.00 19.95 ? 50  ILE A CG1 1 
ATOM   379 C  CG2 . ILE A 1 52  ? -4.867  4.952   7.830   1.00 21.27 ? 50  ILE A CG2 1 
ATOM   380 C  CD1 . ILE A 1 52  ? -1.712  6.134   9.310   1.00 21.26 ? 50  ILE A CD1 1 
ATOM   381 N  N   . PHE A 1 53  ? -2.531  5.177   4.393   1.00 18.17 ? 51  PHE A N   1 
ATOM   382 C  CA  . PHE A 1 53  ? -1.573  4.636   3.434   1.00 17.55 ? 51  PHE A CA  1 
ATOM   383 C  C   . PHE A 1 53  ? -1.987  5.115   2.042   1.00 17.45 ? 51  PHE A C   1 
ATOM   384 O  O   . PHE A 1 53  ? -3.159  5.111   1.704   1.00 18.59 ? 51  PHE A O   1 
ATOM   385 C  CB  . PHE A 1 53  ? -1.570  3.101   3.467   1.00 17.31 ? 51  PHE A CB  1 
ATOM   386 C  CG  . PHE A 1 53  ? -1.072  2.531   4.761   1.00 16.02 ? 51  PHE A CG  1 
ATOM   387 C  CD1 . PHE A 1 53  ? 0.279   2.356   4.974   1.00 16.31 ? 51  PHE A CD1 1 
ATOM   388 C  CD2 . PHE A 1 53  ? -1.942  2.263   5.796   1.00 17.67 ? 51  PHE A CD2 1 
ATOM   389 C  CE1 . PHE A 1 53  ? 0.742   1.940   6.207   1.00 16.12 ? 51  PHE A CE1 1 
ATOM   390 C  CE2 . PHE A 1 53  ? -1.479  1.840   7.035   1.00 17.94 ? 51  PHE A CE2 1 
ATOM   391 C  CZ  . PHE A 1 53  ? -0.132  1.683   7.234   1.00 17.20 ? 51  PHE A CZ  1 
ATOM   392 N  N   . ILE A 1 54  ? -1.020  5.579   1.270   1.00 17.47 ? 52  ILE A N   1 
ATOM   393 C  CA  . ILE A 1 54  ? -1.235  6.014   -0.095  1.00 17.35 ? 52  ILE A CA  1 
ATOM   394 C  C   . ILE A 1 54  ? -0.224  5.261   -0.949  1.00 18.25 ? 52  ILE A C   1 
ATOM   395 O  O   . ILE A 1 54  ? 0.769   4.745   -0.432  1.00 19.49 ? 52  ILE A O   1 
ATOM   396 C  CB  . ILE A 1 54  ? -0.968  7.523   -0.265  1.00 18.28 ? 52  ILE A CB  1 
ATOM   397 C  CG1 . ILE A 1 54  ? 0.416   7.868   0.331   1.00 19.30 ? 52  ILE A CG1 1 
ATOM   398 C  CG2 . ILE A 1 54  ? -2.105  8.365   0.404   1.00 16.58 ? 52  ILE A CG2 1 
ATOM   399 C  CD1 . ILE A 1 54  ? 0.972   9.225   -0.137  1.00 20.07 ? 52  ILE A CD1 1 
ATOM   400 N  N   . ILE A 1 55  ? -0.511  5.140   -2.230  1.00 17.76 ? 53  ILE A N   1 
ATOM   401 C  CA  . ILE A 1 55  ? 0.397   4.509   -3.153  1.00 19.25 ? 53  ILE A CA  1 
ATOM   402 C  C   . ILE A 1 55  ? 0.508   5.468   -4.330  1.00 21.34 ? 53  ILE A C   1 
ATOM   403 O  O   . ILE A 1 55  ? -0.514  6.033   -4.803  1.00 20.60 ? 53  ILE A O   1 
ATOM   404 C  CB  . ILE A 1 55  ? -0.092  3.117   -3.635  1.00 19.22 ? 53  ILE A CB  1 
ATOM   405 C  CG1 . ILE A 1 55  ? 1.043   2.371   -4.335  1.00 20.51 ? 53  ILE A CG1 1 
ATOM   406 C  CG2 . ILE A 1 55  ? -1.239  3.237   -4.622  1.00 19.40 ? 53  ILE A CG2 1 
ATOM   407 C  CD1 . ILE A 1 55  ? 0.794   0.895   -4.453  1.00 19.93 ? 53  ILE A CD1 1 
ATOM   408 N  N   . ASN A 1 56  ? 1.757   5.778   -4.672  1.00 21.95 ? 54  ASN A N   1 
ATOM   409 C  CA  . ASN A 1 56  ? 2.027   6.648   -5.805  1.00 23.66 ? 54  ASN A CA  1 
ATOM   410 C  C   . ASN A 1 56  ? 1.586   5.821   -6.999  1.00 24.01 ? 54  ASN A C   1 
ATOM   411 O  O   . ASN A 1 56  ? 1.980   4.650   -7.139  1.00 23.90 ? 54  ASN A O   1 
ATOM   412 C  CB  . ASN A 1 56  ? 3.519   7.034   -5.903  1.00 23.72 ? 54  ASN A CB  1 
ATOM   413 C  CG  . ASN A 1 56  ? 3.768   8.146   -6.915  1.00 22.99 ? 54  ASN A CG  1 
ATOM   414 O  OD1 . ASN A 1 56  ? 3.557   7.968   -8.102  1.00 25.20 ? 54  ASN A OD1 1 
ATOM   415 N  ND2 . ASN A 1 56  ? 4.180   9.307   -6.435  1.00 21.21 ? 54  ASN A ND2 1 
ATOM   416 N  N   . PRO A 1 57  ? 0.714   6.402   -7.841  1.00 24.94 ? 55  PRO A N   1 
ATOM   417 C  CA  . PRO A 1 57  ? 0.157   5.775   -9.046  1.00 25.18 ? 55  PRO A CA  1 
ATOM   418 C  C   . PRO A 1 57  ? 1.130   5.211   -10.063 1.00 25.76 ? 55  PRO A C   1 
ATOM   419 O  O   . PRO A 1 57  ? 0.806   4.200   -10.700 1.00 25.60 ? 55  PRO A O   1 
ATOM   420 C  CB  . PRO A 1 57  ? -0.665  6.901   -9.670  1.00 24.90 ? 55  PRO A CB  1 
ATOM   421 C  CG  . PRO A 1 57  ? -1.092  7.689   -8.523  1.00 24.53 ? 55  PRO A CG  1 
ATOM   422 C  CD  . PRO A 1 57  ? 0.151   7.751   -7.673  1.00 24.41 ? 55  PRO A CD  1 
ATOM   423 N  N   . ILE A 1 58  ? 2.284   5.850   -10.286 1.00 27.63 ? 56  ILE A N   1 
ATOM   424 C  CA  . ILE A 1 58  ? 3.207   5.303   -11.305 1.00 28.77 ? 56  ILE A CA  1 
ATOM   425 C  C   . ILE A 1 58  ? 4.367   4.479   -10.769 1.00 28.95 ? 56  ILE A C   1 
ATOM   426 O  O   . ILE A 1 58  ? 4.782   3.508   -11.404 1.00 29.63 ? 56  ILE A O   1 
ATOM   427 C  CB  . ILE A 1 58  ? 3.770   6.386   -12.330 1.00 30.39 ? 56  ILE A CB  1 
ATOM   428 C  CG1 . ILE A 1 58  ? 5.152   6.882   -11.900 1.00 30.10 ? 56  ILE A CG1 1 
ATOM   429 C  CG2 . ILE A 1 58  ? 2.801   7.578   -12.474 1.00 29.46 ? 56  ILE A CG2 1 
ATOM   430 C  CD1 . ILE A 1 58  ? 5.128   7.842   -10.691 1.00 32.82 ? 56  ILE A CD1 1 
ATOM   431 N  N   . SER A 1 59  ? 4.868   4.841   -9.598  1.00 28.72 ? 57  SER A N   1 
ATOM   432 C  CA  . SER A 1 59  ? 5.993   4.126   -9.008  1.00 28.32 ? 57  SER A CA  1 
ATOM   433 C  C   . SER A 1 59  ? 5.562   2.898   -8.201  1.00 28.06 ? 57  SER A C   1 
ATOM   434 O  O   . SER A 1 59  ? 6.303   1.901   -8.134  1.00 28.53 ? 57  SER A O   1 
ATOM   435 C  CB  . SER A 1 59  ? 6.773   5.068   -8.091  1.00 28.85 ? 57  SER A CB  1 
ATOM   436 O  OG  . SER A 1 59  ? 5.939   5.568   -7.047  1.00 29.66 ? 57  SER A OG  1 
ATOM   437 N  N   . GLY A 1 60  ? 4.376   2.970   -7.588  1.00 26.79 ? 58  GLY A N   1 
ATOM   438 C  CA  . GLY A 1 60  ? 3.918   1.866   -6.758  1.00 25.10 ? 58  GLY A CA  1 
ATOM   439 C  C   . GLY A 1 60  ? 4.534   2.035   -5.382  1.00 24.46 ? 58  GLY A C   1 
ATOM   440 O  O   . GLY A 1 60  ? 4.436   1.171   -4.515  1.00 24.98 ? 58  GLY A O   1 
ATOM   441 N  N   . GLN A 1 61  ? 5.114   3.200   -5.150  1.00 24.00 ? 59  GLN A N   1 
ATOM   442 C  CA  . GLN A 1 61  ? 5.733   3.497   -3.881  1.00 23.23 ? 59  GLN A CA  1 
ATOM   443 C  C   . GLN A 1 61  ? 4.615   3.718   -2.865  1.00 23.49 ? 59  GLN A C   1 
ATOM   444 O  O   . GLN A 1 61  ? 3.800   4.622   -3.035  1.00 21.93 ? 59  GLN A O   1 
ATOM   445 C  CB  . GLN A 1 61  ? 6.585   4.753   -4.036  1.00 26.40 ? 59  GLN A CB  1 
ATOM   446 C  CG  . GLN A 1 61  ? 7.634   4.989   -2.950  1.00 28.70 ? 59  GLN A CG  1 
ATOM   447 C  CD  . GLN A 1 61  ? 8.770   3.950   -2.980  1.00 29.99 ? 59  GLN A CD  1 
ATOM   448 O  OE1 . GLN A 1 61  ? 8.561   2.782   -2.721  1.00 28.60 ? 59  GLN A OE1 1 
ATOM   449 N  NE2 . GLN A 1 61  ? 9.981   4.403   -3.278  1.00 33.13 ? 59  GLN A NE2 1 
ATOM   450 N  N   . LEU A 1 62  ? 4.542   2.856   -1.851  1.00 22.03 ? 60  LEU A N   1 
ATOM   451 C  CA  . LEU A 1 62  ? 3.538   2.955   -0.801  1.00 21.42 ? 60  LEU A CA  1 
ATOM   452 C  C   . LEU A 1 62  ? 4.141   3.727   0.369   1.00 20.35 ? 60  LEU A C   1 
ATOM   453 O  O   . LEU A 1 62  ? 5.264   3.413   0.813   1.00 20.13 ? 60  LEU A O   1 
ATOM   454 C  CB  . LEU A 1 62  ? 3.146   1.569   -0.283  1.00 21.37 ? 60  LEU A CB  1 
ATOM   455 C  CG  . LEU A 1 62  ? 2.105   1.569   0.858   1.00 22.34 ? 60  LEU A CG  1 
ATOM   456 C  CD1 . LEU A 1 62  ? 0.734   1.651   0.215   1.00 21.67 ? 60  LEU A CD1 1 
ATOM   457 C  CD2 . LEU A 1 62  ? 2.171   0.312   1.762   1.00 21.64 ? 60  LEU A CD2 1 
ATOM   458 N  N   . SER A 1 63  ? 3.352   4.664   0.906   1.00 18.24 ? 61  SER A N   1 
ATOM   459 C  CA  . SER A 1 63  ? 3.750   5.516   2.040   1.00 16.64 ? 61  SER A CA  1 
ATOM   460 C  C   . SER A 1 63  ? 2.674   5.533   3.130   1.00 15.86 ? 61  SER A C   1 
ATOM   461 O  O   . SER A 1 63  ? 1.503   5.233   2.870   1.00 16.33 ? 61  SER A O   1 
ATOM   462 C  CB  . SER A 1 63  ? 3.944   6.960   1.588   1.00 15.88 ? 61  SER A CB  1 
ATOM   463 O  OG  . SER A 1 63  ? 4.780   7.036   0.457   1.00 15.30 ? 61  SER A OG  1 
ATOM   464 N  N   . VAL A 1 64  ? 3.077   5.881   4.337   1.00 15.79 ? 62  VAL A N   1 
ATOM   465 C  CA  . VAL A 1 64  ? 2.186   5.999   5.480   1.00 16.30 ? 62  VAL A CA  1 
ATOM   466 C  C   . VAL A 1 64  ? 2.114   7.516   5.684   1.00 17.39 ? 62  VAL A C   1 
ATOM   467 O  O   . VAL A 1 64  ? 3.133   8.204   5.512   1.00 16.13 ? 62  VAL A O   1 
ATOM   468 C  CB  . VAL A 1 64  ? 2.713   5.255   6.708   1.00 17.13 ? 62  VAL A CB  1 
ATOM   469 C  CG1 . VAL A 1 64  ? 4.131   5.759   7.121   1.00 18.43 ? 62  VAL A CG1 1 
ATOM   470 C  CG2 . VAL A 1 64  ? 1.680   5.388   7.861   1.00 16.67 ? 62  VAL A CG2 1 
ATOM   471 N  N   . THR A 1 65  ? 0.936   8.045   6.040   1.00 18.41 ? 63  THR A N   1 
ATOM   472 C  CA  . THR A 1 65  ? 0.759   9.521   6.099   1.00 18.56 ? 63  THR A CA  1 
ATOM   473 C  C   . THR A 1 65  ? 0.894   10.211  7.456   1.00 19.81 ? 63  THR A C   1 
ATOM   474 O  O   . THR A 1 65  ? 1.060   11.453  7.536   1.00 20.43 ? 63  THR A O   1 
ATOM   475 C  CB  . THR A 1 65  ? -0.558  9.902   5.509   1.00 17.46 ? 63  THR A CB  1 
ATOM   476 O  OG1 . THR A 1 65  ? -1.622  9.341   6.312   1.00 15.93 ? 63  THR A OG1 1 
ATOM   477 C  CG2 . THR A 1 65  ? -0.650  9.368   4.059   1.00 17.63 ? 63  THR A CG2 1 
ATOM   478 N  N   . LYS A 1 66  ? 0.927   9.408   8.508   1.00 19.18 ? 64  LYS A N   1 
ATOM   479 C  CA  . LYS A 1 66  ? 1.065   9.925   9.850   1.00 19.33 ? 64  LYS A CA  1 
ATOM   480 C  C   . LYS A 1 66  ? 1.540   8.766   10.717  1.00 20.25 ? 64  LYS A C   1 
ATOM   481 O  O   . LYS A 1 66  ? 1.641   7.631   10.231  1.00 20.57 ? 64  LYS A O   1 
ATOM   482 C  CB  . LYS A 1 66  ? -0.281  10.404  10.346  1.00 19.28 ? 64  LYS A CB  1 
ATOM   483 C  CG  . LYS A 1 66  ? -1.287  9.322   10.510  1.00 19.49 ? 64  LYS A CG  1 
ATOM   484 C  CD  . LYS A 1 66  ? -2.235  9.671   11.637  1.00 21.15 ? 64  LYS A CD  1 
ATOM   485 C  CE  . LYS A 1 66  ? -3.347  8.710   11.637  1.00 22.78 ? 64  LYS A CE  1 
ATOM   486 N  NZ  . LYS A 1 66  ? -3.941  8.808   10.283  1.00 25.78 ? 64  LYS A NZ  1 
ATOM   487 N  N   . PRO A 1 67  ? 1.851   9.046   11.986  1.00 21.45 ? 65  PRO A N   1 
ATOM   488 C  CA  . PRO A 1 67  ? 2.315   8.004   12.909  1.00 21.64 ? 65  PRO A CA  1 
ATOM   489 C  C   . PRO A 1 67  ? 1.206   7.066   13.321  1.00 22.36 ? 65  PRO A C   1 
ATOM   490 O  O   . PRO A 1 67  ? 0.024   7.454   13.436  1.00 23.12 ? 65  PRO A O   1 
ATOM   491 C  CB  . PRO A 1 67  ? 2.883   8.801   14.081  1.00 22.17 ? 65  PRO A CB  1 
ATOM   492 C  CG  . PRO A 1 67  ? 2.074   10.066  14.071  1.00 22.73 ? 65  PRO A CG  1 
ATOM   493 C  CD  . PRO A 1 67  ? 1.950   10.387  12.606  1.00 21.46 ? 65  PRO A CD  1 
ATOM   494 N  N   . LEU A 1 68  ? 1.588   5.814   13.553  1.00 21.15 ? 66  LEU A N   1 
ATOM   495 C  CA  . LEU A 1 68  ? 0.649   4.784   13.921  1.00 20.29 ? 66  LEU A CA  1 
ATOM   496 C  C   . LEU A 1 68  ? 0.558   4.571   15.429  1.00 19.86 ? 66  LEU A C   1 
ATOM   497 O  O   . LEU A 1 68  ? 1.352   5.100   16.191  1.00 19.28 ? 66  LEU A O   1 
ATOM   498 C  CB  . LEU A 1 68  ? 1.042   3.495   13.215  1.00 18.78 ? 66  LEU A CB  1 
ATOM   499 C  CG  . LEU A 1 68  ? 1.073   3.732   11.707  1.00 18.93 ? 66  LEU A CG  1 
ATOM   500 C  CD1 . LEU A 1 68  ? 1.651   2.539   10.988  1.00 15.85 ? 66  LEU A CD1 1 
ATOM   501 C  CD2 . LEU A 1 68  ? -0.380  4.004   11.217  1.00 18.29 ? 66  LEU A CD2 1 
ATOM   502 N  N   . ASP A 1 69  ? -0.397  3.764   15.869  1.00 19.58 ? 67  ASP A N   1 
ATOM   503 C  CA  . ASP A 1 69  ? -0.571  3.562   17.305  1.00 19.54 ? 67  ASP A CA  1 
ATOM   504 C  C   . ASP A 1 69  ? -0.982  2.116   17.401  1.00 19.49 ? 67  ASP A C   1 
ATOM   505 O  O   . ASP A 1 69  ? -2.112  1.802   17.044  1.00 17.59 ? 67  ASP A O   1 
ATOM   506 C  CB  . ASP A 1 69  ? -1.753  4.413   17.730  1.00 20.04 ? 67  ASP A CB  1 
ATOM   507 C  CG  . ASP A 1 69  ? -1.889  4.527   19.209  1.00 20.98 ? 67  ASP A CG  1 
ATOM   508 O  OD1 . ASP A 1 69  ? -1.679  3.561   19.974  1.00 21.38 ? 67  ASP A OD1 1 
ATOM   509 O  OD2 . ASP A 1 69  ? -2.288  5.622   19.616  1.00 23.03 ? 67  ASP A OD2 1 
ATOM   510 N  N   . ARG A 1 70  ? -0.115  1.234   17.909  1.00 19.69 ? 68  ARG A N   1 
ATOM   511 C  CA  . ARG A 1 70  ? -0.505  -0.183  17.921  1.00 19.87 ? 68  ARG A CA  1 
ATOM   512 C  C   . ARG A 1 70  ? -1.655  -0.444  18.851  1.00 19.15 ? 68  ARG A C   1 
ATOM   513 O  O   . ARG A 1 70  ? -2.495  -1.289  18.557  1.00 20.18 ? 68  ARG A O   1 
ATOM   514 C  CB  . ARG A 1 70  ? 0.684   -1.151  18.165  1.00 20.62 ? 68  ARG A CB  1 
ATOM   515 C  CG  . ARG A 1 70  ? 1.397   -1.004  19.450  1.00 24.34 ? 68  ARG A CG  1 
ATOM   516 C  CD  . ARG A 1 70  ? 2.569   -2.025  19.545  1.00 26.02 ? 68  ARG A CD  1 
ATOM   517 N  NE  . ARG A 1 70  ? 2.262   -3.249  18.824  1.00 27.05 ? 68  ARG A NE  1 
ATOM   518 C  CZ  . ARG A 1 70  ? 1.592   -4.275  19.321  1.00 28.24 ? 68  ARG A CZ  1 
ATOM   519 N  NH1 . ARG A 1 70  ? 1.165   -4.239  20.574  1.00 29.70 ? 68  ARG A NH1 1 
ATOM   520 N  NH2 . ARG A 1 70  ? 1.266   -5.302  18.523  1.00 28.98 ? 68  ARG A NH2 1 
ATOM   521 N  N   . GLU A 1 71  ? -1.790  0.411   19.858  1.00 17.82 ? 69  GLU A N   1 
ATOM   522 C  CA  . GLU A 1 71  ? -2.853  0.277   20.847  1.00 18.10 ? 69  GLU A CA  1 
ATOM   523 C  C   . GLU A 1 71  ? -4.231  0.672   20.230  1.00 17.55 ? 69  GLU A C   1 
ATOM   524 O  O   . GLU A 1 71  ? -5.268  0.433   20.838  1.00 18.56 ? 69  GLU A O   1 
ATOM   525 C  CB  . GLU A 1 71  ? -2.529  1.137   22.101  1.00 20.38 ? 69  GLU A CB  1 
ATOM   526 C  CG  . GLU A 1 71  ? -1.313  0.737   23.020  1.00 21.52 ? 69  GLU A CG  1 
ATOM   527 C  CD  . GLU A 1 71  ? 0.048   1.172   22.495  1.00 23.34 ? 69  GLU A CD  1 
ATOM   528 O  OE1 . GLU A 1 71  ? 0.260   0.950   21.320  1.00 26.31 ? 69  GLU A OE1 1 
ATOM   529 O  OE2 . GLU A 1 71  ? 0.995   1.707   23.197  1.00 21.91 ? 69  GLU A OE2 1 
ATOM   530 N  N   . LEU A 1 72  ? -4.236  1.308   19.046  1.00 16.77 ? 70  LEU A N   1 
ATOM   531 C  CA  . LEU A 1 72  ? -5.510  1.692   18.409  1.00 15.36 ? 70  LEU A CA  1 
ATOM   532 C  C   . LEU A 1 72  ? -5.792  0.775   17.264  1.00 13.65 ? 70  LEU A C   1 
ATOM   533 O  O   . LEU A 1 72  ? -6.835  0.198   17.201  1.00 12.82 ? 70  LEU A O   1 
ATOM   534 C  CB  . LEU A 1 72  ? -5.571  3.162   17.951  1.00 14.96 ? 70  LEU A CB  1 
ATOM   535 C  CG  . LEU A 1 72  ? -5.650  4.151   19.120  1.00 15.58 ? 70  LEU A CG  1 
ATOM   536 C  CD1 . LEU A 1 72  ? -5.465  5.559   18.656  1.00 14.91 ? 70  LEU A CD1 1 
ATOM   537 C  CD2 . LEU A 1 72  ? -6.957  4.024   19.819  1.00 14.24 ? 70  LEU A CD2 1 
ATOM   538 N  N   . ILE A 1 73  ? -4.855  0.626   16.351  1.00 13.70 ? 71  ILE A N   1 
ATOM   539 C  CA  . ILE A 1 73  ? -5.051  -0.301  15.223  1.00 14.52 ? 71  ILE A CA  1 
ATOM   540 C  C   . ILE A 1 73  ? -3.724  -1.045  15.112  1.00 15.83 ? 71  ILE A C   1 
ATOM   541 O  O   . ILE A 1 73  ? -2.678  -0.428  14.847  1.00 15.30 ? 71  ILE A O   1 
ATOM   542 C  CB  . ILE A 1 73  ? -5.353  0.450   13.880  1.00 15.22 ? 71  ILE A CB  1 
ATOM   543 C  CG1 . ILE A 1 73  ? -6.692  1.197   13.966  1.00 15.26 ? 71  ILE A CG1 1 
ATOM   544 C  CG2 . ILE A 1 73  ? -5.519  -0.524  12.749  1.00 11.60 ? 71  ILE A CG2 1 
ATOM   545 C  CD1 . ILE A 1 73  ? -6.817  2.321   12.968  1.00 15.01 ? 71  ILE A CD1 1 
ATOM   546 N  N   . ALA A 1 74  ? -3.776  -2.352  15.330  1.00 17.10 ? 72  ALA A N   1 
ATOM   547 C  CA  . ALA A 1 74  ? -2.559  -3.183  15.299  1.00 17.72 ? 72  ALA A CA  1 
ATOM   548 C  C   . ALA A 1 74  ? -2.219  -3.812  13.975  1.00 17.77 ? 72  ALA A C   1 
ATOM   549 O  O   . ALA A 1 74  ? -1.075  -4.222  13.777  1.00 19.41 ? 72  ALA A O   1 
ATOM   550 C  CB  . ALA A 1 74  ? -2.649  -4.284  16.357  1.00 17.58 ? 72  ALA A CB  1 
ATOM   551 N  N   . ARG A 1 75  ? -3.180  -3.893  13.064  1.00 17.10 ? 73  ARG A N   1 
ATOM   552 C  CA  . ARG A 1 75  ? -2.945  -4.528  11.773  1.00 17.72 ? 73  ARG A CA  1 
ATOM   553 C  C   . ARG A 1 75  ? -3.793  -3.831  10.723  1.00 17.55 ? 73  ARG A C   1 
ATOM   554 O  O   . ARG A 1 75  ? -4.929  -3.442  11.014  1.00 16.84 ? 73  ARG A O   1 
ATOM   555 C  CB  . ARG A 1 75  ? -3.459  -5.978  11.891  1.00 19.18 ? 73  ARG A CB  1 
ATOM   556 C  CG  . ARG A 1 75  ? -2.985  -7.022  10.867  1.00 23.43 ? 73  ARG A CG  1 
ATOM   557 C  CD  . ARG A 1 75  ? -2.208  -8.169  11.620  1.00 24.23 ? 73  ARG A CD  1 
ATOM   558 N  NE  . ARG A 1 75  ? -2.649  -8.273  13.029  1.00 26.95 ? 73  ARG A NE  1 
ATOM   559 C  CZ  . ARG A 1 75  ? -1.991  -7.827  14.110  1.00 27.23 ? 73  ARG A CZ  1 
ATOM   560 N  NH1 . ARG A 1 75  ? -0.774  -7.239  14.015  1.00 24.62 ? 73  ARG A NH1 1 
ATOM   561 N  NH2 . ARG A 1 75  ? -2.663  -7.793  15.266  1.00 25.52 ? 73  ARG A NH2 1 
ATOM   562 N  N   . PHE A 1 76  ? -3.232  -3.690  9.524   1.00 16.51 ? 74  PHE A N   1 
ATOM   563 C  CA  . PHE A 1 76  ? -3.909  -3.141  8.373   1.00 16.88 ? 74  PHE A CA  1 
ATOM   564 C  C   . PHE A 1 76  ? -3.803  -4.214  7.299   1.00 17.73 ? 74  PHE A C   1 
ATOM   565 O  O   . PHE A 1 76  ? -2.816  -4.953  7.226   1.00 17.27 ? 74  PHE A O   1 
ATOM   566 C  CB  . PHE A 1 76  ? -3.252  -1.864  7.852   1.00 13.93 ? 74  PHE A CB  1 
ATOM   567 C  CG  . PHE A 1 76  ? -3.432  -0.665  8.744   1.00 13.23 ? 74  PHE A CG  1 
ATOM   568 C  CD1 . PHE A 1 76  ? -2.588  -0.453  9.808   1.00 11.87 ? 74  PHE A CD1 1 
ATOM   569 C  CD2 . PHE A 1 76  ? -4.461  0.249   8.512   1.00 13.37 ? 74  PHE A CD2 1 
ATOM   570 C  CE1 . PHE A 1 76  ? -2.749  0.641   10.646  1.00 13.50 ? 74  PHE A CE1 1 
ATOM   571 C  CE2 . PHE A 1 76  ? -4.630  1.350   9.342   1.00 12.67 ? 74  PHE A CE2 1 
ATOM   572 C  CZ  . PHE A 1 76  ? -3.786  1.550   10.399  1.00 14.06 ? 74  PHE A CZ  1 
ATOM   573 N  N   . HIS A 1 77  ? -4.844  -4.323  6.493   1.00 17.98 ? 75  HIS A N   1 
ATOM   574 C  CA  . HIS A 1 77  ? -4.886  -5.259  5.399   1.00 19.04 ? 75  HIS A CA  1 
ATOM   575 C  C   . HIS A 1 77  ? -5.412  -4.415  4.235   1.00 19.02 ? 75  HIS A C   1 
ATOM   576 O  O   . HIS A 1 77  ? -6.547  -3.902  4.297   1.00 17.96 ? 75  HIS A O   1 
ATOM   577 C  CB  . HIS A 1 77  ? -5.855  -6.385  5.721   1.00 22.14 ? 75  HIS A CB  1 
ATOM   578 C  CG  . HIS A 1 77  ? -5.516  -7.125  6.981   1.00 26.70 ? 75  HIS A CG  1 
ATOM   579 N  ND1 . HIS A 1 77  ? -6.145  -6.888  8.189   1.00 28.28 ? 75  HIS A ND1 1 
ATOM   580 C  CD2 . HIS A 1 77  ? -4.688  -8.187  7.192   1.00 28.46 ? 75  HIS A CD2 1 
ATOM   581 C  CE1 . HIS A 1 77  ? -5.729  -7.773  9.085   1.00 29.30 ? 75  HIS A CE1 1 
ATOM   582 N  NE2 . HIS A 1 77  ? -4.844  -8.573  8.498   1.00 29.54 ? 75  HIS A NE2 1 
ATOM   583 N  N   . LEU A 1 78  ? -4.529  -4.194  3.259   1.00 18.31 ? 76  LEU A N   1 
ATOM   584 C  CA  . LEU A 1 78  ? -4.807  -3.421  2.048   1.00 17.95 ? 76  LEU A CA  1 
ATOM   585 C  C   . LEU A 1 78  ? -4.595  -4.343  0.873   1.00 17.98 ? 76  LEU A C   1 
ATOM   586 O  O   . LEU A 1 78  ? -4.108  -5.448  1.036   1.00 17.82 ? 76  LEU A O   1 
ATOM   587 C  CB  . LEU A 1 78  ? -3.798  -2.289  1.931   1.00 17.51 ? 76  LEU A CB  1 
ATOM   588 C  CG  . LEU A 1 78  ? -3.499  -1.473  3.211   1.00 18.61 ? 76  LEU A CG  1 
ATOM   589 C  CD1 . LEU A 1 78  ? -2.488  -0.402  2.890   1.00 18.49 ? 76  LEU A CD1 1 
ATOM   590 C  CD2 . LEU A 1 78  ? -4.752  -0.863  3.846   1.00 18.13 ? 76  LEU A CD2 1 
ATOM   591 N  N   . ARG A 1 79  ? -5.001  -3.913  -0.310  1.00 18.64 ? 77  ARG A N   1 
ATOM   592 C  CA  . ARG A 1 79  ? -4.780  -4.661  -1.534  1.00 18.83 ? 77  ARG A CA  1 
ATOM   593 C  C   . ARG A 1 79  ? -4.280  -3.626  -2.513  1.00 18.65 ? 77  ARG A C   1 
ATOM   594 O  O   . ARG A 1 79  ? -4.838  -2.530  -2.569  1.00 18.12 ? 77  ARG A O   1 
ATOM   595 C  CB  . ARG A 1 79  ? -6.076  -5.225  -2.108  1.00 20.76 ? 77  ARG A CB  1 
ATOM   596 C  CG  . ARG A 1 79  ? -6.818  -6.183  -1.243  1.00 25.61 ? 77  ARG A CG  1 
ATOM   597 C  CD  . ARG A 1 79  ? -6.605  -7.557  -1.747  1.00 29.82 ? 77  ARG A CD  1 
ATOM   598 N  NE  . ARG A 1 79  ? -7.746  -8.130  -2.457  1.00 31.27 ? 77  ARG A NE  1 
ATOM   599 C  CZ  . ARG A 1 79  ? -7.652  -9.239  -3.188  1.00 32.73 ? 77  ARG A CZ  1 
ATOM   600 N  NH1 . ARG A 1 79  ? -6.472  -9.860  -3.282  1.00 33.49 ? 77  ARG A NH1 1 
ATOM   601 N  NH2 . ARG A 1 79  ? -8.726  -9.730  -3.820  1.00 33.02 ? 77  ARG A NH2 1 
ATOM   602 N  N   . ALA A 1 80  ? -3.231  -3.939  -3.263  1.00 18.11 ? 78  ALA A N   1 
ATOM   603 C  CA  . ALA A 1 80  ? -2.699  -3.040  -4.278  1.00 17.75 ? 78  ALA A CA  1 
ATOM   604 C  C   . ALA A 1 80  ? -3.286  -3.602  -5.571  1.00 18.43 ? 78  ALA A C   1 
ATOM   605 O  O   . ALA A 1 80  ? -3.469  -4.835  -5.692  1.00 18.63 ? 78  ALA A O   1 
ATOM   606 C  CB  . ALA A 1 80  ? -1.148  -3.083  -4.302  1.00 18.49 ? 78  ALA A CB  1 
ATOM   607 N  N   . HIS A 1 81  ? -3.464  -2.730  -6.564  1.00 17.37 ? 79  HIS A N   1 
ATOM   608 C  CA  . HIS A 1 81  ? -4.080  -3.070  -7.841  1.00 16.26 ? 79  HIS A CA  1 
ATOM   609 C  C   . HIS A 1 81  ? -3.243  -2.431  -8.910  1.00 16.76 ? 79  HIS A C   1 
ATOM   610 O  O   . HIS A 1 81  ? -2.575  -1.450  -8.647  1.00 16.87 ? 79  HIS A O   1 
ATOM   611 C  CB  . HIS A 1 81  ? -5.492  -2.476  -7.931  1.00 13.92 ? 79  HIS A CB  1 
ATOM   612 C  CG  . HIS A 1 81  ? -6.437  -2.970  -6.890  1.00 11.21 ? 79  HIS A CG  1 
ATOM   613 N  ND1 . HIS A 1 81  ? -6.429  -2.512  -5.585  1.00 11.10 ? 79  HIS A ND1 1 
ATOM   614 C  CD2 . HIS A 1 81  ? -7.447  -3.864  -6.965  1.00 10.35 ? 79  HIS A CD2 1 
ATOM   615 C  CE1 . HIS A 1 81  ? -7.398  -3.097  -4.911  1.00 10.02 ? 79  HIS A CE1 1 
ATOM   616 N  NE2 . HIS A 1 81  ? -8.025  -3.929  -5.727  1.00 8.71  ? 79  HIS A NE2 1 
ATOM   617 N  N   . ALA A 1 82  ? -3.243  -3.027  -10.093 1.00 17.98 ? 80  ALA A N   1 
ATOM   618 C  CA  . ALA A 1 82  ? -2.479  -2.559  -11.242 1.00 19.78 ? 80  ALA A CA  1 
ATOM   619 C  C   . ALA A 1 82  ? -3.408  -2.628  -12.429 1.00 21.03 ? 80  ALA A C   1 
ATOM   620 O  O   . ALA A 1 82  ? -4.000  -3.686  -12.760 1.00 21.90 ? 80  ALA A O   1 
ATOM   621 C  CB  . ALA A 1 82  ? -1.231  -3.419  -11.467 1.00 21.19 ? 80  ALA A CB  1 
ATOM   622 N  N   . VAL A 1 83  ? -3.500  -1.487  -13.083 1.00 21.63 ? 81  VAL A N   1 
ATOM   623 C  CA  . VAL A 1 83  ? -4.409  -1.299  -14.175 1.00 22.82 ? 81  VAL A CA  1 
ATOM   624 C  C   . VAL A 1 83  ? -3.734  -0.669  -15.392 1.00 22.73 ? 81  VAL A C   1 
ATOM   625 O  O   . VAL A 1 83  ? -2.772  0.079   -15.244 1.00 23.26 ? 81  VAL A O   1 
ATOM   626 C  CB  . VAL A 1 83  ? -5.572  -0.447  -13.575 1.00 23.72 ? 81  VAL A CB  1 
ATOM   627 C  CG1 . VAL A 1 83  ? -5.815  0.797   -14.324 1.00 23.71 ? 81  VAL A CG1 1 
ATOM   628 C  CG2 . VAL A 1 83  ? -6.773  -1.291  -13.357 1.00 24.42 ? 81  VAL A CG2 1 
ATOM   629 N  N   . ASP A 1 84  ? -4.217  -1.025  -16.583 1.00 23.42 ? 82  ASP A N   1 
ATOM   630 C  CA  . ASP A 1 84  ? -3.657  -0.514  -17.825 1.00 24.49 ? 82  ASP A CA  1 
ATOM   631 C  C   . ASP A 1 84  ? -4.228  0.859   -18.208 1.00 24.94 ? 82  ASP A C   1 
ATOM   632 O  O   . ASP A 1 84  ? -5.048  1.423   -17.488 1.00 24.99 ? 82  ASP A O   1 
ATOM   633 C  CB  . ASP A 1 84  ? -3.775  -1.549  -18.968 1.00 23.91 ? 82  ASP A CB  1 
ATOM   634 C  CG  . ASP A 1 84  ? -5.202  -1.770  -19.453 1.00 25.18 ? 82  ASP A CG  1 
ATOM   635 O  OD1 . ASP A 1 84  ? -6.119  -1.012  -19.101 1.00 26.90 ? 82  ASP A OD1 1 
ATOM   636 O  OD2 . ASP A 1 84  ? -5.432  -2.724  -20.201 1.00 23.66 ? 82  ASP A OD2 1 
ATOM   637 N  N   . ILE A 1 85  ? -3.827  1.359   -19.372 1.00 25.23 ? 83  ILE A N   1 
ATOM   638 C  CA  . ILE A 1 85  ? -4.227  2.683   -19.872 1.00 24.91 ? 83  ILE A CA  1 
ATOM   639 C  C   . ILE A 1 85  ? -5.746  2.919   -19.925 1.00 24.84 ? 83  ILE A C   1 
ATOM   640 O  O   . ILE A 1 85  ? -6.198  4.061   -19.869 1.00 25.36 ? 83  ILE A O   1 
ATOM   641 C  CB  . ILE A 1 85  ? -3.610  2.935   -21.268 1.00 25.06 ? 83  ILE A CB  1 
ATOM   642 C  CG1 . ILE A 1 85  ? -3.397  4.419   -21.503 1.00 24.44 ? 83  ILE A CG1 1 
ATOM   643 C  CG2 . ILE A 1 85  ? -4.480  2.310   -22.351 1.00 23.71 ? 83  ILE A CG2 1 
ATOM   644 C  CD1 . ILE A 1 85  ? -2.745  4.704   -22.862 1.00 24.98 ? 83  ILE A CD1 1 
ATOM   645 N  N   . ASN A 1 86  ? -6.512  1.839   -19.998 1.00 23.73 ? 84  ASN A N   1 
ATOM   646 C  CA  . ASN A 1 86  ? -7.962  1.930   -20.045 1.00 23.49 ? 84  ASN A CA  1 
ATOM   647 C  C   . ASN A 1 86  ? -8.638  1.517   -18.756 1.00 22.71 ? 84  ASN A C   1 
ATOM   648 O  O   . ASN A 1 86  ? -9.866  1.325   -18.744 1.00 21.45 ? 84  ASN A O   1 
ATOM   649 C  CB  . ASN A 1 86  ? -8.507  1.061   -21.164 1.00 24.43 ? 84  ASN A CB  1 
ATOM   650 C  CG  . ASN A 1 86  ? -7.903  1.378   -22.481 1.00 25.80 ? 84  ASN A CG  1 
ATOM   651 O  OD1 . ASN A 1 86  ? -7.339  0.501   -23.118 1.00 29.14 ? 84  ASN A OD1 1 
ATOM   652 N  ND2 . ASN A 1 86  ? -8.018  2.624   -22.922 1.00 25.02 ? 84  ASN A ND2 1 
ATOM   653 N  N   . GLY A 1 87  ? -7.847  1.328   -17.696 1.00 21.62 ? 85  GLY A N   1 
ATOM   654 C  CA  . GLY A 1 87  ? -8.398  0.948   -16.408 1.00 21.92 ? 85  GLY A CA  1 
ATOM   655 C  C   . GLY A 1 87  ? -8.609  -0.540  -16.181 1.00 22.35 ? 85  GLY A C   1 
ATOM   656 O  O   . GLY A 1 87  ? -9.147  -0.938  -15.157 1.00 21.62 ? 85  GLY A O   1 
ATOM   657 N  N   . ASN A 1 88  ? -8.248  -1.377  -17.144 1.00 23.33 ? 86  ASN A N   1 
ATOM   658 C  CA  . ASN A 1 88  ? -8.396  -2.824  -16.975 1.00 24.62 ? 86  ASN A CA  1 
ATOM   659 C  C   . ASN A 1 88  ? -7.355  -3.313  -15.961 1.00 25.64 ? 86  ASN A C   1 
ATOM   660 O  O   . ASN A 1 88  ? -6.187  -2.929  -16.065 1.00 25.53 ? 86  ASN A O   1 
ATOM   661 C  CB  . ASN A 1 88  ? -8.118  -3.561  -18.297 1.00 24.19 ? 86  ASN A CB  1 
ATOM   662 C  CG  . ASN A 1 88  ? -9.140  -3.295  -19.347 1.00 23.30 ? 86  ASN A CG  1 
ATOM   663 O  OD1 . ASN A 1 88  ? -10.259 -3.841  -19.314 1.00 24.00 ? 86  ASN A OD1 1 
ATOM   664 N  ND2 . ASN A 1 88  ? -8.770  -2.486  -20.308 1.00 21.39 ? 86  ASN A ND2 1 
ATOM   665 N  N   . GLN A 1 89  ? -7.752  -4.143  -14.993 1.00 27.38 ? 87  GLN A N   1 
ATOM   666 C  CA  . GLN A 1 89  ? -6.766  -4.656  -14.042 1.00 28.79 ? 87  GLN A CA  1 
ATOM   667 C  C   . GLN A 1 89  ? -5.911  -5.668  -14.810 1.00 29.45 ? 87  GLN A C   1 
ATOM   668 O  O   . GLN A 1 89  ? -6.442  -6.561  -15.472 1.00 29.04 ? 87  GLN A O   1 
ATOM   669 C  CB  . GLN A 1 89  ? -7.427  -5.302  -12.812 1.00 30.41 ? 87  GLN A CB  1 
ATOM   670 C  CG  . GLN A 1 89  ? -7.225  -4.469  -11.533 1.00 31.95 ? 87  GLN A CG  1 
ATOM   671 C  CD  . GLN A 1 89  ? -7.591  -5.194  -10.233 1.00 32.70 ? 87  GLN A CD  1 
ATOM   672 O  OE1 . GLN A 1 89  ? -6.718  -5.578  -9.442  1.00 33.95 ? 87  GLN A OE1 1 
ATOM   673 N  NE2 . GLN A 1 89  ? -8.871  -5.382  -10.012 1.00 32.82 ? 87  GLN A NE2 1 
ATOM   674 N  N   . VAL A 1 90  ? -4.600  -5.491  -14.778 1.00 30.00 ? 88  VAL A N   1 
ATOM   675 C  CA  . VAL A 1 90  ? -3.719  -6.401  -15.517 1.00 31.07 ? 88  VAL A CA  1 
ATOM   676 C  C   . VAL A 1 90  ? -3.396  -7.699  -14.786 1.00 32.16 ? 88  VAL A C   1 
ATOM   677 O  O   . VAL A 1 90  ? -2.875  -8.642  -15.380 1.00 33.02 ? 88  VAL A O   1 
ATOM   678 C  CB  . VAL A 1 90  ? -2.442  -5.710  -16.013 1.00 30.08 ? 88  VAL A CB  1 
ATOM   679 C  CG1 . VAL A 1 90  ? -2.794  -4.728  -17.098 1.00 28.69 ? 88  VAL A CG1 1 
ATOM   680 C  CG2 . VAL A 1 90  ? -1.734  -5.012  -14.869 1.00 31.12 ? 88  VAL A CG2 1 
ATOM   681 N  N   . GLU A 1 91  ? -3.754  -7.756  -13.509 1.00 32.49 ? 89  GLU A N   1 
ATOM   682 C  CA  . GLU A 1 91  ? -3.555  -8.946  -12.711 1.00 32.92 ? 89  GLU A CA  1 
ATOM   683 C  C   . GLU A 1 91  ? -4.294  -8.832  -11.390 1.00 32.54 ? 89  GLU A C   1 
ATOM   684 O  O   . GLU A 1 91  ? -4.774  -7.765  -11.021 1.00 32.17 ? 89  GLU A O   1 
ATOM   685 C  CB  . GLU A 1 91  ? -2.088  -9.139  -12.444 1.00 34.37 ? 89  GLU A CB  1 
ATOM   686 C  CG  . GLU A 1 91  ? -1.561  -8.098  -11.482 1.00 35.29 ? 89  GLU A CG  1 
ATOM   687 C  CD  . GLU A 1 91  ? -0.077  -8.020  -11.534 1.00 36.33 ? 89  GLU A CD  1 
ATOM   688 O  OE1 . GLU A 1 91  ? 0.573   -9.088  -11.630 1.00 34.79 ? 89  GLU A OE1 1 
ATOM   689 O  OE2 . GLU A 1 91  ? 0.430   -6.877  -11.516 1.00 37.42 ? 89  GLU A OE2 1 
ATOM   690 N  N   . ASN A 1 92  ? -4.425  -9.959  -10.706 1.00 32.07 ? 90  ASN A N   1 
ATOM   691 C  CA  . ASN A 1 92  ? -5.104  -9.981  -9.428  1.00 31.93 ? 90  ASN A CA  1 
ATOM   692 C  C   . ASN A 1 92  ? -4.427  -9.047  -8.446  1.00 31.61 ? 90  ASN A C   1 
ATOM   693 O  O   . ASN A 1 92  ? -3.222  -8.845  -8.501  1.00 31.42 ? 90  ASN A O   1 
ATOM   694 C  CB  . ASN A 1 92  ? -5.090  -11.400 -8.840  1.00 32.13 ? 90  ASN A CB  1 
ATOM   695 C  CG  . ASN A 1 92  ? -5.935  -12.349 -9.625  1.00 32.77 ? 90  ASN A CG  1 
ATOM   696 O  OD1 . ASN A 1 92  ? -5.588  -13.503 -9.807  1.00 33.91 ? 90  ASN A OD1 1 
ATOM   697 N  ND2 . ASN A 1 92  ? -7.053  -11.873 -10.092 1.00 32.79 ? 90  ASN A ND2 1 
ATOM   698 N  N   . PRO A 1 93  ? -5.199  -8.468  -7.532  1.00 31.96 ? 91  PRO A N   1 
ATOM   699 C  CA  . PRO A 1 93  ? -4.637  -7.560  -6.531  1.00 31.82 ? 91  PRO A CA  1 
ATOM   700 C  C   . PRO A 1 93  ? -3.782  -8.327  -5.507  1.00 30.90 ? 91  PRO A C   1 
ATOM   701 O  O   . PRO A 1 93  ? -4.049  -9.492  -5.183  1.00 31.37 ? 91  PRO A O   1 
ATOM   702 C  CB  . PRO A 1 93  ? -5.885  -6.954  -5.890  1.00 32.17 ? 91  PRO A CB  1 
ATOM   703 C  CG  . PRO A 1 93  ? -6.875  -8.018  -6.019  1.00 32.45 ? 91  PRO A CG  1 
ATOM   704 C  CD  . PRO A 1 93  ? -6.661  -8.519  -7.418  1.00 32.49 ? 91  PRO A CD  1 
ATOM   705 N  N   . ILE A 1 94  ? -2.747  -7.666  -5.014  1.00 29.70 ? 92  ILE A N   1 
ATOM   706 C  CA  . ILE A 1 94  ? -1.873  -8.285  -4.029  1.00 27.23 ? 92  ILE A CA  1 
ATOM   707 C  C   . ILE A 1 94  ? -2.323  -7.836  -2.636  1.00 26.39 ? 92  ILE A C   1 
ATOM   708 O  O   . ILE A 1 94  ? -2.636  -6.667  -2.419  1.00 25.74 ? 92  ILE A O   1 
ATOM   709 C  CB  . ILE A 1 94  ? -0.390  -7.901  -4.295  1.00 27.55 ? 92  ILE A CB  1 
ATOM   710 C  CG1 . ILE A 1 94  ? 0.545   -8.798  -3.477  1.00 27.27 ? 92  ILE A CG1 1 
ATOM   711 C  CG2 . ILE A 1 94  ? -0.139  -6.407  -3.989  1.00 26.42 ? 92  ILE A CG2 1 
ATOM   712 C  CD1 . ILE A 1 94  ? 0.665   -10.229 -4.043  1.00 28.57 ? 92  ILE A CD1 1 
ATOM   713 N  N   . ASP A 1 95  ? -2.514  -8.782  -1.728  1.00 25.39 ? 93  ASP A N   1 
ATOM   714 C  CA  . ASP A 1 95  ? -2.895  -8.422  -0.383  1.00 24.86 ? 93  ASP A CA  1 
ATOM   715 C  C   . ASP A 1 95  ? -1.642  -7.914  0.331   1.00 24.74 ? 93  ASP A C   1 
ATOM   716 O  O   . ASP A 1 95  ? -0.550  -8.460  0.136   1.00 25.22 ? 93  ASP A O   1 
ATOM   717 C  CB  . ASP A 1 95  ? -3.456  -9.626  0.329   1.00 26.25 ? 93  ASP A CB  1 
ATOM   718 C  CG  . ASP A 1 95  ? -4.769  -10.048 -0.232  1.00 28.47 ? 93  ASP A CG  1 
ATOM   719 O  OD1 . ASP A 1 95  ? -5.779  -9.494  0.242   1.00 27.57 ? 93  ASP A OD1 1 
ATOM   720 O  OD2 . ASP A 1 95  ? -4.800  -10.912 -1.159  1.00 30.47 ? 93  ASP A OD2 1 
ATOM   721 N  N   . ILE A 1 96  ? -1.809  -6.919  1.192   1.00 23.69 ? 94  ILE A N   1 
ATOM   722 C  CA  . ILE A 1 96  ? -0.710  -6.333  1.932   1.00 21.64 ? 94  ILE A CA  1 
ATOM   723 C  C   . ILE A 1 96  ? -1.120  -6.298  3.388   1.00 21.66 ? 94  ILE A C   1 
ATOM   724 O  O   . ILE A 1 96  ? -2.165  -5.756  3.752   1.00 20.91 ? 94  ILE A O   1 
ATOM   725 C  CB  . ILE A 1 96  ? -0.456  -4.915  1.499   1.00 22.50 ? 94  ILE A CB  1 
ATOM   726 C  CG1 . ILE A 1 96  ? -0.266  -4.833  -0.009  1.00 21.11 ? 94  ILE A CG1 1 
ATOM   727 C  CG2 . ILE A 1 96  ? 0.765   -4.341  2.199   1.00 23.51 ? 94  ILE A CG2 1 
ATOM   728 C  CD1 . ILE A 1 96  ? -0.080  -3.403  -0.476  1.00 22.29 ? 94  ILE A CD1 1 
ATOM   729 N  N   . VAL A 1 97  ? -0.278  -6.881  4.230   1.00 19.23 ? 95  VAL A N   1 
ATOM   730 C  CA  . VAL A 1 97  ? -0.536  -6.914  5.654   1.00 18.08 ? 95  VAL A CA  1 
ATOM   731 C  C   . VAL A 1 97  ? 0.538   -6.088  6.334   1.00 17.58 ? 95  VAL A C   1 
ATOM   732 O  O   . VAL A 1 97  ? 1.730   -6.224  6.022   1.00 15.70 ? 95  VAL A O   1 
ATOM   733 C  CB  . VAL A 1 97  ? -0.522  -8.357  6.165   1.00 16.68 ? 95  VAL A CB  1 
ATOM   734 C  CG1 . VAL A 1 97  ? -0.859  -8.379  7.609   1.00 17.09 ? 95  VAL A CG1 1 
ATOM   735 C  CG2 . VAL A 1 97  ? -1.466  -9.187  5.359   1.00 16.07 ? 95  VAL A CG2 1 
ATOM   736 N  N   . ILE A 1 98  ? 0.086   -5.133  7.145   1.00 17.34 ? 96  ILE A N   1 
ATOM   737 C  CA  . ILE A 1 98  ? 0.953   -4.214  7.879   1.00 17.85 ? 96  ILE A CA  1 
ATOM   738 C  C   . ILE A 1 98  ? 0.653   -4.343  9.350   1.00 18.42 ? 96  ILE A C   1 
ATOM   739 O  O   . ILE A 1 98  ? -0.475  -4.127  9.801   1.00 18.17 ? 96  ILE A O   1 
ATOM   740 C  CB  . ILE A 1 98  ? 0.719   -2.741  7.420   1.00 18.41 ? 96  ILE A CB  1 
ATOM   741 C  CG1 . ILE A 1 98  ? 0.631   -2.713  5.896   1.00 20.43 ? 96  ILE A CG1 1 
ATOM   742 C  CG2 . ILE A 1 98  ? 1.776   -1.811  7.965   1.00 20.90 ? 96  ILE A CG2 1 
ATOM   743 C  CD1 . ILE A 1 98  ? 0.531   -1.367  5.278   1.00 21.14 ? 96  ILE A CD1 1 
ATOM   744 N  N   . ASN A 1 99  ? 1.657   -4.774  10.097  1.00 19.51 ? 97  ASN A N   1 
ATOM   745 C  CA  . ASN A 1 99  ? 1.536   -4.926  11.536  1.00 20.48 ? 97  ASN A CA  1 
ATOM   746 C  C   . ASN A 1 99  ? 2.205   -3.705  12.149  1.00 20.95 ? 97  ASN A C   1 
ATOM   747 O  O   . ASN A 1 99  ? 3.255   -3.257  11.679  1.00 21.56 ? 97  ASN A O   1 
ATOM   748 C  CB  . ASN A 1 99  ? 2.232   -6.199  12.005  1.00 21.89 ? 97  ASN A CB  1 
ATOM   749 C  CG  . ASN A 1 99  ? 1.627   -7.449  11.407  1.00 22.44 ? 97  ASN A CG  1 
ATOM   750 O  OD1 . ASN A 1 99  ? 0.451   -7.743  11.611  1.00 25.12 ? 97  ASN A OD1 1 
ATOM   751 N  ND2 . ASN A 1 99  ? 2.439   -8.219  10.692  1.00 23.00 ? 97  ASN A ND2 1 
ATOM   752 N  N   . VAL A 1 100 ? 1.551   -3.121  13.150  1.00 21.41 ? 98  VAL A N   1 
ATOM   753 C  CA  . VAL A 1 100 ? 2.063   -1.961  13.853  1.00 21.19 ? 98  VAL A CA  1 
ATOM   754 C  C   . VAL A 1 100 ? 2.712   -2.614  15.092  1.00 21.15 ? 98  VAL A C   1 
ATOM   755 O  O   . VAL A 1 100 ? 2.067   -3.332  15.870  1.00 20.71 ? 98  VAL A O   1 
ATOM   756 C  CB  . VAL A 1 100 ? 0.915   -0.986  14.234  1.00 21.22 ? 98  VAL A CB  1 
ATOM   757 C  CG1 . VAL A 1 100 ? 1.487   0.299   14.814  1.00 21.30 ? 98  VAL A CG1 1 
ATOM   758 C  CG2 . VAL A 1 100 ? 0.074   -0.670  13.007  1.00 20.91 ? 98  VAL A CG2 1 
ATOM   759 N  N   . ILE A 1 101 ? 4.013   -2.407  15.233  1.00 21.75 ? 99  ILE A N   1 
ATOM   760 C  CA  . ILE A 1 101 ? 4.783   -3.042  16.310  1.00 22.90 ? 99  ILE A CA  1 
ATOM   761 C  C   . ILE A 1 101 ? 5.222   -2.003  17.319  1.00 22.47 ? 99  ILE A C   1 
ATOM   762 O  O   . ILE A 1 101 ? 5.336   -0.824  16.959  1.00 22.85 ? 99  ILE A O   1 
ATOM   763 C  CB  . ILE A 1 101 ? 6.011   -3.806  15.699  1.00 23.46 ? 99  ILE A CB  1 
ATOM   764 C  CG1 . ILE A 1 101 ? 6.720   -2.928  14.656  1.00 24.15 ? 99  ILE A CG1 1 
ATOM   765 C  CG2 . ILE A 1 101 ? 5.520   -4.970  14.857  1.00 24.93 ? 99  ILE A CG2 1 
ATOM   766 C  CD1 . ILE A 1 101 ? 8.187   -3.200  14.465  1.00 27.08 ? 99  ILE A CD1 1 
HETATM 767 YB YB  . YB  B 2 .   ? 2.076   2.183   22.020  1.00 33.04 ? 500 YB  A YB  1 
HETATM 768 O  O   . HOH C 3 .   ? -12.210 7.276   7.733   1.00 17.16 ? 501 HOH A O   1 
HETATM 769 O  O   . HOH C 3 .   ? -4.885  1.005   -10.209 1.00 19.09 ? 502 HOH A O   1 
HETATM 770 O  O   . HOH C 3 .   ? -2.108  2.206   14.133  1.00 12.25 ? 503 HOH A O   1 
HETATM 771 O  O   . HOH C 3 .   ? -3.552  6.044   -2.420  1.00 13.87 ? 504 HOH A O   1 
HETATM 772 O  O   . HOH C 3 .   ? -12.376 -0.295  -1.758  1.00 24.83 ? 505 HOH A O   1 
HETATM 773 O  O   . HOH C 3 .   ? 3.736   5.896   10.631  1.00 18.77 ? 506 HOH A O   1 
HETATM 774 O  O   . HOH C 3 .   ? -4.909  5.864   -0.233  1.00 15.12 ? 507 HOH A O   1 
HETATM 775 O  O   . HOH C 3 .   ? -3.257  10.906  7.961   1.00 15.29 ? 508 HOH A O   1 
HETATM 776 O  O   . HOH C 3 .   ? -6.915  -2.633  7.476   1.00 16.72 ? 509 HOH A O   1 
HETATM 777 O  O   . HOH C 3 .   ? 1.164   13.498  9.558   1.00 37.05 ? 510 HOH A O   1 
HETATM 778 O  O   . HOH C 3 .   ? -0.006  -11.226 -0.869  1.00 27.84 ? 511 HOH A O   1 
HETATM 779 O  O   . HOH C 3 .   ? -7.058  -2.245  10.085  1.00 15.79 ? 512 HOH A O   1 
HETATM 780 O  O   . HOH C 3 .   ? -10.220 1.427   -11.807 1.00 22.71 ? 513 HOH A O   1 
HETATM 781 O  O   . HOH C 3 .   ? 7.210   7.609   -5.838  1.00 25.98 ? 514 HOH A O   1 
HETATM 782 O  O   . HOH C 3 .   ? -13.497 0.393   7.526   1.00 24.55 ? 515 HOH A O   1 
HETATM 783 O  O   . HOH C 3 .   ? -4.190  11.047  4.080   1.00 14.64 ? 516 HOH A O   1 
HETATM 784 O  O   . HOH C 3 .   ? 2.265   -7.962  3.080   1.00 22.71 ? 517 HOH A O   1 
HETATM 785 O  O   . HOH C 3 .   ? -8.196  -5.061  1.947   1.00 21.80 ? 518 HOH A O   1 
HETATM 786 O  O   . HOH C 3 .   ? 1.313   13.203  5.507   1.00 32.15 ? 519 HOH A O   1 
HETATM 787 O  O   . HOH C 3 .   ? -2.841  5.459   -6.202  1.00 38.56 ? 520 HOH A O   1 
HETATM 788 O  O   . HOH C 3 .   ? 0.897   5.440   -15.742 1.00 40.11 ? 521 HOH A O   1 
HETATM 789 O  O   . HOH C 3 .   ? 7.336   3.163   11.539  1.00 29.23 ? 522 HOH A O   1 
HETATM 790 O  O   . HOH C 3 .   ? 0.866   3.885   -22.031 1.00 45.37 ? 523 HOH A O   1 
HETATM 791 O  O   . HOH C 3 .   ? -7.757  8.952   8.375   1.00 25.01 ? 524 HOH A O   1 
HETATM 792 O  O   . HOH C 3 .   ? 0.667   3.879   21.483  1.00 22.87 ? 525 HOH A O   1 
HETATM 793 O  O   . HOH C 3 .   ? -7.156  4.596   -1.373  1.00 14.70 ? 526 HOH A O   1 
HETATM 794 O  O   . HOH C 3 .   ? 0.952   -5.929  15.807  1.00 35.30 ? 527 HOH A O   1 
HETATM 795 O  O   . HOH C 3 .   ? -5.669  -11.990 -5.028  1.00 40.30 ? 528 HOH A O   1 
HETATM 796 O  O   . HOH C 3 .   ? 4.783   -8.677  13.782  1.00 29.91 ? 529 HOH A O   1 
HETATM 797 O  O   . HOH C 3 .   ? -10.349 3.886   -22.373 1.00 24.20 ? 530 HOH A O   1 
HETATM 798 O  O   . HOH C 3 .   ? 4.314   5.067   13.138  1.00 25.44 ? 531 HOH A O   1 
HETATM 799 O  O   . HOH C 3 .   ? -9.224  -3.970  -0.245  1.00 24.68 ? 532 HOH A O   1 
HETATM 800 O  O   . HOH C 3 .   ? -8.915  -2.259  -10.377 1.00 24.21 ? 533 HOH A O   1 
HETATM 801 O  O   . HOH C 3 .   ? 4.366   6.918   -1.911  1.00 25.11 ? 534 HOH A O   1 
HETATM 802 O  O   . HOH C 3 .   ? -8.501  0.572   -7.045  1.00 23.94 ? 535 HOH A O   1 
HETATM 803 O  O   . HOH C 3 .   ? -10.739 9.541   9.242   1.00 34.53 ? 536 HOH A O   1 
HETATM 804 O  O   . HOH C 3 .   ? -8.214  -8.094  -11.664 1.00 37.14 ? 537 HOH A O   1 
HETATM 805 O  O   . HOH C 3 .   ? -5.681  6.305   -19.415 1.00 26.69 ? 538 HOH A O   1 
HETATM 806 O  O   . HOH C 3 .   ? 6.365   4.063   22.922  1.00 66.78 ? 539 HOH A O   1 
HETATM 807 O  O   . HOH C 3 .   ? -9.025  -4.465  8.021   1.00 25.47 ? 540 HOH A O   1 
HETATM 808 O  O   . HOH C 3 .   ? 11.365  6.107   4.412   1.00 41.29 ? 541 HOH A O   1 
HETATM 809 O  O   . HOH C 3 .   ? 6.103   4.254   9.423   1.00 34.40 ? 542 HOH A O   1 
HETATM 810 O  O   . HOH C 3 .   ? -10.711 -4.176  -14.360 1.00 21.68 ? 543 HOH A O   1 
HETATM 811 O  O   . HOH C 3 .   ? 3.053   15.509  8.496   1.00 23.62 ? 544 HOH A O   1 
HETATM 812 O  O   . HOH C 3 .   ? -8.507  -1.596  16.130  1.00 29.18 ? 545 HOH A O   1 
HETATM 813 O  O   . HOH C 3 .   ? 9.787   7.480   17.270  1.00 44.56 ? 546 HOH A O   1 
HETATM 814 O  O   . HOH C 3 .   ? -6.723  -7.950  2.056   1.00 34.33 ? 547 HOH A O   1 
HETATM 815 O  O   . HOH C 3 .   ? -9.216  -1.087  11.110  1.00 28.09 ? 548 HOH A O   1 
HETATM 816 O  O   . HOH C 3 .   ? 9.822   12.486  3.989   1.00 49.83 ? 549 HOH A O   1 
HETATM 817 O  O   . HOH C 3 .   ? -1.708  0.313   -20.677 1.00 38.35 ? 550 HOH A O   1 
HETATM 818 O  O   . HOH C 3 .   ? -6.907  4.393   -24.195 1.00 28.06 ? 551 HOH A O   1 
HETATM 819 O  O   . HOH C 3 .   ? -14.472 3.303   -0.472  1.00 25.98 ? 552 HOH A O   1 
HETATM 820 O  O   . HOH C 3 .   ? -6.823  -2.398  -22.424 1.00 31.58 ? 553 HOH A O   1 
HETATM 821 O  O   . HOH C 3 .   ? -12.237 -3.882  3.192   1.00 36.15 ? 554 HOH A O   1 
HETATM 822 O  O   . HOH C 3 .   ? -5.891  10.724  7.773   1.00 36.60 ? 555 HOH A O   1 
HETATM 823 O  O   . HOH C 3 .   ? -6.142  -3.332  16.937  1.00 25.41 ? 556 HOH A O   1 
HETATM 824 O  O   . HOH C 3 .   ? -14.020 7.736   5.647   1.00 33.99 ? 557 HOH A O   1 
HETATM 825 O  O   . HOH C 3 .   ? 3.345   9.031   17.659  1.00 50.84 ? 558 HOH A O   1 
HETATM 826 O  O   . HOH C 3 .   ? 1.450   -11.013 9.471   1.00 46.87 ? 559 HOH A O   1 
HETATM 827 O  O   . HOH C 3 .   ? -3.046  12.662  11.629  1.00 46.36 ? 560 HOH A O   1 
HETATM 828 O  O   . HOH C 3 .   ? -8.151  7.976   1.118   1.00 25.96 ? 561 HOH A O   1 
HETATM 829 O  O   . HOH C 3 .   ? 2.477   0.224   21.951  1.00 28.10 ? 562 HOH A O   1 
HETATM 830 O  O   . HOH C 3 .   ? -3.797  3.380   -16.181 1.00 48.32 ? 563 HOH A O   1 
HETATM 831 O  O   . HOH C 3 .   ? -10.677 -1.560  -22.204 1.00 34.06 ? 564 HOH A O   1 
HETATM 832 O  O   . HOH C 3 .   ? -14.794 0.706   -1.286  1.00 26.04 ? 565 HOH A O   1 
HETATM 833 O  O   . HOH C 3 .   ? 10.893  -1.334  -1.612  1.00 26.47 ? 566 HOH A O   1 
HETATM 834 O  O   . HOH C 3 .   ? -10.129 -5.769  3.589   1.00 48.04 ? 567 HOH A O   1 
HETATM 835 O  O   . HOH C 3 .   ? -10.075 -5.719  6.127   1.00 25.44 ? 568 HOH A O   1 
HETATM 836 O  O   . HOH C 3 .   ? 6.227   0.719   -19.663 1.00 51.78 ? 569 HOH A O   1 
HETATM 837 O  O   . HOH C 3 .   ? 11.609  -0.146  0.601   1.00 43.01 ? 570 HOH A O   1 
HETATM 838 O  O   . HOH C 3 .   ? 5.439   9.769   0.249   1.00 30.58 ? 571 HOH A O   1 
HETATM 839 O  O   . HOH C 3 .   ? 0.980   6.087   20.086  1.00 62.39 ? 572 HOH A O   1 
HETATM 840 O  O   . HOH C 3 .   ? -8.109  0.321   -10.003 1.00 23.68 ? 573 HOH A O   1 
HETATM 841 O  O   . HOH C 3 .   ? 12.031  -1.678  -4.350  1.00 48.96 ? 574 HOH A O   1 
HETATM 842 O  O   . HOH C 3 .   ? -4.638  -7.873  3.628   1.00 50.52 ? 575 HOH A O   1 
HETATM 843 O  O   . HOH C 3 .   ? -1.794  3.384   -17.974 1.00 71.13 ? 576 HOH A O   1 
HETATM 844 O  O   . HOH C 3 .   ? 10.197  8.665   3.084   1.00 29.97 ? 577 HOH A O   1 
HETATM 845 O  O   . HOH C 3 .   ? -7.835  -11.615 -6.551  1.00 34.30 ? 578 HOH A O   1 
HETATM 846 O  O   . HOH C 3 .   ? 11.525  3.879   2.359   1.00 62.90 ? 579 HOH A O   1 
HETATM 847 O  O   . HOH C 3 .   ? -5.484  -7.058  14.678  1.00 25.11 ? 580 HOH A O   1 
HETATM 848 O  O   . HOH C 3 .   ? 2.421   -8.433  15.034  1.00 46.88 ? 581 HOH A O   1 
HETATM 849 O  O   . HOH C 3 .   ? 1.125   7.526   17.620  1.00 28.76 ? 582 HOH A O   1 
HETATM 850 O  O   . HOH C 3 .   ? -4.052  -11.263 3.058   1.00 34.25 ? 583 HOH A O   1 
HETATM 851 O  O   . HOH C 3 .   ? -2.268  -11.624 -2.205  1.00 29.51 ? 584 HOH A O   1 
HETATM 852 O  O   . HOH C 3 .   ? -8.350  10.750  4.842   1.00 33.48 ? 585 HOH A O   1 
HETATM 853 O  O   . HOH C 3 .   ? -10.813 7.896   11.382  1.00 22.61 ? 586 HOH A O   1 
HETATM 854 O  O   . HOH C 3 .   ? 3.903   1.838   -13.944 1.00 55.23 ? 587 HOH A O   1 
HETATM 855 O  O   . HOH C 3 .   ? 4.629   -1.758  21.681  1.00 23.89 ? 588 HOH A O   1 
HETATM 856 O  O   . HOH C 3 .   ? 8.797   4.091   15.650  1.00 32.12 ? 589 HOH A O   1 
HETATM 857 O  O   . HOH C 3 .   ? -2.649  13.096  4.585   1.00 40.40 ? 590 HOH A O   1 
HETATM 858 O  O   . HOH C 3 .   ? -6.024  -4.284  14.176  1.00 32.42 ? 591 HOH A O   1 
HETATM 859 O  O   . HOH C 3 .   ? -2.345  -15.939 -1.996  1.00 42.04 ? 592 HOH A O   1 
HETATM 860 O  O   . HOH C 3 .   ? -4.879  7.591   -21.545 1.00 46.42 ? 593 HOH A O   1 
HETATM 861 O  O   . HOH C 3 .   ? -11.068 -3.171  9.509   1.00 50.90 ? 594 HOH A O   1 
HETATM 862 O  O   . HOH C 3 .   ? -0.376  10.219  -11.738 1.00 30.96 ? 595 HOH A O   1 
HETATM 863 O  O   . HOH C 3 .   ? -15.582 1.284   8.751   1.00 27.06 ? 596 HOH A O   1 
HETATM 864 O  O   . HOH C 3 .   ? 9.590   6.734   19.842  1.00 55.74 ? 597 HOH A O   1 
HETATM 865 O  O   . HOH C 3 .   ? 0.193   13.605  12.272  1.00 39.19 ? 598 HOH A O   1 
HETATM 866 O  O   . HOH C 3 .   ? -10.782 -12.531 -11.312 1.00 49.59 ? 599 HOH A O   1 
HETATM 867 O  O   . HOH C 3 .   ? 1.998   -12.361 4.511   1.00 47.15 ? 600 HOH A O   1 
HETATM 868 O  O   . HOH C 3 .   ? -14.920 -1.058  4.941   1.00 49.43 ? 601 HOH A O   1 
HETATM 869 O  O   . HOH C 3 .   ? 10.220  6.283   12.047  1.00 55.27 ? 602 HOH A O   1 
HETATM 870 O  O   . HOH C 3 .   ? -14.474 5.311   3.276   1.00 34.95 ? 603 HOH A O   1 
HETATM 871 O  O   . HOH C 3 .   ? 11.102  5.230   6.985   1.00 50.36 ? 604 HOH A O   1 
HETATM 872 O  O   . HOH C 3 .   ? -11.592 0.982   -22.891 1.00 42.87 ? 605 HOH A O   1 
HETATM 873 O  O   . HOH C 3 .   ? -4.627  -14.424 -6.094  1.00 53.30 ? 606 HOH A O   1 
HETATM 874 O  O   . HOH C 3 .   ? 7.635   9.010   18.922  1.00 65.70 ? 607 HOH A O   1 
HETATM 875 O  O   . HOH C 3 .   ? 8.010   15.596  5.421   1.00 60.51 ? 608 HOH A O   1 
HETATM 876 O  O   . HOH C 3 .   ? 11.950  -3.127  0.056   1.00 37.57 ? 609 HOH A O   1 
HETATM 877 O  O   . HOH C 3 .   ? -0.183  -11.019 1.869   1.00 43.03 ? 610 HOH A O   1 
HETATM 878 O  O   . HOH C 3 .   ? 0.354   -1.613  22.186  1.00 48.16 ? 611 HOH A O   1 
HETATM 879 O  O   . HOH C 3 .   ? 9.751   2.816   19.784  1.00 47.83 ? 612 HOH A O   1 
HETATM 880 O  O   . HOH C 3 .   ? 9.496   4.065   12.901  1.00 53.54 ? 613 HOH A O   1 
HETATM 881 O  O   . HOH C 3 .   ? 10.552  7.614   14.159  1.00 43.94 ? 614 HOH A O   1 
HETATM 882 O  O   . HOH C 3 .   ? 11.260  8.343   11.133  1.00 38.20 ? 615 HOH A O   1 
HETATM 883 O  O   . HOH C 3 .   ? 10.235  10.231  5.424   1.00 40.09 ? 616 HOH A O   1 
HETATM 884 O  O   . HOH C 3 .   ? 9.313   3.102   7.240   1.00 31.97 ? 617 HOH A O   1 
HETATM 885 O  O   . HOH C 3 .   ? 8.726   0.947   8.594   1.00 56.40 ? 618 HOH A O   1 
HETATM 886 O  O   . HOH C 3 .   ? 4.691   3.467   -16.205 1.00 47.71 ? 619 HOH A O   1 
HETATM 887 O  O   . HOH C 3 .   ? -11.367 -0.002  10.095  1.00 42.23 ? 620 HOH A O   1 
HETATM 888 O  O   . HOH C 3 .   ? -7.702  -3.950  12.111  1.00 33.11 ? 621 HOH A O   1 
HETATM 889 O  O   . HOH C 3 .   ? -7.242  -7.312  16.661  1.00 54.04 ? 622 HOH A O   1 
HETATM 890 O  O   . HOH C 3 .   ? -14.744 1.983   11.377  1.00 60.78 ? 623 HOH A O   1 
HETATM 891 O  O   . HOH C 3 .   ? -13.979 7.481   1.820   1.00 49.30 ? 624 HOH A O   1 
HETATM 892 O  O   . HOH C 3 .   ? -1.093  8.114   -13.098 1.00 30.77 ? 625 HOH A O   1 
HETATM 893 O  O   . HOH C 3 .   ? 11.868  8.212   6.660   1.00 56.89 ? 626 HOH A O   1 
HETATM 894 O  O   . HOH C 3 .   ? 8.308   9.851   0.216   1.00 53.73 ? 627 HOH A O   1 
HETATM 895 O  O   . HOH C 3 .   ? -10.246 1.867   -25.309 1.00 66.09 ? 628 HOH A O   1 
HETATM 896 O  O   . HOH C 3 .   ? -0.482  12.788  14.611  1.00 34.95 ? 629 HOH A O   1 
HETATM 897 O  O   . HOH C 3 .   ? 2.704   13.968  12.654  1.00 35.69 ? 630 HOH A O   1 
HETATM 898 O  O   . HOH C 3 .   ? -12.678 11.363  11.115  1.00 33.54 ? 631 HOH A O   1 
HETATM 899 O  O   . HOH C 3 .   ? -15.148 10.263  11.200  1.00 36.39 ? 632 HOH A O   1 
HETATM 900 O  O   . HOH C 3 .   ? -3.379  -0.289  -23.553 1.00 70.72 ? 633 HOH A O   1 
HETATM 901 O  O   . HOH C 3 .   ? -9.031  5.531   -25.569 1.00 45.66 ? 634 HOH A O   1 
HETATM 902 O  O   . HOH C 3 .   ? -9.346  -6.799  -7.332  1.00 56.78 ? 635 HOH A O   1 
HETATM 903 O  O   . HOH C 3 .   ? 4.213   -5.373  18.728  1.00 42.00 ? 636 HOH A O   1 
HETATM 904 O  O   . HOH C 3 .   ? -1.876  -14.245 -4.186  1.00 66.09 ? 637 HOH A O   1 
HETATM 905 O  O   . HOH C 3 .   ? -1.861  -15.962 -7.759  1.00 60.96 ? 638 HOH A O   1 
HETATM 906 O  O   . HOH C 3 .   ? -6.090  -14.581 -0.910  1.00 58.83 ? 639 HOH A O   1 
HETATM 907 O  O   . HOH C 3 .   ? -4.788  -13.180 -2.843  1.00 62.55 ? 640 HOH A O   1 
HETATM 908 O  O   . HOH C 3 .   ? 9.177   -1.287  7.104   1.00 47.49 ? 641 HOH A O   1 
HETATM 909 O  O   . HOH C 3 .   ? 13.315  6.836   10.229  1.00 58.13 ? 642 HOH A O   1 
HETATM 910 O  O   . HOH C 3 .   ? 10.511  4.240   9.683   1.00 53.23 ? 643 HOH A O   1 
HETATM 911 O  O   . HOH C 3 .   ? 12.703  9.112   9.015   1.00 46.54 ? 644 HOH A O   1 
HETATM 912 O  O   . HOH C 3 .   ? 5.294   10.247  16.227  1.00 47.78 ? 645 HOH A O   1 
HETATM 913 O  O   . HOH C 3 .   ? 8.583   14.767  11.212  1.00 56.84 ? 646 HOH A O   1 
HETATM 914 O  O   . HOH C 3 .   ? 12.444  9.086   -1.214  1.00 46.93 ? 647 HOH A O   1 
HETATM 915 O  O   . HOH C 3 .   ? 12.131  1.521   -3.611  1.00 46.05 ? 648 HOH A O   1 
HETATM 916 O  O   . HOH C 3 .   ? 14.441  -1.833  -0.694  1.00 41.42 ? 649 HOH A O   1 
HETATM 917 O  O   . HOH C 3 .   ? -2.331  8.199   -21.886 1.00 36.14 ? 650 HOH A O   1 
HETATM 918 O  O   . HOH C 3 .   ? -13.453 9.761   2.882   1.00 36.25 ? 651 HOH A O   1 
HETATM 919 O  O   . HOH C 3 .   ? -16.448 6.649   5.554   1.00 42.26 ? 652 HOH A O   1 
HETATM 920 O  O   . HOH C 3 .   ? -8.294  -9.852  17.695  1.00 42.97 ? 653 HOH A O   1 
HETATM 921 O  O   . HOH C 3 .   ? -4.323  11.463  1.660   1.00 40.18 ? 654 HOH A O   1 
HETATM 922 O  O   . HOH C 3 .   ? -16.641 -0.494  0.443   1.00 51.32 ? 655 HOH A O   1 
HETATM 923 O  O   . HOH C 3 .   ? 6.394   0.812   21.618  1.00 40.17 ? 656 HOH A O   1 
HETATM 924 O  O   . HOH C 3 .   ? 5.650   0.182   24.124  1.00 56.15 ? 657 HOH A O   1 
HETATM 925 O  O   . HOH C 3 .   ? -6.478  -7.622  -17.593 1.00 53.73 ? 658 HOH A O   1 
HETATM 926 O  O   . HOH C 3 .   ? 7.714   -10.686 -15.789 1.00 65.27 ? 659 HOH A O   1 
HETATM 927 O  O   . HOH C 3 .   ? -6.160  -16.073 -4.587  1.00 63.32 ? 660 HOH A O   1 
HETATM 928 O  O   . HOH C 3 .   ? 0.828   -7.648  19.286  1.00 42.94 ? 661 HOH A O   1 
HETATM 929 O  O   . HOH C 3 .   ? 0.108   -12.766 7.943   1.00 50.00 ? 662 HOH A O   1 
HETATM 930 O  O   . HOH C 3 .   ? 3.777   -12.023 10.896  1.00 53.52 ? 663 HOH A O   1 
HETATM 931 O  O   . HOH C 3 .   ? 4.729   -14.956 2.690   1.00 41.30 ? 664 HOH A O   1 
HETATM 932 O  O   . HOH C 3 .   ? 10.361  -3.590  -5.740  1.00 48.71 ? 665 HOH A O   1 
HETATM 933 O  O   . HOH C 3 .   ? 7.320   -15.165 -2.446  1.00 62.03 ? 666 HOH A O   1 
HETATM 934 O  O   . HOH C 3 .   ? 10.335  -7.587  -13.181 1.00 57.43 ? 667 HOH A O   1 
HETATM 935 O  O   . HOH C 3 .   ? 7.836   0.938   19.376  1.00 58.10 ? 668 HOH A O   1 
HETATM 936 O  O   . HOH C 3 .   ? 6.476   15.373  8.174   1.00 77.58 ? 669 HOH A O   1 
HETATM 937 O  O   . HOH C 3 .   ? 6.167   15.765  11.734  1.00 61.20 ? 670 HOH A O   1 
HETATM 938 O  O   . HOH C 3 .   ? 11.464  1.308   4.186   1.00 55.14 ? 671 HOH A O   1 
HETATM 939 O  O   . HOH C 3 .   ? 7.208   12.189  -0.286  1.00 48.66 ? 672 HOH A O   1 
HETATM 940 O  O   . HOH C 3 .   ? -5.844  3.496   -9.646  1.00 59.06 ? 673 HOH A O   1 
HETATM 941 O  O   . HOH C 3 .   ? -4.255  5.360   -8.320  1.00 48.90 ? 674 HOH A O   1 
HETATM 942 O  O   . HOH C 3 .   ? -0.293  9.457   -15.361 1.00 70.40 ? 675 HOH A O   1 
HETATM 943 O  O   . HOH C 3 .   ? -13.011 -6.396  6.756   1.00 46.43 ? 676 HOH A O   1 
HETATM 944 O  O   . HOH C 3 .   ? -6.594  -8.963  12.816  1.00 60.67 ? 677 HOH A O   1 
HETATM 945 O  O   . HOH C 3 .   ? -12.881 5.492   -22.762 1.00 57.78 ? 678 HOH A O   1 
HETATM 946 O  O   . HOH C 3 .   ? 0.440   12.419  2.114   1.00 49.13 ? 679 HOH A O   1 
HETATM 947 O  O   . HOH C 3 .   ? -8.668  -7.377  -19.529 1.00 61.06 ? 680 HOH A O   1 
HETATM 948 O  O   . HOH C 3 .   ? -0.773  16.710  6.231   1.00 51.19 ? 681 HOH A O   1 
HETATM 949 O  O   . HOH C 3 .   ? 6.850   4.518   -14.832 1.00 55.60 ? 682 HOH A O   1 
HETATM 950 O  O   . HOH C 3 .   ? 8.454   6.128   -10.946 1.00 45.95 ? 683 HOH A O   1 
HETATM 951 O  O   . HOH C 3 .   ? -11.549 5.366   -26.879 1.00 53.15 ? 684 HOH A O   1 
HETATM 952 O  O   . HOH C 3 .   ? 4.966   11.049  -8.484  1.00 51.78 ? 685 HOH A O   1 
HETATM 953 O  O   . HOH C 3 .   ? 4.048   12.898  17.044  1.00 51.33 ? 686 HOH A O   1 
HETATM 954 O  O   . HOH C 3 .   ? 5.187   13.485  13.008  1.00 57.57 ? 687 HOH A O   1 
HETATM 955 O  O   . HOH C 3 .   ? 12.190  9.066   16.995  1.00 67.60 ? 688 HOH A O   1 
HETATM 956 O  O   . HOH C 3 .   ? -2.117  -13.041 -0.018  1.00 33.23 ? 689 HOH A O   1 
HETATM 957 O  O   . HOH C 3 .   ? -4.248  -5.420  -9.789  1.00 40.70 ? 690 HOH A O   1 
HETATM 958 O  O   . HOH C 3 .   ? 4.252   3.130   -23.230 1.00 55.71 ? 691 HOH A O   1 
HETATM 959 O  O   . HOH C 3 .   ? -11.549 2.577   -20.616 1.00 46.60 ? 692 HOH A O   1 
HETATM 960 O  O   . HOH C 3 .   ? -8.078  -14.132 -8.191  1.00 72.90 ? 693 HOH A O   1 
HETATM 961 O  O   . HOH C 3 .   ? -9.582  -12.436 -13.968 1.00 57.04 ? 694 HOH A O   1 
HETATM 962 O  O   . HOH C 3 .   ? -7.075  -6.872  11.282  1.00 55.66 ? 695 HOH A O   1 
HETATM 963 O  O   . HOH C 3 .   ? 1.916   16.521  14.336  1.00 47.36 ? 696 HOH A O   1 
HETATM 964 O  O   . HOH C 3 .   ? -1.012  9.187   18.187  1.00 54.44 ? 697 HOH A O   1 
HETATM 965 O  O   . HOH C 3 .   ? 7.505   14.982  0.752   1.00 49.97 ? 698 HOH A O   1 
HETATM 966 O  O   . HOH C 3 .   ? 11.895  -3.240  -8.323  1.00 62.81 ? 699 HOH A O   1 
HETATM 967 O  O   . HOH C 3 .   ? -13.652 -3.901  5.832   1.00 52.04 ? 700 HOH A O   1 
HETATM 968 O  O   . HOH C 3 .   ? -9.386  3.505   -3.434  1.00 49.07 ? 701 HOH A O   1 
HETATM 969 O  O   . HOH C 3 .   ? 6.463   9.677   -12.151 1.00 37.32 ? 702 HOH A O   1 
# 
